data_1ODJ
#
_entry.id   1ODJ
#
_cell.length_a   132.757
_cell.length_b   132.757
_cell.length_c   172.060
_cell.angle_alpha   90.00
_cell.angle_beta   90.00
_cell.angle_gamma   90.00
#
_symmetry.space_group_name_H-M   'P 43 21 2'
#
loop_
_entity.id
_entity.type
_entity.pdbx_description
1 polymer 'PURINE NUCLEOSIDE PHOSPHORYLASE'
2 non-polymer 'SULFATE ION'
3 non-polymer GUANOSINE
4 water water
#
_entity_poly.entity_id   1
_entity_poly.type   'polypeptide(L)'
_entity_poly.pdbx_seq_one_letter_code
;MSPIHVRAHPGDVAERVLLPGDPGRAEWIAKTFLQNPRRYNDHRGLWGYTGLYKGVPVSVQTTGMGTPSAAIVVEELVRL
GARVLVRVGTAGAASSDLAPGELIVAQGAVPLDGTTRQYLEGRPYAPVPDPEVFRALWRRAEALGYPHRVGLVASEDAFY
ATTPEEARAWARYGVLAFEMEASALFLLGRMRGVRTGAILAVSNRIGDPELAPPEVLQEGVRRMVEVALEAVLEV
;
_entity_poly.pdbx_strand_id   A,B,C,D,E,F
#
loop_
_chem_comp.id
_chem_comp.type
_chem_comp.name
_chem_comp.formula
GMP non-polymer GUANOSINE 'C10 H13 N5 O5'
SO4 non-polymer 'SULFATE ION' 'O4 S -2'
#
# COMPACT_ATOMS: atom_id res chain seq x y z
N SER A 2 32.54 12.42 17.28
CA SER A 2 31.46 12.17 18.28
C SER A 2 30.09 12.24 17.59
N PRO A 3 29.14 11.39 18.00
CA PRO A 3 27.82 11.42 17.38
C PRO A 3 27.14 12.77 17.53
N ILE A 4 26.13 12.99 16.70
CA ILE A 4 25.38 14.23 16.69
C ILE A 4 24.45 14.41 17.88
N HIS A 5 23.75 13.35 18.27
CA HIS A 5 22.77 13.46 19.36
C HIS A 5 23.21 12.98 20.73
N VAL A 6 24.06 11.96 20.77
CA VAL A 6 24.59 11.45 22.02
C VAL A 6 26.05 11.90 22.01
N ARG A 7 26.24 13.19 22.24
CA ARG A 7 27.56 13.81 22.26
C ARG A 7 28.46 13.10 23.27
N ALA A 8 28.99 11.94 22.89
CA ALA A 8 29.86 11.18 23.79
C ALA A 8 31.00 10.53 23.05
N HIS A 9 32.02 10.14 23.81
CA HIS A 9 33.17 9.51 23.21
C HIS A 9 33.10 8.01 23.40
N PRO A 10 33.80 7.24 22.54
CA PRO A 10 33.87 5.78 22.54
C PRO A 10 33.78 5.12 23.92
N GLY A 11 34.73 5.45 24.78
CA GLY A 11 34.75 4.88 26.12
C GLY A 11 33.68 5.34 27.09
N ASP A 12 32.84 6.30 26.68
CA ASP A 12 31.78 6.81 27.54
C ASP A 12 30.54 5.89 27.63
N VAL A 13 30.55 4.78 26.93
CA VAL A 13 29.39 3.88 26.94
C VAL A 13 29.80 2.42 27.05
N ALA A 14 29.19 1.69 27.98
CA ALA A 14 29.52 0.29 28.20
C ALA A 14 29.02 -0.60 27.10
N GLU A 15 29.32 -1.89 27.21
CA GLU A 15 28.85 -2.84 26.21
C GLU A 15 27.37 -3.15 26.46
N ARG A 16 26.97 -3.10 27.72
CA ARG A 16 25.59 -3.38 28.11
C ARG A 16 24.89 -2.07 28.46
N VAL A 17 23.72 -1.88 27.85
CA VAL A 17 22.94 -0.66 28.03
C VAL A 17 21.46 -0.86 28.28
N LEU A 18 20.92 -0.11 29.24
CA LEU A 18 19.49 -0.12 29.52
C LEU A 18 18.97 1.13 28.82
N LEU A 19 17.83 1.01 28.15
CA LEU A 19 17.25 2.13 27.42
C LEU A 19 15.89 2.53 27.96
N PRO A 20 15.86 3.48 28.90
CA PRO A 20 14.57 3.91 29.45
C PRO A 20 14.12 5.07 28.54
N GLY A 21 12.81 5.22 28.35
CA GLY A 21 12.33 6.31 27.50
C GLY A 21 12.39 7.70 28.13
N ASP A 22 12.08 7.77 29.43
CA ASP A 22 12.07 9.02 30.20
C ASP A 22 13.40 9.23 30.94
N PRO A 23 14.08 10.36 30.67
CA PRO A 23 15.35 10.69 31.31
C PRO A 23 15.32 10.68 32.84
N GLY A 24 14.16 10.94 33.41
CA GLY A 24 14.04 10.93 34.86
C GLY A 24 14.22 9.54 35.45
N ARG A 25 13.81 8.52 34.71
CA ARG A 25 13.96 7.15 35.18
C ARG A 25 15.39 6.72 34.92
N ALA A 26 16.01 7.31 33.90
CA ALA A 26 17.37 6.98 33.56
C ALA A 26 18.18 7.38 34.78
N GLU A 27 18.03 8.65 35.15
CA GLU A 27 18.71 9.21 36.31
C GLU A 27 18.37 8.43 37.56
N TRP A 28 17.10 8.10 37.72
CA TRP A 28 16.71 7.35 38.90
C TRP A 28 17.46 6.00 38.90
N ILE A 29 17.43 5.31 37.77
CA ILE A 29 18.13 4.04 37.64
C ILE A 29 19.61 4.23 38.01
N ALA A 30 20.29 5.13 37.32
CA ALA A 30 21.70 5.39 37.58
C ALA A 30 21.99 5.50 39.06
N LYS A 31 21.22 6.32 39.77
CA LYS A 31 21.43 6.52 41.21
C LYS A 31 21.00 5.36 42.06
N THR A 32 19.81 4.86 41.80
CA THR A 32 19.26 3.74 42.57
C THR A 32 19.98 2.41 42.37
N PHE A 33 20.59 2.18 41.22
CA PHE A 33 21.24 0.89 40.98
C PHE A 33 22.73 0.91 40.65
N LEU A 34 23.17 1.86 39.82
CA LEU A 34 24.56 1.91 39.42
C LEU A 34 25.53 2.43 40.49
N GLN A 35 26.72 1.84 40.54
CA GLN A 35 27.74 2.28 41.48
C GLN A 35 28.65 3.26 40.75
N ASN A 36 28.96 4.38 41.39
CA ASN A 36 29.84 5.38 40.77
C ASN A 36 29.38 5.69 39.33
N PRO A 37 28.10 6.01 39.16
CA PRO A 37 27.56 6.33 37.82
C PRO A 37 27.98 7.72 37.41
N ARG A 38 28.21 7.91 36.11
CA ARG A 38 28.62 9.22 35.60
C ARG A 38 27.81 9.57 34.37
N ARG A 39 27.26 10.79 34.33
CA ARG A 39 26.46 11.22 33.19
C ARG A 39 27.38 11.66 32.07
N TYR A 40 27.35 10.93 30.95
CA TYR A 40 28.22 11.26 29.84
C TYR A 40 27.58 12.11 28.76
N ASN A 41 26.31 12.44 28.94
CA ASN A 41 25.63 13.22 27.93
C ASN A 41 24.28 13.67 28.43
N ASP A 42 23.87 14.85 28.03
CA ASP A 42 22.58 15.39 28.41
C ASP A 42 22.10 16.30 27.31
N HIS A 43 22.68 16.10 26.12
CA HIS A 43 22.31 16.90 24.96
C HIS A 43 20.91 16.49 24.52
N ARG A 44 20.10 17.48 24.16
CA ARG A 44 18.73 17.27 23.73
C ARG A 44 17.95 16.51 24.80
N GLY A 45 18.46 16.56 26.03
CA GLY A 45 17.80 15.88 27.14
C GLY A 45 17.96 14.37 27.13
N LEU A 46 18.86 13.87 26.31
CA LEU A 46 19.09 12.43 26.24
C LEU A 46 20.05 11.93 27.35
N TRP A 47 19.73 12.28 28.60
CA TRP A 47 20.56 11.87 29.74
C TRP A 47 21.08 10.43 29.61
N GLY A 48 22.41 10.30 29.71
CA GLY A 48 23.05 9.01 29.60
C GLY A 48 24.07 8.89 30.71
N TYR A 49 23.97 7.80 31.47
CA TYR A 49 24.86 7.53 32.58
C TYR A 49 25.49 6.17 32.41
N THR A 50 26.71 6.04 32.88
CA THR A 50 27.40 4.77 32.83
C THR A 50 28.00 4.59 34.21
N GLY A 51 28.01 3.36 34.69
CA GLY A 51 28.54 3.04 36.01
C GLY A 51 28.76 1.55 36.12
N LEU A 52 28.77 1.02 37.34
CA LEU A 52 28.96 -0.40 37.51
C LEU A 52 27.77 -1.04 38.23
N TYR A 53 27.42 -2.25 37.84
CA TYR A 53 26.36 -2.98 38.52
C TYR A 53 27.04 -4.27 38.88
N LYS A 54 27.11 -4.54 40.17
CA LYS A 54 27.76 -5.74 40.67
C LYS A 54 29.10 -5.96 39.99
N GLY A 55 29.85 -4.87 39.87
CA GLY A 55 31.19 -4.94 39.30
C GLY A 55 31.31 -4.84 37.80
N VAL A 56 30.19 -4.96 37.10
CA VAL A 56 30.19 -4.89 35.64
C VAL A 56 29.69 -3.52 35.20
N PRO A 57 30.24 -3.00 34.11
CA PRO A 57 29.77 -1.69 33.69
C PRO A 57 28.47 -1.80 32.94
N VAL A 58 27.58 -0.84 33.17
CA VAL A 58 26.30 -0.80 32.51
C VAL A 58 25.98 0.66 32.26
N SER A 59 25.31 0.92 31.15
CA SER A 59 24.92 2.27 30.81
C SER A 59 23.40 2.35 30.81
N VAL A 60 22.88 3.52 31.14
CA VAL A 60 21.45 3.77 31.15
C VAL A 60 21.30 4.98 30.27
N GLN A 61 20.74 4.78 29.09
CA GLN A 61 20.59 5.85 28.10
C GLN A 61 19.15 6.18 27.76
N THR A 62 18.84 7.48 27.79
CA THR A 62 17.51 7.96 27.44
C THR A 62 17.34 7.91 25.92
N THR A 63 16.21 7.34 25.49
CA THR A 63 15.93 7.21 24.06
C THR A 63 14.97 8.29 23.56
N GLY A 64 14.02 8.69 24.40
CA GLY A 64 13.06 9.70 24.02
C GLY A 64 11.79 8.95 23.66
N MET A 65 10.72 9.65 23.31
CA MET A 65 9.47 8.98 22.94
C MET A 65 9.36 8.81 21.43
N GLY A 66 9.10 7.58 20.98
CA GLY A 66 8.98 7.32 19.56
C GLY A 66 10.16 6.61 18.92
N THR A 67 9.86 5.76 17.94
CA THR A 67 10.89 5.03 17.23
C THR A 67 11.89 5.94 16.51
N PRO A 68 11.45 7.10 15.99
CA PRO A 68 12.43 7.97 15.31
C PRO A 68 13.55 8.38 16.26
N SER A 69 13.15 8.85 17.43
CA SER A 69 14.07 9.29 18.46
C SER A 69 14.88 8.09 18.94
N ALA A 70 14.18 7.02 19.30
CA ALA A 70 14.79 5.79 19.79
C ALA A 70 15.78 5.26 18.76
N ALA A 71 15.41 5.33 17.48
CA ALA A 71 16.29 4.85 16.41
C ALA A 71 17.59 5.65 16.38
N ILE A 72 17.47 6.97 16.44
CA ILE A 72 18.66 7.81 16.45
C ILE A 72 19.56 7.37 17.62
N VAL A 73 18.99 7.33 18.82
CA VAL A 73 19.73 6.94 19.99
C VAL A 73 20.46 5.62 19.82
N VAL A 74 19.73 4.59 19.44
CA VAL A 74 20.31 3.26 19.26
C VAL A 74 21.45 3.26 18.26
N GLU A 75 21.18 3.84 17.09
CA GLU A 75 22.20 3.90 16.02
C GLU A 75 23.52 4.46 16.55
N GLU A 76 23.46 5.58 17.26
CA GLU A 76 24.67 6.19 17.79
C GLU A 76 25.32 5.36 18.91
N LEU A 77 24.49 4.71 19.72
CA LEU A 77 24.99 3.87 20.81
C LEU A 77 25.83 2.72 20.28
N VAL A 78 25.36 2.11 19.19
CA VAL A 78 26.08 1.02 18.56
C VAL A 78 27.34 1.60 18.02
N ARG A 79 27.23 2.79 17.45
CA ARG A 79 28.42 3.47 16.92
C ARG A 79 29.36 3.63 18.11
N LEU A 80 28.81 3.85 19.29
CA LEU A 80 29.62 4.03 20.49
C LEU A 80 30.11 2.76 21.17
N GLY A 81 29.69 1.60 20.66
CA GLY A 81 30.13 0.35 21.24
C GLY A 81 29.07 -0.44 21.97
N ALA A 82 27.81 -0.04 21.86
CA ALA A 82 26.77 -0.80 22.54
C ALA A 82 26.76 -2.19 21.87
N ARG A 83 26.61 -3.24 22.68
CA ARG A 83 26.57 -4.62 22.19
C ARG A 83 25.30 -5.34 22.66
N VAL A 84 24.83 -4.94 23.84
CA VAL A 84 23.62 -5.53 24.43
C VAL A 84 22.73 -4.38 24.92
N LEU A 85 21.63 -4.12 24.23
CA LEU A 85 20.72 -3.06 24.63
C LEU A 85 19.37 -3.63 25.03
N VAL A 86 18.95 -3.27 26.24
CA VAL A 86 17.65 -3.71 26.77
C VAL A 86 16.77 -2.50 27.08
N ARG A 87 15.65 -2.38 26.38
CA ARG A 87 14.73 -1.29 26.60
C ARG A 87 13.98 -1.57 27.89
N VAL A 88 13.96 -0.60 28.80
CA VAL A 88 13.24 -0.75 30.06
C VAL A 88 12.21 0.39 30.08
N GLY A 89 10.98 0.08 29.69
CA GLY A 89 9.96 1.13 29.64
C GLY A 89 8.58 0.74 30.13
N THR A 90 7.61 1.62 29.86
CA THR A 90 6.22 1.40 30.27
C THR A 90 5.34 1.15 29.07
N ALA A 91 4.09 0.75 29.30
CA ALA A 91 3.18 0.48 28.20
C ALA A 91 1.71 0.45 28.60
N GLY A 92 0.84 0.76 27.64
CA GLY A 92 -0.59 0.75 27.90
C GLY A 92 -1.18 -0.60 27.53
N ALA A 93 -1.78 -1.28 28.50
CA ALA A 93 -2.39 -2.60 28.28
C ALA A 93 -3.47 -2.60 27.21
N ALA A 94 -3.49 -3.62 26.36
CA ALA A 94 -4.50 -3.65 25.30
C ALA A 94 -5.70 -4.50 25.68
N SER A 95 -5.74 -4.93 26.93
CA SER A 95 -6.84 -5.76 27.41
C SER A 95 -7.00 -5.55 28.91
N SER A 96 -8.22 -5.74 29.40
CA SER A 96 -8.55 -5.55 30.82
C SER A 96 -7.93 -6.55 31.79
N ASP A 97 -7.30 -7.60 31.25
CA ASP A 97 -6.65 -8.62 32.08
C ASP A 97 -5.27 -8.18 32.57
N LEU A 98 -4.62 -7.33 31.80
CA LEU A 98 -3.28 -6.85 32.15
C LEU A 98 -3.41 -5.61 33.04
N ALA A 99 -3.07 -5.77 34.33
CA ALA A 99 -3.17 -4.69 35.30
C ALA A 99 -1.89 -3.88 35.46
N PRO A 100 -2.01 -2.61 35.87
CA PRO A 100 -0.84 -1.74 36.06
C PRO A 100 0.18 -2.40 36.97
N GLY A 101 1.45 -2.25 36.63
CA GLY A 101 2.50 -2.83 37.43
C GLY A 101 3.03 -4.14 36.88
N GLU A 102 2.16 -4.96 36.30
CA GLU A 102 2.64 -6.22 35.77
C GLU A 102 3.76 -5.96 34.75
N LEU A 103 4.68 -6.92 34.61
CA LEU A 103 5.77 -6.78 33.66
C LEU A 103 5.49 -7.55 32.38
N ILE A 104 6.08 -7.09 31.29
CA ILE A 104 5.96 -7.76 30.00
C ILE A 104 7.33 -7.93 29.36
N VAL A 105 7.69 -9.19 29.10
CA VAL A 105 8.93 -9.49 28.40
C VAL A 105 8.43 -9.59 26.97
N ALA A 106 8.85 -8.64 26.14
CA ALA A 106 8.44 -8.54 24.75
C ALA A 106 9.05 -9.60 23.84
N GLN A 107 8.22 -10.55 23.46
CA GLN A 107 8.61 -11.63 22.55
C GLN A 107 8.79 -11.10 21.15
N GLY A 108 8.12 -9.98 20.86
CA GLY A 108 8.19 -9.36 19.54
C GLY A 108 7.36 -8.08 19.53
N ALA A 109 7.45 -7.31 18.45
CA ALA A 109 6.71 -6.05 18.34
C ALA A 109 6.06 -5.77 17.00
N VAL A 110 4.72 -5.79 16.97
CA VAL A 110 4.00 -5.45 15.73
C VAL A 110 4.49 -4.06 15.35
N PRO A 111 5.06 -3.92 14.13
CA PRO A 111 5.57 -2.63 13.66
C PRO A 111 4.52 -1.68 13.12
N LEU A 112 3.90 -0.90 14.02
CA LEU A 112 2.89 0.07 13.63
C LEU A 112 3.52 1.44 13.48
N ASP A 113 4.83 1.51 13.62
CA ASP A 113 5.58 2.77 13.52
C ASP A 113 6.06 3.02 12.10
N GLY A 114 6.48 4.24 11.80
CA GLY A 114 6.93 4.56 10.46
C GLY A 114 8.45 4.52 10.29
N THR A 115 9.17 4.47 11.41
CA THR A 115 10.63 4.42 11.37
C THR A 115 11.09 3.09 10.76
N THR A 116 10.59 1.98 11.33
CA THR A 116 10.94 0.65 10.85
C THR A 116 10.60 0.54 9.37
N ARG A 117 9.44 1.05 9.02
CA ARG A 117 8.98 1.03 7.65
C ARG A 117 9.94 1.77 6.73
N GLN A 118 10.51 2.88 7.20
CA GLN A 118 11.43 3.63 6.35
C GLN A 118 12.63 2.74 6.10
N TYR A 119 13.13 2.11 7.17
CA TYR A 119 14.27 1.22 7.10
C TYR A 119 13.94 -0.04 6.28
N LEU A 120 12.67 -0.45 6.31
CA LEU A 120 12.27 -1.64 5.58
C LEU A 120 11.75 -1.31 4.20
N GLU A 121 11.84 -0.04 3.82
CA GLU A 121 11.34 0.38 2.52
C GLU A 121 9.99 -0.30 2.29
N GLY A 122 9.17 -0.28 3.34
CA GLY A 122 7.84 -0.85 3.29
C GLY A 122 7.64 -2.35 3.31
N ARG A 123 8.69 -3.12 3.50
CA ARG A 123 8.56 -4.58 3.50
C ARG A 123 7.93 -5.08 4.78
N PRO A 124 7.28 -6.24 4.71
CA PRO A 124 6.68 -6.76 5.93
C PRO A 124 7.85 -7.22 6.79
N TYR A 125 7.60 -7.47 8.08
CA TYR A 125 8.68 -7.87 8.96
C TYR A 125 8.12 -8.35 10.28
N ALA A 126 8.98 -8.92 11.10
CA ALA A 126 8.62 -9.42 12.42
C ALA A 126 9.70 -8.94 13.38
N PRO A 127 9.50 -7.79 14.01
CA PRO A 127 10.50 -7.28 14.96
C PRO A 127 10.55 -8.14 16.20
N VAL A 128 11.63 -8.86 16.38
CA VAL A 128 11.82 -9.73 17.53
C VAL A 128 13.16 -9.42 18.16
N PRO A 129 13.32 -9.69 19.45
CA PRO A 129 14.58 -9.41 20.12
C PRO A 129 15.65 -10.46 19.77
N ASP A 130 16.76 -10.39 20.50
CA ASP A 130 17.84 -11.33 20.32
C ASP A 130 17.35 -12.52 21.15
N PRO A 131 17.34 -13.72 20.56
CA PRO A 131 16.86 -14.87 21.34
C PRO A 131 17.55 -15.07 22.69
N GLU A 132 18.86 -14.85 22.74
CA GLU A 132 19.58 -15.03 23.99
C GLU A 132 19.12 -13.95 25.00
N VAL A 133 19.10 -12.69 24.57
CA VAL A 133 18.65 -11.63 25.47
C VAL A 133 17.22 -11.89 26.00
N PHE A 134 16.30 -12.17 25.07
CA PHE A 134 14.89 -12.44 25.37
C PHE A 134 14.74 -13.50 26.45
N ARG A 135 15.49 -14.58 26.29
CA ARG A 135 15.46 -15.72 27.20
C ARG A 135 16.05 -15.37 28.59
N ALA A 136 17.08 -14.54 28.63
CA ALA A 136 17.66 -14.16 29.91
C ALA A 136 16.64 -13.37 30.69
N LEU A 137 16.00 -12.39 30.04
CA LEU A 137 14.99 -11.59 30.72
C LEU A 137 13.93 -12.54 31.31
N TRP A 138 13.39 -13.41 30.47
CA TRP A 138 12.37 -14.35 30.91
C TRP A 138 12.96 -15.06 32.13
N ARG A 139 14.08 -15.76 31.94
CA ARG A 139 14.72 -16.49 33.01
C ARG A 139 14.88 -15.73 34.35
N ARG A 140 15.47 -14.53 34.30
CA ARG A 140 15.63 -13.76 35.53
C ARG A 140 14.28 -13.41 36.17
N ALA A 141 13.28 -13.10 35.35
CA ALA A 141 11.96 -12.78 35.88
C ALA A 141 11.47 -13.97 36.70
N GLU A 142 11.78 -15.18 36.24
CA GLU A 142 11.38 -16.37 36.96
C GLU A 142 12.29 -16.53 38.18
N ALA A 143 13.57 -16.29 37.99
CA ALA A 143 14.52 -16.42 39.08
C ALA A 143 14.17 -15.47 40.21
N LEU A 144 13.74 -14.26 39.85
CA LEU A 144 13.38 -13.27 40.86
C LEU A 144 11.96 -13.49 41.36
N GLY A 145 11.30 -14.51 40.82
CA GLY A 145 9.95 -14.81 41.26
C GLY A 145 9.01 -13.64 41.09
N TYR A 146 9.31 -12.77 40.14
CA TYR A 146 8.45 -11.63 39.88
C TYR A 146 7.49 -12.09 38.79
N PRO A 147 6.20 -12.00 39.03
CA PRO A 147 5.20 -12.42 38.05
C PRO A 147 5.26 -11.56 36.79
N HIS A 148 4.95 -12.16 35.63
CA HIS A 148 5.01 -11.43 34.37
C HIS A 148 4.21 -12.03 33.22
N ARG A 149 4.27 -11.36 32.08
CA ARG A 149 3.61 -11.84 30.87
C ARG A 149 4.66 -11.87 29.77
N VAL A 150 4.54 -12.85 28.89
CA VAL A 150 5.46 -13.00 27.78
C VAL A 150 4.65 -13.00 26.50
N GLY A 151 4.89 -12.03 25.63
CA GLY A 151 4.17 -12.00 24.37
C GLY A 151 4.47 -10.78 23.53
N LEU A 152 3.54 -10.45 22.64
CA LEU A 152 3.68 -9.32 21.73
C LEU A 152 3.18 -8.00 22.28
N VAL A 153 3.86 -6.94 21.90
CA VAL A 153 3.45 -5.59 22.25
C VAL A 153 3.33 -4.95 20.87
N ALA A 154 2.77 -3.76 20.79
CA ALA A 154 2.67 -3.11 19.49
C ALA A 154 3.33 -1.75 19.58
N SER A 155 4.13 -1.43 18.59
CA SER A 155 4.82 -0.15 18.58
C SER A 155 4.12 0.80 17.63
N GLU A 156 3.49 1.84 18.17
CA GLU A 156 2.82 2.81 17.31
C GLU A 156 3.53 4.16 17.31
N ASP A 157 3.06 5.07 16.46
CA ASP A 157 3.62 6.40 16.31
C ASP A 157 2.75 7.48 16.97
N ALA A 158 1.45 7.37 16.76
CA ALA A 158 0.50 8.34 17.28
C ALA A 158 -0.17 7.86 18.55
N PHE A 159 0.37 8.33 19.68
CA PHE A 159 -0.13 7.99 21.02
C PHE A 159 -1.63 8.22 21.11
N TYR A 160 -2.07 9.42 20.76
CA TYR A 160 -3.48 9.83 20.81
C TYR A 160 -4.34 9.49 19.60
N ALA A 161 -3.96 8.49 18.82
CA ALA A 161 -4.77 8.09 17.66
C ALA A 161 -5.58 6.85 17.99
N THR A 162 -4.95 5.90 18.68
CA THR A 162 -5.60 4.65 19.04
C THR A 162 -6.67 4.87 20.08
N THR A 163 -7.79 4.17 19.95
CA THR A 163 -8.90 4.29 20.89
C THR A 163 -9.06 2.96 21.64
N PRO A 164 -9.80 2.96 22.76
CA PRO A 164 -9.98 1.71 23.50
C PRO A 164 -10.48 0.57 22.61
N GLU A 165 -11.20 0.93 21.55
CA GLU A 165 -11.77 -0.04 20.62
C GLU A 165 -10.75 -0.69 19.69
N GLU A 166 -9.95 0.13 19.02
CA GLU A 166 -8.95 -0.34 18.08
C GLU A 166 -7.85 -1.13 18.78
N ALA A 167 -7.54 -0.74 20.01
CA ALA A 167 -6.50 -1.39 20.78
C ALA A 167 -6.90 -2.81 21.16
N ARG A 168 -8.01 -2.96 21.85
CA ARG A 168 -8.46 -4.30 22.23
C ARG A 168 -8.74 -5.10 20.98
N ALA A 169 -8.92 -4.40 19.86
CA ALA A 169 -9.15 -5.11 18.61
C ALA A 169 -7.87 -5.91 18.36
N TRP A 170 -6.73 -5.23 18.47
CA TRP A 170 -5.42 -5.85 18.27
C TRP A 170 -5.16 -6.95 19.29
N ALA A 171 -5.75 -6.81 20.47
CA ALA A 171 -5.58 -7.82 21.51
C ALA A 171 -5.93 -9.20 20.94
N ARG A 172 -6.96 -9.24 20.10
CA ARG A 172 -7.41 -10.48 19.48
C ARG A 172 -6.41 -11.05 18.49
N TYR A 173 -5.22 -10.47 18.46
CA TYR A 173 -4.16 -10.95 17.57
C TYR A 173 -2.94 -11.27 18.40
N GLY A 174 -3.07 -11.09 19.71
CA GLY A 174 -1.97 -11.38 20.60
C GLY A 174 -1.29 -10.16 21.17
N VAL A 175 -1.74 -8.97 20.78
CA VAL A 175 -1.13 -7.75 21.27
C VAL A 175 -1.49 -7.56 22.72
N LEU A 176 -0.48 -7.64 23.60
CA LEU A 176 -0.68 -7.47 25.03
C LEU A 176 -0.77 -5.97 25.42
N ALA A 177 0.08 -5.15 24.80
CA ALA A 177 0.07 -3.74 25.14
C ALA A 177 0.74 -2.86 24.08
N PHE A 178 0.54 -1.56 24.21
CA PHE A 178 1.09 -0.60 23.27
C PHE A 178 2.21 0.23 23.88
N GLU A 179 3.22 0.50 23.06
CA GLU A 179 4.38 1.31 23.43
C GLU A 179 4.93 2.01 22.18
N MET A 180 6.06 2.72 22.31
CA MET A 180 6.58 3.45 21.17
C MET A 180 8.08 3.38 20.86
N GLU A 181 8.70 2.21 21.06
CA GLU A 181 10.13 2.07 20.76
C GLU A 181 10.60 0.70 20.35
N ALA A 182 10.07 -0.34 20.99
CA ALA A 182 10.46 -1.71 20.72
C ALA A 182 10.77 -2.06 19.24
N SER A 183 9.76 -1.98 18.37
CA SER A 183 9.97 -2.33 16.96
C SER A 183 11.26 -1.83 16.32
N ALA A 184 11.58 -0.56 16.51
CA ALA A 184 12.80 0.01 15.93
C ALA A 184 14.07 -0.61 16.54
N LEU A 185 13.99 -0.89 17.83
CA LEU A 185 15.10 -1.50 18.55
C LEU A 185 15.35 -2.90 17.95
N PHE A 186 14.32 -3.74 17.94
CA PHE A 186 14.44 -5.08 17.39
C PHE A 186 14.95 -5.13 15.96
N LEU A 187 14.43 -4.25 15.09
CA LEU A 187 14.88 -4.22 13.69
C LEU A 187 16.36 -3.89 13.62
N LEU A 188 16.75 -2.78 14.26
CA LEU A 188 18.14 -2.34 14.28
C LEU A 188 19.07 -3.38 14.93
N GLY A 189 18.54 -4.17 15.85
CA GLY A 189 19.36 -5.18 16.49
C GLY A 189 19.89 -6.08 15.40
N ARG A 190 18.99 -6.44 14.49
CA ARG A 190 19.33 -7.31 13.37
C ARG A 190 20.09 -6.57 12.28
N MET A 191 19.75 -5.32 12.01
CA MET A 191 20.45 -4.59 10.96
C MET A 191 21.89 -4.29 11.32
N ARG A 192 22.14 -3.88 12.56
CA ARG A 192 23.51 -3.60 12.95
C ARG A 192 24.26 -4.76 13.61
N GLY A 193 23.56 -5.83 13.97
CA GLY A 193 24.21 -6.99 14.57
C GLY A 193 24.55 -6.92 16.07
N VAL A 194 23.66 -6.32 16.87
CA VAL A 194 23.90 -6.25 18.29
C VAL A 194 22.71 -6.93 18.97
N ARG A 195 22.89 -7.43 20.19
CA ARG A 195 21.80 -8.10 20.91
C ARG A 195 20.87 -7.10 21.60
N THR A 196 19.58 -7.23 21.38
CA THR A 196 18.62 -6.32 21.99
C THR A 196 17.48 -7.08 22.64
N GLY A 197 16.83 -6.44 23.61
CA GLY A 197 15.72 -7.05 24.32
C GLY A 197 14.79 -5.99 24.89
N ALA A 198 13.58 -6.37 25.29
CA ALA A 198 12.66 -5.40 25.84
C ALA A 198 11.74 -5.96 26.92
N ILE A 199 11.64 -5.21 28.02
CA ILE A 199 10.77 -5.58 29.14
C ILE A 199 9.93 -4.34 29.44
N LEU A 200 8.74 -4.53 29.99
CA LEU A 200 7.86 -3.39 30.26
C LEU A 200 6.99 -3.46 31.51
N ALA A 201 6.76 -2.29 32.10
CA ALA A 201 5.94 -2.14 33.28
C ALA A 201 4.62 -1.55 32.80
N VAL A 202 3.54 -2.29 32.95
CA VAL A 202 2.23 -1.78 32.53
C VAL A 202 1.92 -0.53 33.35
N SER A 203 1.59 0.58 32.68
CA SER A 203 1.28 1.81 33.41
C SER A 203 -0.20 2.17 33.42
N ASN A 204 -0.99 1.48 32.61
CA ASN A 204 -2.43 1.74 32.55
C ASN A 204 -3.13 0.93 31.46
N ARG A 205 -4.45 0.91 31.51
CA ARG A 205 -5.25 0.21 30.52
C ARG A 205 -5.69 1.25 29.49
N ILE A 206 -5.60 0.92 28.21
CA ILE A 206 -6.00 1.86 27.16
C ILE A 206 -7.44 2.35 27.34
N GLY A 207 -7.58 3.67 27.45
CA GLY A 207 -8.89 4.28 27.61
C GLY A 207 -8.99 5.22 28.81
N ASP A 208 -7.93 5.25 29.62
CA ASP A 208 -7.89 6.09 30.81
C ASP A 208 -7.12 7.40 30.62
N PRO A 209 -7.67 8.51 31.12
CA PRO A 209 -7.09 9.86 31.03
C PRO A 209 -5.68 10.04 31.61
N GLU A 210 -5.23 9.12 32.46
CA GLU A 210 -3.91 9.21 33.07
C GLU A 210 -3.34 7.81 33.35
N LEU A 211 -2.97 7.55 34.60
CA LEU A 211 -2.41 6.25 35.00
C LEU A 211 -3.08 5.66 36.27
N ALA A 212 -2.46 4.64 36.86
CA ALA A 212 -3.00 3.96 38.06
C ALA A 212 -2.36 4.42 39.39
N PRO A 213 -2.68 3.75 40.52
CA PRO A 213 -2.13 4.10 41.83
C PRO A 213 -0.59 4.07 41.96
N PRO A 214 0.03 5.25 42.05
CA PRO A 214 1.47 5.55 42.16
C PRO A 214 2.45 4.45 42.59
N GLU A 215 2.30 3.96 43.81
CA GLU A 215 3.23 2.93 44.28
C GLU A 215 3.23 1.70 43.40
N VAL A 216 2.06 1.25 42.96
CA VAL A 216 1.96 0.05 42.11
C VAL A 216 2.95 0.08 40.94
N LEU A 217 2.85 1.10 40.09
CA LEU A 217 3.72 1.24 38.93
C LEU A 217 5.21 1.26 39.32
N GLN A 218 5.56 2.09 40.30
CA GLN A 218 6.94 2.19 40.73
C GLN A 218 7.49 0.83 41.11
N GLU A 219 6.77 0.07 41.92
CA GLU A 219 7.28 -1.24 42.28
C GLU A 219 7.46 -2.05 41.01
N GLY A 220 6.65 -1.76 40.00
CA GLY A 220 6.75 -2.46 38.74
C GLY A 220 7.99 -2.06 37.99
N VAL A 221 8.31 -0.78 38.05
CA VAL A 221 9.48 -0.26 37.37
C VAL A 221 10.75 -0.78 38.04
N ARG A 222 10.78 -0.78 39.37
CA ARG A 222 11.94 -1.26 40.10
C ARG A 222 12.27 -2.70 39.76
N ARG A 223 11.24 -3.55 39.71
CA ARG A 223 11.38 -4.97 39.38
C ARG A 223 11.90 -5.08 37.96
N MET A 224 11.27 -4.31 37.06
CA MET A 224 11.66 -4.31 35.66
C MET A 224 13.15 -4.04 35.47
N VAL A 225 13.64 -2.97 36.09
CA VAL A 225 15.04 -2.60 35.98
C VAL A 225 15.94 -3.64 36.61
N GLU A 226 15.46 -4.30 37.66
CA GLU A 226 16.29 -5.34 38.28
C GLU A 226 16.41 -6.50 37.33
N VAL A 227 15.28 -6.93 36.77
CA VAL A 227 15.29 -8.07 35.85
C VAL A 227 16.24 -7.78 34.72
N ALA A 228 16.08 -6.62 34.10
CA ALA A 228 16.92 -6.19 32.99
C ALA A 228 18.40 -6.16 33.37
N LEU A 229 18.72 -5.59 34.54
CA LEU A 229 20.09 -5.53 35.01
C LEU A 229 20.69 -6.93 35.16
N GLU A 230 19.97 -7.82 35.85
CA GLU A 230 20.48 -9.17 36.02
C GLU A 230 20.76 -9.83 34.68
N ALA A 231 19.84 -9.63 33.74
CA ALA A 231 19.92 -10.22 32.42
C ALA A 231 21.13 -9.82 31.58
N VAL A 232 21.37 -8.52 31.43
CA VAL A 232 22.49 -8.06 30.62
C VAL A 232 23.82 -8.62 31.08
N LEU A 233 23.95 -8.96 32.36
CA LEU A 233 25.19 -9.55 32.86
C LEU A 233 25.30 -11.03 32.46
N GLU A 234 24.19 -11.62 32.02
CA GLU A 234 24.15 -13.02 31.62
C GLU A 234 24.43 -13.28 30.15
N VAL A 235 24.40 -12.23 29.34
CA VAL A 235 24.62 -12.37 27.90
C VAL A 235 25.82 -11.57 27.43
N SER B 2 -4.84 17.20 34.47
CA SER B 2 -3.53 17.62 33.87
C SER B 2 -3.00 16.60 32.86
N PRO B 3 -2.57 17.08 31.67
CA PRO B 3 -2.04 16.24 30.60
C PRO B 3 -1.00 15.24 31.09
N ILE B 4 -0.92 14.11 30.39
CA ILE B 4 0.00 13.06 30.74
C ILE B 4 1.49 13.39 30.64
N HIS B 5 1.91 14.01 29.54
CA HIS B 5 3.31 14.32 29.35
C HIS B 5 3.68 15.77 29.68
N VAL B 6 3.15 16.74 28.95
CA VAL B 6 3.45 18.13 29.28
C VAL B 6 2.57 18.45 30.48
N ARG B 7 3.09 18.19 31.67
CA ARG B 7 2.36 18.40 32.92
C ARG B 7 2.22 19.84 33.34
N ALA B 8 1.54 20.62 32.52
CA ALA B 8 1.31 22.03 32.80
C ALA B 8 -0.06 22.11 33.45
N HIS B 9 -0.37 23.27 34.03
CA HIS B 9 -1.65 23.46 34.68
C HIS B 9 -2.56 24.45 33.95
N PRO B 10 -3.83 24.50 34.34
CA PRO B 10 -4.84 25.40 33.74
C PRO B 10 -4.30 26.70 33.18
N GLY B 11 -3.53 27.44 33.97
CA GLY B 11 -3.01 28.70 33.48
C GLY B 11 -1.51 28.82 33.39
N ASP B 12 -0.89 28.08 32.48
CA ASP B 12 0.57 28.17 32.35
C ASP B 12 1.00 28.34 30.89
N VAL B 13 0.21 27.79 29.98
CA VAL B 13 0.52 27.90 28.56
C VAL B 13 -0.21 29.10 27.95
N ALA B 14 0.44 29.76 26.99
CA ALA B 14 -0.13 30.93 26.33
C ALA B 14 -0.67 30.54 24.95
N GLU B 15 -1.47 31.42 24.34
CA GLU B 15 -2.02 31.13 23.03
C GLU B 15 -0.92 31.03 21.99
N ARG B 16 0.07 31.90 22.11
CA ARG B 16 1.18 31.93 21.17
C ARG B 16 2.35 31.11 21.71
N VAL B 17 2.69 30.04 21.01
CA VAL B 17 3.77 29.17 21.47
C VAL B 17 4.77 28.79 20.38
N LEU B 18 6.05 28.79 20.76
CA LEU B 18 7.12 28.40 19.85
C LEU B 18 7.44 26.93 20.21
N LEU B 19 7.71 26.13 19.19
CA LEU B 19 8.00 24.72 19.41
C LEU B 19 9.36 24.29 18.92
N PRO B 20 10.38 24.34 19.81
CA PRO B 20 11.72 23.91 19.40
C PRO B 20 11.78 22.41 19.74
N GLY B 21 12.63 21.66 19.06
CA GLY B 21 12.74 20.24 19.34
C GLY B 21 13.76 19.95 20.43
N ASP B 22 14.83 20.73 20.45
CA ASP B 22 15.90 20.59 21.42
C ASP B 22 15.49 21.30 22.70
N PRO B 23 15.32 20.54 23.81
CA PRO B 23 14.94 21.23 25.03
C PRO B 23 15.95 22.33 25.32
N GLY B 24 17.20 22.08 24.94
CA GLY B 24 18.24 23.06 25.16
C GLY B 24 17.97 24.39 24.51
N ARG B 25 17.49 24.37 23.27
CA ARG B 25 17.19 25.59 22.53
C ARG B 25 16.02 26.31 23.17
N ALA B 26 15.09 25.51 23.69
CA ALA B 26 13.91 26.05 24.34
C ALA B 26 14.32 27.00 25.46
N GLU B 27 15.04 26.45 26.43
CA GLU B 27 15.52 27.19 27.59
C GLU B 27 16.22 28.45 27.16
N TRP B 28 17.04 28.36 26.12
CA TRP B 28 17.80 29.48 25.61
C TRP B 28 16.91 30.59 25.08
N ILE B 29 15.84 30.22 24.40
CA ILE B 29 14.90 31.20 23.87
C ILE B 29 14.20 31.92 25.02
N ALA B 30 13.73 31.13 25.98
CA ALA B 30 13.02 31.65 27.14
C ALA B 30 13.86 32.61 27.98
N LYS B 31 15.18 32.47 27.91
CA LYS B 31 16.07 33.34 28.66
C LYS B 31 16.52 34.54 27.85
N THR B 32 16.83 34.29 26.58
CA THR B 32 17.30 35.32 25.66
C THR B 32 16.21 36.27 25.11
N PHE B 33 14.94 35.85 25.14
CA PHE B 33 13.87 36.68 24.59
C PHE B 33 12.65 36.97 25.47
N LEU B 34 12.37 36.10 26.43
CA LEU B 34 11.19 36.31 27.28
C LEU B 34 11.43 37.02 28.59
N GLN B 35 10.40 37.73 29.05
CA GLN B 35 10.45 38.47 30.30
C GLN B 35 9.74 37.62 31.33
N ASN B 36 10.20 37.68 32.58
CA ASN B 36 9.59 36.91 33.65
C ASN B 36 9.27 35.48 33.19
N PRO B 37 10.26 34.80 32.59
CA PRO B 37 10.11 33.44 32.08
C PRO B 37 9.92 32.45 33.22
N ARG B 38 8.95 31.54 33.05
CA ARG B 38 8.69 30.52 34.06
C ARG B 38 8.61 29.16 33.39
N ARG B 39 9.31 28.18 33.94
CA ARG B 39 9.27 26.82 33.37
C ARG B 39 8.13 26.09 34.06
N TYR B 40 7.08 25.82 33.30
CA TYR B 40 5.92 25.15 33.85
C TYR B 40 6.01 23.62 33.78
N ASN B 41 7.04 23.09 33.12
CA ASN B 41 7.22 21.64 32.99
C ASN B 41 8.60 21.12 32.56
N ASP B 42 9.06 20.07 33.22
CA ASP B 42 10.35 19.46 32.87
C ASP B 42 10.20 17.94 32.79
N HIS B 43 9.01 17.44 33.10
CA HIS B 43 8.75 16.01 33.05
C HIS B 43 9.20 15.49 31.69
N ARG B 44 9.89 14.35 31.70
CA ARG B 44 10.38 13.76 30.46
C ARG B 44 11.32 14.66 29.65
N GLY B 45 11.97 15.60 30.34
CA GLY B 45 12.90 16.51 29.69
C GLY B 45 12.27 17.38 28.62
N LEU B 46 10.95 17.47 28.65
CA LEU B 46 10.20 18.26 27.69
C LEU B 46 9.96 19.63 28.31
N TRP B 47 11.04 20.39 28.45
CA TRP B 47 10.98 21.72 29.05
C TRP B 47 10.09 22.70 28.27
N GLY B 48 9.13 23.25 29.00
CA GLY B 48 8.20 24.21 28.43
C GLY B 48 8.18 25.48 29.26
N TYR B 49 8.52 26.60 28.65
CA TYR B 49 8.56 27.86 29.37
C TYR B 49 7.47 28.83 28.94
N THR B 50 7.15 29.76 29.84
CA THR B 50 6.15 30.76 29.55
C THR B 50 6.60 32.12 30.10
N GLY B 51 6.29 33.18 29.35
CA GLY B 51 6.66 34.52 29.75
C GLY B 51 6.08 35.59 28.83
N LEU B 52 6.62 36.80 28.94
CA LEU B 52 6.13 37.91 28.13
C LEU B 52 7.14 38.37 27.10
N TYR B 53 6.70 38.51 25.87
CA TYR B 53 7.58 39.00 24.82
C TYR B 53 6.96 40.29 24.28
N LYS B 54 7.60 41.42 24.59
CA LYS B 54 7.12 42.71 24.15
C LYS B 54 5.71 42.99 24.65
N GLY B 55 5.44 42.53 25.87
CA GLY B 55 4.14 42.74 26.46
C GLY B 55 3.12 41.69 26.10
N VAL B 56 3.47 40.81 25.17
CA VAL B 56 2.56 39.75 24.77
C VAL B 56 3.01 38.41 25.35
N PRO B 57 2.09 37.66 25.96
CA PRO B 57 2.35 36.34 26.56
C PRO B 57 2.83 35.35 25.50
N VAL B 58 3.98 34.72 25.74
CA VAL B 58 4.55 33.75 24.79
C VAL B 58 5.09 32.51 25.49
N SER B 59 4.85 31.35 24.88
CA SER B 59 5.33 30.09 25.46
C SER B 59 6.32 29.36 24.55
N VAL B 60 7.23 28.62 25.16
CA VAL B 60 8.23 27.85 24.42
C VAL B 60 8.13 26.41 24.93
N GLN B 61 7.71 25.48 24.08
CA GLN B 61 7.58 24.10 24.52
C GLN B 61 8.44 23.11 23.73
N THR B 62 9.27 22.36 24.44
CA THR B 62 10.13 21.36 23.82
C THR B 62 9.26 20.21 23.32
N THR B 63 9.44 19.81 22.06
CA THR B 63 8.65 18.71 21.47
C THR B 63 9.38 17.36 21.46
N GLY B 64 10.71 17.41 21.34
CA GLY B 64 11.50 16.21 21.28
C GLY B 64 11.71 15.95 19.80
N MET B 65 12.42 14.88 19.45
CA MET B 65 12.68 14.55 18.06
C MET B 65 11.68 13.53 17.48
N GLY B 66 11.17 13.82 16.30
CA GLY B 66 10.21 12.92 15.65
C GLY B 66 8.74 13.28 15.87
N THR B 67 7.89 12.99 14.88
CA THR B 67 6.47 13.30 15.01
C THR B 67 5.74 12.57 16.15
N PRO B 68 6.19 11.35 16.50
CA PRO B 68 5.47 10.68 17.60
C PRO B 68 5.55 11.53 18.86
N SER B 69 6.75 11.98 19.18
CA SER B 69 6.95 12.81 20.36
C SER B 69 6.21 14.14 20.22
N ALA B 70 6.41 14.79 19.07
CA ALA B 70 5.81 16.07 18.75
C ALA B 70 4.29 16.09 18.75
N ALA B 71 3.65 15.02 18.28
CA ALA B 71 2.19 14.99 18.25
C ALA B 71 1.63 14.93 19.67
N ILE B 72 2.33 14.24 20.56
CA ILE B 72 1.90 14.16 21.93
C ILE B 72 1.97 15.56 22.54
N VAL B 73 3.08 16.25 22.34
CA VAL B 73 3.25 17.58 22.88
C VAL B 73 2.20 18.54 22.32
N VAL B 74 2.05 18.57 20.99
CA VAL B 74 1.06 19.42 20.35
C VAL B 74 -0.36 19.09 20.85
N GLU B 75 -0.75 17.82 20.78
CA GLU B 75 -2.07 17.42 21.25
C GLU B 75 -2.31 17.96 22.66
N GLU B 76 -1.26 17.98 23.48
CA GLU B 76 -1.42 18.44 24.84
C GLU B 76 -1.34 19.95 25.03
N LEU B 77 -0.61 20.65 24.16
CA LEU B 77 -0.53 22.09 24.28
C LEU B 77 -1.93 22.62 23.99
N VAL B 78 -2.59 22.01 22.99
CA VAL B 78 -3.92 22.41 22.58
C VAL B 78 -4.95 22.33 23.70
N ARG B 79 -5.00 21.19 24.41
CA ARG B 79 -5.95 21.04 25.51
C ARG B 79 -5.52 21.93 26.67
N LEU B 80 -4.34 22.54 26.52
CA LEU B 80 -3.79 23.43 27.55
C LEU B 80 -3.93 24.91 27.22
N GLY B 81 -4.44 25.22 26.03
CA GLY B 81 -4.62 26.61 25.66
C GLY B 81 -3.92 27.06 24.39
N ALA B 82 -2.96 26.29 23.91
CA ALA B 82 -2.23 26.68 22.70
C ALA B 82 -3.21 26.99 21.58
N ARG B 83 -2.93 28.04 20.83
CA ARG B 83 -3.78 28.47 19.71
C ARG B 83 -2.93 28.80 18.49
N VAL B 84 -1.71 29.27 18.74
CA VAL B 84 -0.76 29.59 17.68
C VAL B 84 0.55 28.88 18.01
N LEU B 85 0.83 27.80 17.29
CA LEU B 85 2.04 27.03 17.53
C LEU B 85 2.95 27.08 16.31
N VAL B 86 4.15 27.62 16.51
CA VAL B 86 5.13 27.74 15.44
C VAL B 86 6.41 26.97 15.77
N ARG B 87 6.82 26.12 14.84
CA ARG B 87 8.01 25.31 15.04
C ARG B 87 9.30 26.03 14.68
N VAL B 88 10.19 26.11 15.67
CA VAL B 88 11.51 26.72 15.53
C VAL B 88 12.46 25.51 15.54
N GLY B 89 12.88 25.07 14.36
CA GLY B 89 13.77 23.91 14.29
C GLY B 89 14.92 23.99 13.30
N THR B 90 15.58 22.85 13.14
CA THR B 90 16.72 22.74 12.23
C THR B 90 16.47 21.68 11.16
N ALA B 91 17.25 21.71 10.10
CA ALA B 91 17.03 20.74 9.04
C ALA B 91 18.25 20.52 8.17
N GLY B 92 18.25 19.40 7.47
CA GLY B 92 19.36 19.12 6.57
C GLY B 92 18.91 19.38 5.16
N ALA B 93 19.68 20.17 4.43
CA ALA B 93 19.34 20.52 3.06
C ALA B 93 19.38 19.29 2.16
N ALA B 94 18.37 19.17 1.30
CA ALA B 94 18.28 18.03 0.40
C ALA B 94 19.36 18.09 -0.68
N SER B 95 19.84 19.30 -0.97
CA SER B 95 20.88 19.48 -1.98
C SER B 95 21.88 20.55 -1.56
N SER B 96 22.71 20.97 -2.52
CA SER B 96 23.75 21.96 -2.25
C SER B 96 23.39 23.43 -2.45
N ASP B 97 22.21 23.71 -3.01
CA ASP B 97 21.79 25.09 -3.25
C ASP B 97 21.33 25.79 -1.98
N LEU B 98 21.48 25.12 -0.85
CA LEU B 98 21.10 25.67 0.44
C LEU B 98 22.24 25.47 1.43
N ALA B 99 22.77 26.57 1.94
CA ALA B 99 23.87 26.52 2.89
C ALA B 99 23.42 26.56 4.36
N PRO B 100 24.25 26.01 5.26
CA PRO B 100 23.99 25.96 6.70
C PRO B 100 23.80 27.36 7.24
N GLY B 101 22.74 27.53 8.02
CA GLY B 101 22.45 28.83 8.60
C GLY B 101 21.38 29.57 7.81
N GLU B 102 21.00 29.02 6.67
CA GLU B 102 19.98 29.65 5.85
C GLU B 102 18.62 29.31 6.45
N LEU B 103 17.65 30.20 6.28
CA LEU B 103 16.33 29.97 6.84
C LEU B 103 15.35 29.38 5.86
N ILE B 104 14.48 28.51 6.34
CA ILE B 104 13.46 27.92 5.49
C ILE B 104 12.09 28.11 6.12
N VAL B 105 11.19 28.72 5.36
CA VAL B 105 9.83 28.94 5.84
C VAL B 105 9.04 27.81 5.24
N ALA B 106 8.60 26.86 6.07
CA ALA B 106 7.87 25.72 5.57
C ALA B 106 6.51 26.03 4.93
N GLN B 107 6.47 25.93 3.60
CA GLN B 107 5.24 26.15 2.87
C GLN B 107 4.40 24.89 3.03
N GLY B 108 5.08 23.75 3.11
CA GLY B 108 4.41 22.48 3.29
C GLY B 108 5.40 21.40 3.71
N ALA B 109 4.89 20.23 4.09
CA ALA B 109 5.77 19.16 4.51
C ALA B 109 5.40 17.83 3.86
N VAL B 110 6.37 17.24 3.17
CA VAL B 110 6.18 15.95 2.51
C VAL B 110 6.20 14.93 3.63
N PRO B 111 5.04 14.33 3.96
CA PRO B 111 4.80 13.33 5.00
C PRO B 111 5.43 11.94 4.81
N LEU B 112 6.67 11.80 5.28
CA LEU B 112 7.38 10.52 5.17
C LEU B 112 7.44 9.87 6.56
N ASP B 113 6.52 10.26 7.44
CA ASP B 113 6.47 9.76 8.81
C ASP B 113 5.26 8.85 9.04
N GLY B 114 5.33 8.04 10.08
CA GLY B 114 4.25 7.13 10.38
C GLY B 114 3.18 7.72 11.28
N THR B 115 3.49 8.84 11.91
CA THR B 115 2.56 9.51 12.79
C THR B 115 1.39 10.11 11.98
N THR B 116 1.70 10.86 10.93
CA THR B 116 0.61 11.41 10.15
C THR B 116 -0.08 10.24 9.47
N ARG B 117 0.69 9.19 9.16
CA ARG B 117 0.10 8.04 8.50
C ARG B 117 -0.92 7.34 9.37
N GLN B 118 -0.63 7.27 10.67
CA GLN B 118 -1.56 6.62 11.58
C GLN B 118 -2.81 7.50 11.76
N TYR B 119 -2.62 8.81 11.85
CA TYR B 119 -3.73 9.74 12.01
C TYR B 119 -4.65 9.81 10.78
N LEU B 120 -4.06 9.67 9.60
CA LEU B 120 -4.80 9.73 8.34
C LEU B 120 -5.22 8.36 7.82
N GLU B 121 -5.05 7.33 8.65
CA GLU B 121 -5.41 5.96 8.28
C GLU B 121 -4.92 5.60 6.88
N GLY B 122 -3.70 6.01 6.56
CA GLY B 122 -3.10 5.71 5.26
C GLY B 122 -3.58 6.57 4.10
N ARG B 123 -4.48 7.52 4.36
CA ARG B 123 -4.98 8.39 3.29
C ARG B 123 -3.97 9.46 2.89
N PRO B 124 -3.89 9.76 1.58
CA PRO B 124 -2.96 10.79 1.10
C PRO B 124 -3.37 12.13 1.75
N TYR B 125 -2.41 13.05 1.85
CA TYR B 125 -2.68 14.34 2.46
C TYR B 125 -1.56 15.30 2.12
N ALA B 126 -1.76 16.59 2.38
CA ALA B 126 -0.78 17.62 2.08
C ALA B 126 -0.51 18.50 3.29
N PRO B 127 0.33 18.04 4.22
CA PRO B 127 0.64 18.82 5.43
C PRO B 127 1.13 20.22 5.12
N VAL B 128 0.25 21.19 5.35
CA VAL B 128 0.56 22.59 5.12
C VAL B 128 0.24 23.39 6.37
N PRO B 129 0.95 24.48 6.59
CA PRO B 129 0.69 25.30 7.78
C PRO B 129 -0.61 26.07 7.65
N ASP B 130 -0.86 26.92 8.63
CA ASP B 130 -2.04 27.77 8.59
C ASP B 130 -1.61 28.90 7.67
N PRO B 131 -2.28 29.07 6.53
CA PRO B 131 -1.88 30.13 5.61
C PRO B 131 -1.53 31.46 6.31
N GLU B 132 -2.38 31.92 7.20
CA GLU B 132 -2.12 33.17 7.89
C GLU B 132 -0.72 33.18 8.52
N VAL B 133 -0.45 32.22 9.39
CA VAL B 133 0.85 32.12 10.06
C VAL B 133 2.02 32.04 9.07
N PHE B 134 1.82 31.30 7.99
CA PHE B 134 2.82 31.14 6.94
C PHE B 134 3.12 32.51 6.34
N ARG B 135 2.06 33.22 5.99
CA ARG B 135 2.16 34.56 5.42
C ARG B 135 3.01 35.45 6.33
N ALA B 136 2.71 35.40 7.62
CA ALA B 136 3.44 36.20 8.59
C ALA B 136 4.93 35.87 8.53
N LEU B 137 5.24 34.60 8.79
CA LEU B 137 6.62 34.13 8.78
C LEU B 137 7.41 34.64 7.58
N TRP B 138 6.77 34.63 6.42
CA TRP B 138 7.45 35.10 5.22
C TRP B 138 7.71 36.60 5.30
N ARG B 139 6.74 37.35 5.84
CA ARG B 139 6.88 38.80 5.95
C ARG B 139 7.95 39.25 6.93
N ARG B 140 7.93 38.69 8.14
CA ARG B 140 8.94 39.06 9.13
C ARG B 140 10.32 38.63 8.65
N ALA B 141 10.38 37.55 7.88
CA ALA B 141 11.66 37.06 7.37
C ALA B 141 12.16 38.14 6.41
N GLU B 142 11.23 38.70 5.64
CA GLU B 142 11.54 39.76 4.70
C GLU B 142 11.91 41.00 5.50
N ALA B 143 10.99 41.46 6.33
CA ALA B 143 11.21 42.64 7.14
C ALA B 143 12.62 42.65 7.74
N LEU B 144 12.89 41.69 8.63
CA LEU B 144 14.18 41.57 9.29
C LEU B 144 15.34 41.44 8.30
N GLY B 145 15.06 40.88 7.14
CA GLY B 145 16.06 40.76 6.10
C GLY B 145 17.17 39.73 6.25
N TYR B 146 16.84 38.54 6.70
CA TYR B 146 17.84 37.49 6.86
C TYR B 146 17.76 36.55 5.66
N PRO B 147 18.91 35.99 5.22
CA PRO B 147 18.93 35.07 4.08
C PRO B 147 18.04 33.84 4.30
N HIS B 148 16.99 33.71 3.47
CA HIS B 148 16.05 32.61 3.62
C HIS B 148 15.57 31.95 2.35
N ARG B 149 14.55 31.12 2.51
CA ARG B 149 13.92 30.39 1.41
C ARG B 149 12.50 30.04 1.83
N VAL B 150 11.62 29.86 0.85
CA VAL B 150 10.22 29.52 1.11
C VAL B 150 9.88 28.28 0.30
N GLY B 151 9.41 27.23 0.96
CA GLY B 151 9.09 26.03 0.20
C GLY B 151 8.83 24.76 0.99
N LEU B 152 9.01 23.63 0.33
CA LEU B 152 8.79 22.32 0.93
C LEU B 152 10.00 21.77 1.68
N VAL B 153 9.72 21.10 2.79
CA VAL B 153 10.73 20.40 3.57
C VAL B 153 10.08 19.02 3.56
N ALA B 154 10.76 18.02 4.10
CA ALA B 154 10.19 16.69 4.15
C ALA B 154 10.42 16.12 5.54
N SER B 155 9.37 15.63 6.18
CA SER B 155 9.49 15.06 7.52
C SER B 155 9.69 13.55 7.45
N GLU B 156 10.85 13.08 7.91
CA GLU B 156 11.14 11.65 7.89
C GLU B 156 11.16 11.05 9.29
N ASP B 157 11.27 9.73 9.35
CA ASP B 157 11.32 9.02 10.63
C ASP B 157 12.69 8.40 10.91
N ALA B 158 13.27 7.74 9.92
CA ALA B 158 14.59 7.12 10.09
C ALA B 158 15.67 8.10 9.69
N PHE B 159 16.03 8.97 10.62
CA PHE B 159 17.05 9.97 10.41
C PHE B 159 18.25 9.38 9.65
N TYR B 160 18.71 8.23 10.12
CA TYR B 160 19.86 7.56 9.52
C TYR B 160 19.60 6.70 8.29
N ALA B 161 18.38 6.77 7.76
CA ALA B 161 18.00 5.99 6.60
C ALA B 161 18.31 6.71 5.29
N THR B 162 17.86 7.94 5.18
CA THR B 162 18.05 8.75 4.00
C THR B 162 19.51 8.91 3.56
N THR B 163 19.77 8.57 2.30
CA THR B 163 21.12 8.67 1.74
C THR B 163 21.22 9.98 0.96
N PRO B 164 22.44 10.45 0.70
CA PRO B 164 22.61 11.70 -0.05
C PRO B 164 21.97 11.55 -1.43
N GLU B 165 22.12 10.37 -2.00
CA GLU B 165 21.57 10.10 -3.32
C GLU B 165 20.04 10.19 -3.26
N GLU B 166 19.46 9.61 -2.20
CA GLU B 166 18.01 9.63 -2.00
C GLU B 166 17.51 11.04 -1.76
N ALA B 167 18.25 11.79 -0.95
CA ALA B 167 17.87 13.15 -0.66
C ALA B 167 17.78 13.95 -1.97
N ARG B 168 18.85 13.92 -2.76
CA ARG B 168 18.88 14.65 -4.01
C ARG B 168 17.71 14.29 -4.93
N ALA B 169 17.25 13.05 -4.89
CA ALA B 169 16.13 12.67 -5.72
C ALA B 169 14.94 13.45 -5.18
N TRP B 170 14.78 13.47 -3.86
CA TRP B 170 13.67 14.19 -3.27
C TRP B 170 13.75 15.67 -3.62
N ALA B 171 14.97 16.16 -3.84
CA ALA B 171 15.19 17.56 -4.20
C ALA B 171 14.56 17.78 -5.57
N ARG B 172 14.72 16.81 -6.46
CA ARG B 172 14.15 16.91 -7.79
C ARG B 172 12.63 16.87 -7.73
N TYR B 173 12.08 16.85 -6.51
CA TYR B 173 10.63 16.85 -6.33
C TYR B 173 10.21 18.12 -5.60
N GLY B 174 11.16 19.02 -5.37
CA GLY B 174 10.86 20.26 -4.71
C GLY B 174 11.25 20.37 -3.24
N VAL B 175 11.69 19.27 -2.64
CA VAL B 175 12.06 19.33 -1.22
C VAL B 175 13.41 20.01 -1.07
N LEU B 176 13.43 21.05 -0.24
CA LEU B 176 14.63 21.80 0.02
C LEU B 176 15.45 21.18 1.15
N ALA B 177 14.77 20.61 2.14
CA ALA B 177 15.46 20.02 3.28
C ALA B 177 14.64 18.99 4.04
N PHE B 178 15.32 18.22 4.89
CA PHE B 178 14.69 17.19 5.70
C PHE B 178 14.69 17.56 7.19
N GLU B 179 13.58 17.26 7.86
CA GLU B 179 13.44 17.52 9.29
C GLU B 179 12.47 16.47 9.85
N MET B 180 12.15 16.54 11.14
CA MET B 180 11.30 15.49 11.73
C MET B 180 10.08 15.90 12.57
N GLU B 181 9.35 16.92 12.15
CA GLU B 181 8.17 17.33 12.93
C GLU B 181 7.05 17.99 12.13
N ALA B 182 7.39 19.04 11.40
CA ALA B 182 6.43 19.78 10.59
C ALA B 182 5.18 18.99 10.22
N SER B 183 5.35 17.96 9.40
CA SER B 183 4.23 17.16 8.94
C SER B 183 3.10 16.94 9.94
N ALA B 184 3.41 16.39 11.12
CA ALA B 184 2.37 16.13 12.10
C ALA B 184 1.74 17.40 12.64
N LEU B 185 2.58 18.39 12.92
CA LEU B 185 2.12 19.66 13.43
C LEU B 185 1.11 20.25 12.46
N PHE B 186 1.48 20.28 11.19
CA PHE B 186 0.62 20.81 10.15
C PHE B 186 -0.70 20.06 10.09
N LEU B 187 -0.62 18.74 10.25
CA LEU B 187 -1.80 17.90 10.22
C LEU B 187 -2.64 18.21 11.45
N LEU B 188 -2.11 17.95 12.64
CA LEU B 188 -2.87 18.23 13.84
C LEU B 188 -3.45 19.64 13.82
N GLY B 189 -2.70 20.58 13.25
CA GLY B 189 -3.18 21.95 13.17
C GLY B 189 -4.58 22.01 12.59
N ARG B 190 -4.77 21.43 11.41
CA ARG B 190 -6.09 21.43 10.77
C ARG B 190 -7.07 20.57 11.59
N MET B 191 -6.64 19.39 12.04
CA MET B 191 -7.49 18.48 12.82
C MET B 191 -8.03 19.06 14.15
N ARG B 192 -7.25 19.93 14.79
CA ARG B 192 -7.68 20.52 16.04
C ARG B 192 -7.82 22.04 15.92
N GLY B 193 -8.30 22.49 14.77
CA GLY B 193 -8.49 23.91 14.52
C GLY B 193 -7.56 24.89 15.24
N VAL B 194 -6.29 24.89 14.86
CA VAL B 194 -5.32 25.81 15.43
C VAL B 194 -4.41 26.26 14.29
N ARG B 195 -3.87 27.47 14.40
CA ARG B 195 -3.00 27.99 13.36
C ARG B 195 -1.56 27.61 13.71
N THR B 196 -0.92 26.85 12.82
CA THR B 196 0.45 26.39 13.04
C THR B 196 1.41 26.87 11.97
N GLY B 197 2.69 26.82 12.28
CA GLY B 197 3.69 27.23 11.33
C GLY B 197 5.04 26.61 11.63
N ALA B 198 5.94 26.66 10.66
CA ALA B 198 7.27 26.11 10.84
C ALA B 198 8.34 26.89 10.11
N ILE B 199 9.42 27.15 10.84
CA ILE B 199 10.56 27.85 10.27
C ILE B 199 11.78 27.04 10.75
N LEU B 200 12.62 26.67 9.80
CA LEU B 200 13.81 25.88 10.08
C LEU B 200 15.08 26.63 9.70
N ALA B 201 16.18 26.31 10.40
CA ALA B 201 17.47 26.91 10.10
C ALA B 201 18.40 25.76 9.69
N VAL B 202 18.72 25.68 8.40
CA VAL B 202 19.60 24.63 7.88
C VAL B 202 20.82 24.47 8.77
N SER B 203 21.06 23.25 9.23
CA SER B 203 22.23 23.00 10.07
C SER B 203 23.23 22.08 9.41
N ASN B 204 23.00 21.74 8.14
CA ASN B 204 23.90 20.84 7.40
C ASN B 204 23.28 20.34 6.11
N ARG B 205 24.13 19.80 5.22
CA ARG B 205 23.67 19.24 3.95
C ARG B 205 23.70 17.72 4.08
N ILE B 206 22.54 17.08 3.89
CA ILE B 206 22.43 15.62 4.02
C ILE B 206 23.65 14.86 3.53
N GLY B 207 24.27 14.12 4.44
CA GLY B 207 25.45 13.35 4.10
C GLY B 207 26.69 13.71 4.90
N ASP B 208 26.61 14.80 5.66
CA ASP B 208 27.74 15.26 6.47
C ASP B 208 27.87 14.52 7.80
N PRO B 209 29.12 14.30 8.27
CA PRO B 209 29.37 13.61 9.53
C PRO B 209 29.02 14.48 10.75
N GLU B 210 29.58 15.69 10.78
CA GLU B 210 29.33 16.63 11.87
C GLU B 210 28.86 17.97 11.30
N LEU B 211 27.98 18.64 12.02
CA LEU B 211 27.43 19.92 11.58
C LEU B 211 28.54 20.96 11.37
N ALA B 212 28.21 22.04 10.66
CA ALA B 212 29.16 23.12 10.36
C ALA B 212 29.41 24.04 11.56
N PRO B 213 30.36 25.00 11.44
CA PRO B 213 30.74 25.95 12.49
C PRO B 213 29.59 26.40 13.40
N PRO B 214 29.56 25.87 14.63
CA PRO B 214 28.53 26.19 15.61
C PRO B 214 28.19 27.68 15.75
N GLU B 215 29.13 28.55 15.42
CA GLU B 215 28.89 29.99 15.53
C GLU B 215 27.90 30.40 14.45
N VAL B 216 28.07 29.80 13.27
CA VAL B 216 27.23 30.08 12.12
C VAL B 216 25.84 29.45 12.22
N LEU B 217 25.73 28.39 13.02
CA LEU B 217 24.45 27.73 13.20
C LEU B 217 23.69 28.41 14.31
N GLN B 218 24.41 28.88 15.33
CA GLN B 218 23.79 29.59 16.44
C GLN B 218 23.18 30.89 15.93
N GLU B 219 23.91 31.57 15.05
CA GLU B 219 23.38 32.81 14.51
C GLU B 219 22.15 32.48 13.68
N GLY B 220 22.24 31.40 12.89
CA GLY B 220 21.09 31.01 12.09
C GLY B 220 19.90 30.81 13.00
N VAL B 221 20.12 30.11 14.10
CA VAL B 221 19.06 29.85 15.07
C VAL B 221 18.45 31.14 15.58
N ARG B 222 19.29 32.08 16.01
CA ARG B 222 18.80 33.35 16.55
C ARG B 222 17.84 34.03 15.59
N ARG B 223 18.29 34.21 14.35
CA ARG B 223 17.47 34.84 13.33
C ARG B 223 16.09 34.17 13.24
N MET B 224 16.10 32.85 13.19
CA MET B 224 14.87 32.08 13.13
C MET B 224 13.94 32.43 14.27
N VAL B 225 14.42 32.28 15.51
CA VAL B 225 13.63 32.58 16.70
C VAL B 225 13.06 33.99 16.69
N GLU B 226 13.81 34.95 16.15
CA GLU B 226 13.33 36.32 16.09
C GLU B 226 12.13 36.33 15.15
N VAL B 227 12.35 35.99 13.88
CA VAL B 227 11.25 35.97 12.92
C VAL B 227 10.04 35.31 13.56
N ALA B 228 10.21 34.09 14.04
CA ALA B 228 9.11 33.36 14.65
C ALA B 228 8.37 34.18 15.72
N LEU B 229 9.13 34.75 16.66
CA LEU B 229 8.50 35.53 17.73
C LEU B 229 7.76 36.76 17.21
N GLU B 230 8.31 37.39 16.18
CA GLU B 230 7.68 38.56 15.60
C GLU B 230 6.40 38.15 14.88
N ALA B 231 6.47 37.02 14.20
CA ALA B 231 5.34 36.48 13.45
C ALA B 231 4.18 36.00 14.33
N VAL B 232 4.46 35.52 15.54
CA VAL B 232 3.37 35.06 16.40
C VAL B 232 2.56 36.24 16.87
N LEU B 233 3.18 37.41 16.94
CA LEU B 233 2.47 38.60 17.38
C LEU B 233 1.57 39.11 16.25
N GLU B 234 1.84 38.64 15.04
CA GLU B 234 1.07 39.03 13.86
C GLU B 234 -0.32 38.40 13.84
N VAL B 235 -0.44 37.19 14.36
CA VAL B 235 -1.73 36.49 14.39
C VAL B 235 -2.29 36.50 15.80
N SER C 2 6.82 19.57 -32.58
CA SER C 2 5.46 19.90 -32.06
C SER C 2 4.92 18.73 -31.23
N PRO C 3 4.24 19.02 -30.10
CA PRO C 3 3.66 18.01 -29.21
C PRO C 3 2.63 17.14 -29.91
N ILE C 4 2.13 16.12 -29.22
CA ILE C 4 1.14 15.20 -29.77
C ILE C 4 -0.29 15.67 -29.52
N HIS C 5 -0.50 16.38 -28.43
CA HIS C 5 -1.83 16.85 -28.08
C HIS C 5 -1.97 18.32 -28.42
N VAL C 6 -1.44 19.19 -27.57
CA VAL C 6 -1.51 20.62 -27.80
C VAL C 6 -0.59 20.94 -28.98
N ARG C 7 -1.04 20.60 -30.18
CA ARG C 7 -0.26 20.84 -31.38
C ARG C 7 0.00 22.33 -31.62
N ALA C 8 1.10 22.84 -31.09
CA ALA C 8 1.46 24.24 -31.26
C ALA C 8 2.95 24.32 -31.55
N HIS C 9 3.37 25.41 -32.18
CA HIS C 9 4.78 25.61 -32.46
C HIS C 9 5.28 26.77 -31.64
N PRO C 10 6.61 26.88 -31.47
CA PRO C 10 7.19 27.96 -30.69
C PRO C 10 6.62 29.32 -31.12
N GLY C 11 6.38 30.20 -30.15
CA GLY C 11 5.85 31.50 -30.46
C GLY C 11 4.36 31.64 -30.19
N ASP C 12 3.64 30.52 -30.19
CA ASP C 12 2.21 30.56 -29.92
C ASP C 12 1.92 30.79 -28.46
N VAL C 13 2.47 29.93 -27.60
CA VAL C 13 2.23 30.05 -26.18
C VAL C 13 3.07 31.15 -25.56
N ALA C 14 2.55 31.75 -24.50
CA ALA C 14 3.24 32.84 -23.83
C ALA C 14 3.85 32.45 -22.49
N GLU C 15 4.64 33.36 -21.92
CA GLU C 15 5.26 33.10 -20.63
C GLU C 15 4.17 32.74 -19.62
N ARG C 16 3.35 33.71 -19.26
CA ARG C 16 2.25 33.49 -18.32
C ARG C 16 1.11 32.78 -19.05
N VAL C 17 0.55 31.74 -18.42
CA VAL C 17 -0.53 30.98 -19.04
C VAL C 17 -1.59 30.63 -17.99
N LEU C 18 -2.86 30.62 -18.40
CA LEU C 18 -3.94 30.26 -17.50
C LEU C 18 -4.51 28.93 -17.98
N LEU C 19 -4.73 28.02 -17.04
CA LEU C 19 -5.21 26.69 -17.37
C LEU C 19 -6.63 26.39 -16.92
N PRO C 20 -7.56 26.35 -17.87
CA PRO C 20 -8.96 26.06 -17.54
C PRO C 20 -9.34 24.67 -18.05
N GLY C 21 -10.09 23.93 -17.26
CA GLY C 21 -10.49 22.60 -17.67
C GLY C 21 -11.55 22.64 -18.76
N ASP C 22 -12.52 23.54 -18.59
CA ASP C 22 -13.61 23.68 -19.56
C ASP C 22 -13.21 24.50 -20.79
N PRO C 23 -13.25 23.90 -22.00
CA PRO C 23 -12.87 24.64 -23.21
C PRO C 23 -13.69 25.92 -23.38
N GLY C 24 -14.89 25.91 -22.81
CA GLY C 24 -15.78 27.06 -22.91
C GLY C 24 -15.28 28.26 -22.14
N ARG C 25 -15.06 28.09 -20.83
CA ARG C 25 -14.58 29.19 -19.99
C ARG C 25 -13.31 29.77 -20.63
N ALA C 26 -12.56 28.92 -21.31
CA ALA C 26 -11.33 29.34 -21.96
C ALA C 26 -11.69 30.40 -22.98
N GLU C 27 -12.43 29.98 -24.01
CA GLU C 27 -12.89 30.86 -25.09
C GLU C 27 -13.46 32.13 -24.46
N TRP C 28 -14.33 31.96 -23.47
CA TRP C 28 -14.94 33.10 -22.79
C TRP C 28 -13.91 34.01 -22.15
N ILE C 29 -12.73 33.46 -21.83
CA ILE C 29 -11.67 34.26 -21.22
C ILE C 29 -11.00 34.99 -22.37
N ALA C 30 -10.66 34.24 -23.40
CA ALA C 30 -10.02 34.82 -24.57
C ALA C 30 -10.80 36.07 -24.96
N LYS C 31 -11.98 35.87 -25.55
CA LYS C 31 -12.85 36.98 -26.00
C LYS C 31 -13.12 38.08 -24.96
N THR C 32 -13.07 37.73 -23.68
CA THR C 32 -13.37 38.70 -22.64
C THR C 32 -12.22 39.47 -22.01
N PHE C 33 -11.00 38.93 -22.07
CA PHE C 33 -9.87 39.65 -21.46
C PHE C 33 -8.68 39.87 -22.35
N LEU C 34 -8.64 39.20 -23.49
CA LEU C 34 -7.49 39.33 -24.37
C LEU C 34 -7.73 40.11 -25.66
N GLN C 35 -6.80 41.02 -25.96
CA GLN C 35 -6.87 41.83 -27.18
C GLN C 35 -6.38 40.95 -28.32
N ASN C 36 -6.99 41.09 -29.47
CA ASN C 36 -6.60 40.31 -30.64
C ASN C 36 -6.27 38.86 -30.25
N PRO C 37 -7.15 38.24 -29.44
CA PRO C 37 -6.93 36.86 -29.03
C PRO C 37 -6.80 35.99 -30.26
N ARG C 38 -5.92 35.01 -30.18
CA ARG C 38 -5.67 34.11 -31.29
C ARG C 38 -5.75 32.68 -30.77
N ARG C 39 -6.30 31.75 -31.57
CA ARG C 39 -6.40 30.37 -31.11
C ARG C 39 -5.39 29.49 -31.81
N TYR C 40 -4.31 29.19 -31.11
CA TYR C 40 -3.21 28.37 -31.62
C TYR C 40 -3.52 26.88 -31.70
N ASN C 41 -4.46 26.41 -30.89
CA ASN C 41 -4.80 25.00 -30.94
C ASN C 41 -6.26 24.75 -30.61
N ASP C 42 -6.81 23.69 -31.18
CA ASP C 42 -8.21 23.31 -30.94
C ASP C 42 -8.34 21.80 -31.08
N HIS C 43 -7.20 21.15 -31.23
CA HIS C 43 -7.14 19.70 -31.37
C HIS C 43 -7.56 19.02 -30.04
N ARG C 44 -8.41 17.99 -30.15
CA ARG C 44 -8.93 17.25 -29.01
C ARG C 44 -9.77 18.14 -28.11
N GLY C 45 -10.36 19.18 -28.70
CA GLY C 45 -11.16 20.11 -27.93
C GLY C 45 -10.32 20.94 -26.99
N LEU C 46 -9.02 20.69 -26.97
CA LEU C 46 -8.09 21.41 -26.09
C LEU C 46 -7.84 22.83 -26.57
N TRP C 47 -8.92 23.60 -26.63
CA TRP C 47 -8.85 24.97 -27.10
C TRP C 47 -7.86 25.82 -26.32
N GLY C 48 -6.99 26.53 -27.07
CA GLY C 48 -5.96 27.37 -26.45
C GLY C 48 -5.74 28.68 -27.21
N TYR C 49 -5.72 29.79 -26.48
CA TYR C 49 -5.55 31.12 -27.08
C TYR C 49 -4.47 31.99 -26.43
N THR C 50 -3.99 32.96 -27.19
CA THR C 50 -3.00 33.91 -26.69
C THR C 50 -3.44 35.32 -27.09
N GLY C 51 -3.50 36.21 -26.10
CA GLY C 51 -3.89 37.59 -26.36
C GLY C 51 -3.12 38.48 -25.40
N LEU C 52 -3.47 39.75 -25.31
CA LEU C 52 -2.77 40.63 -24.40
C LEU C 52 -3.69 41.13 -23.31
N TYR C 53 -3.10 41.39 -22.16
CA TYR C 53 -3.83 41.90 -21.02
C TYR C 53 -2.93 43.04 -20.54
N LYS C 54 -3.38 44.27 -20.79
CA LYS C 54 -2.62 45.45 -20.41
C LYS C 54 -1.23 45.35 -21.04
N GLY C 55 -1.21 44.88 -22.29
CA GLY C 55 0.03 44.74 -23.02
C GLY C 55 0.64 43.35 -22.93
N VAL C 56 0.97 42.96 -21.70
CA VAL C 56 1.57 41.66 -21.39
C VAL C 56 0.94 40.45 -22.04
N PRO C 57 1.74 39.66 -22.79
CA PRO C 57 1.18 38.48 -23.44
C PRO C 57 0.75 37.43 -22.41
N VAL C 58 -0.44 36.88 -22.62
CA VAL C 58 -1.02 35.87 -21.74
C VAL C 58 -1.58 34.73 -22.58
N SER C 59 -1.70 33.57 -21.96
CA SER C 59 -2.22 32.41 -22.64
C SER C 59 -3.35 31.78 -21.85
N VAL C 60 -4.15 30.98 -22.53
CA VAL C 60 -5.28 30.30 -21.95
C VAL C 60 -5.41 28.96 -22.64
N GLN C 61 -4.84 27.91 -22.01
CA GLN C 61 -4.86 26.55 -22.55
C GLN C 61 -5.82 25.64 -21.79
N THR C 62 -6.54 24.79 -22.53
CA THR C 62 -7.52 23.88 -21.96
C THR C 62 -6.95 22.52 -21.52
N THR C 63 -6.94 22.28 -20.21
CA THR C 63 -6.41 21.06 -19.60
C THR C 63 -7.28 19.83 -19.81
N GLY C 64 -8.58 20.00 -19.57
CA GLY C 64 -9.52 18.91 -19.69
C GLY C 64 -9.97 18.57 -18.30
N MET C 65 -10.53 17.38 -18.10
CA MET C 65 -10.94 16.98 -16.76
C MET C 65 -10.10 15.80 -16.25
N GLY C 66 -9.50 15.97 -15.07
CA GLY C 66 -8.69 14.92 -14.48
C GLY C 66 -7.18 15.08 -14.68
N THR C 67 -6.41 14.93 -13.60
CA THR C 67 -4.96 15.09 -13.68
C THR C 67 -4.32 14.38 -14.86
N PRO C 68 -4.92 13.29 -15.36
CA PRO C 68 -4.26 12.64 -16.49
C PRO C 68 -4.15 13.58 -17.69
N SER C 69 -5.30 14.11 -18.09
CA SER C 69 -5.39 15.03 -19.23
C SER C 69 -4.62 16.32 -18.97
N ALA C 70 -4.82 16.89 -17.79
CA ALA C 70 -4.11 18.12 -17.45
C ALA C 70 -2.63 17.91 -17.61
N ALA C 71 -2.12 16.89 -16.94
CA ALA C 71 -0.71 16.53 -16.96
C ALA C 71 -0.15 16.52 -18.38
N ILE C 72 -0.91 15.90 -19.29
CA ILE C 72 -0.49 15.85 -20.67
C ILE C 72 -0.37 17.25 -21.26
N VAL C 73 -1.36 18.08 -21.01
CA VAL C 73 -1.34 19.44 -21.53
C VAL C 73 -0.26 20.27 -20.83
N VAL C 74 -0.23 20.23 -19.51
CA VAL C 74 0.77 20.98 -18.77
C VAL C 74 2.18 20.64 -19.25
N GLU C 75 2.50 19.35 -19.27
CA GLU C 75 3.81 18.89 -19.70
C GLU C 75 4.18 19.48 -21.05
N GLU C 76 3.19 19.54 -21.95
CA GLU C 76 3.43 20.05 -23.28
C GLU C 76 3.53 21.57 -23.36
N LEU C 77 2.78 22.28 -22.52
CA LEU C 77 2.83 23.74 -22.49
C LEU C 77 4.22 24.19 -22.07
N VAL C 78 4.82 23.41 -21.18
CA VAL C 78 6.16 23.73 -20.67
C VAL C 78 7.20 23.53 -21.76
N ARG C 79 7.06 22.45 -22.52
CA ARG C 79 7.99 22.14 -23.59
C ARG C 79 7.88 23.24 -24.65
N LEU C 80 6.70 23.86 -24.71
CA LEU C 80 6.41 24.93 -25.66
C LEU C 80 6.85 26.31 -25.15
N GLY C 81 7.12 26.42 -23.85
CA GLY C 81 7.57 27.70 -23.31
C GLY C 81 6.83 28.31 -22.13
N ALA C 82 5.89 27.58 -21.55
CA ALA C 82 5.13 28.08 -20.41
C ALA C 82 6.02 28.11 -19.17
N ARG C 83 6.03 29.24 -18.46
CA ARG C 83 6.84 29.38 -17.24
C ARG C 83 6.00 29.61 -16.01
N VAL C 84 4.87 30.29 -16.18
CA VAL C 84 3.94 30.58 -15.06
C VAL C 84 2.51 30.20 -15.45
N LEU C 85 2.05 29.07 -14.91
CA LEU C 85 0.70 28.57 -15.18
C LEU C 85 -0.16 28.52 -13.93
N VAL C 86 -1.35 29.11 -14.03
CA VAL C 86 -2.31 29.18 -12.95
C VAL C 86 -3.61 28.51 -13.34
N ARG C 87 -4.12 27.62 -12.49
CA ARG C 87 -5.38 26.96 -12.79
C ARG C 87 -6.53 27.92 -12.52
N VAL C 88 -7.51 27.90 -13.42
CA VAL C 88 -8.70 28.74 -13.29
C VAL C 88 -9.87 27.79 -13.41
N GLY C 89 -10.30 27.22 -12.29
CA GLY C 89 -11.38 26.28 -12.38
C GLY C 89 -12.46 26.39 -11.32
N THR C 90 -13.24 25.33 -11.24
CA THR C 90 -14.34 25.25 -10.31
C THR C 90 -14.06 24.10 -9.36
N ALA C 91 -14.85 24.04 -8.29
CA ALA C 91 -14.71 22.99 -7.30
C ALA C 91 -16.05 22.68 -6.68
N GLY C 92 -16.06 21.66 -5.82
CA GLY C 92 -17.27 21.27 -5.13
C GLY C 92 -16.97 21.37 -3.64
N ALA C 93 -17.72 22.20 -2.92
CA ALA C 93 -17.50 22.38 -1.49
C ALA C 93 -17.65 21.07 -0.71
N ALA C 94 -16.80 20.88 0.28
CA ALA C 94 -16.84 19.68 1.10
C ALA C 94 -17.45 20.02 2.46
N SER C 95 -17.61 21.31 2.71
CA SER C 95 -18.16 21.75 3.99
C SER C 95 -19.52 22.38 3.77
N SER C 96 -19.84 23.35 4.63
CA SER C 96 -21.10 24.07 4.57
C SER C 96 -20.81 25.56 4.73
N ASP C 97 -19.66 25.88 5.31
CA ASP C 97 -19.26 27.27 5.51
C ASP C 97 -18.98 27.94 4.16
N LEU C 98 -18.65 27.13 3.17
CA LEU C 98 -18.36 27.60 1.83
C LEU C 98 -19.62 27.62 0.98
N ALA C 99 -20.04 28.82 0.57
CA ALA C 99 -21.23 28.96 -0.26
C ALA C 99 -20.79 29.15 -1.72
N PRO C 100 -21.60 28.64 -2.67
CA PRO C 100 -21.29 28.79 -4.10
C PRO C 100 -20.92 30.22 -4.49
N GLY C 101 -20.05 30.36 -5.49
CA GLY C 101 -19.62 31.67 -5.93
C GLY C 101 -18.37 32.18 -5.22
N GLU C 102 -18.18 31.75 -3.98
CA GLU C 102 -17.03 32.15 -3.19
C GLU C 102 -15.75 31.61 -3.84
N LEU C 103 -14.63 32.32 -3.65
CA LEU C 103 -13.36 31.88 -4.24
C LEU C 103 -12.45 31.17 -3.23
N ILE C 104 -11.53 30.35 -3.74
CA ILE C 104 -10.59 29.63 -2.91
C ILE C 104 -9.18 29.68 -3.52
N VAL C 105 -8.21 30.20 -2.75
CA VAL C 105 -6.82 30.23 -3.21
C VAL C 105 -6.20 28.97 -2.64
N ALA C 106 -5.94 27.99 -3.50
CA ALA C 106 -5.38 26.71 -3.07
C ALA C 106 -3.98 26.73 -2.48
N GLN C 107 -3.90 26.53 -1.16
CA GLN C 107 -2.62 26.49 -0.45
C GLN C 107 -1.82 25.24 -0.85
N GLY C 108 -2.54 24.12 -0.99
CA GLY C 108 -1.97 22.83 -1.36
C GLY C 108 -3.07 21.91 -1.90
N ALA C 109 -2.73 20.70 -2.33
CA ALA C 109 -3.73 19.77 -2.86
C ALA C 109 -3.53 18.28 -2.51
N VAL C 110 -4.44 17.76 -1.68
CA VAL C 110 -4.39 16.35 -1.28
C VAL C 110 -4.42 15.52 -2.55
N PRO C 111 -3.35 14.77 -2.82
CA PRO C 111 -3.27 13.94 -4.03
C PRO C 111 -4.05 12.65 -3.99
N LEU C 112 -5.34 12.73 -4.26
CA LEU C 112 -6.19 11.55 -4.29
C LEU C 112 -6.28 11.06 -5.71
N ASP C 113 -5.33 11.48 -6.54
CA ASP C 113 -5.29 11.07 -7.95
C ASP C 113 -4.16 10.08 -8.23
N GLY C 114 -4.30 9.33 -9.31
CA GLY C 114 -3.30 8.35 -9.66
C GLY C 114 -2.18 8.89 -10.51
N THR C 115 -2.41 10.03 -11.18
CA THR C 115 -1.41 10.65 -12.04
C THR C 115 -0.21 11.12 -11.26
N THR C 116 -0.43 11.83 -10.16
CA THR C 116 0.67 12.31 -9.32
C THR C 116 1.34 11.07 -8.76
N ARG C 117 0.51 10.13 -8.30
CA ARG C 117 1.00 8.88 -7.75
C ARG C 117 1.96 8.23 -8.74
N GLN C 118 1.52 8.01 -9.97
CA GLN C 118 2.36 7.39 -10.98
C GLN C 118 3.69 8.13 -11.16
N TYR C 119 3.66 9.45 -11.09
CA TYR C 119 4.89 10.24 -11.23
C TYR C 119 5.78 10.07 -10.00
N LEU C 120 5.15 9.99 -8.82
CA LEU C 120 5.88 9.82 -7.56
C LEU C 120 6.18 8.35 -7.25
N GLU C 121 5.93 7.48 -8.21
CA GLU C 121 6.18 6.06 -8.02
C GLU C 121 5.61 5.53 -6.70
N GLY C 122 4.54 6.17 -6.21
CA GLY C 122 3.91 5.73 -4.98
C GLY C 122 4.32 6.42 -3.69
N ARG C 123 5.28 7.33 -3.76
CA ARG C 123 5.75 8.03 -2.57
C ARG C 123 4.79 9.11 -2.09
N PRO C 124 4.84 9.42 -0.78
CA PRO C 124 3.95 10.44 -0.24
C PRO C 124 4.43 11.80 -0.77
N TYR C 125 3.59 12.82 -0.64
CA TYR C 125 3.94 14.14 -1.15
C TYR C 125 2.98 15.24 -0.70
N ALA C 126 3.43 16.47 -0.86
CA ALA C 126 2.65 17.65 -0.48
C ALA C 126 2.62 18.63 -1.66
N PRO C 127 1.68 18.42 -2.60
CA PRO C 127 1.62 19.32 -3.75
C PRO C 127 1.25 20.72 -3.29
N VAL C 128 2.09 21.69 -3.65
CA VAL C 128 1.86 23.08 -3.32
C VAL C 128 2.26 23.95 -4.51
N PRO C 129 1.56 25.08 -4.69
CA PRO C 129 1.86 26.00 -5.80
C PRO C 129 3.22 26.62 -5.56
N ASP C 130 3.59 27.56 -6.43
CA ASP C 130 4.86 28.26 -6.28
C ASP C 130 4.53 29.26 -5.18
N PRO C 131 5.43 29.42 -4.20
CA PRO C 131 5.06 30.39 -3.17
C PRO C 131 4.81 31.82 -3.69
N GLU C 132 5.49 32.20 -4.78
CA GLU C 132 5.31 33.53 -5.36
C GLU C 132 3.94 33.66 -6.01
N VAL C 133 3.56 32.65 -6.77
CA VAL C 133 2.28 32.64 -7.46
C VAL C 133 1.14 32.56 -6.45
N PHE C 134 1.24 31.62 -5.53
CA PHE C 134 0.23 31.44 -4.49
C PHE C 134 0.05 32.78 -3.79
N ARG C 135 1.16 33.38 -3.43
CA ARG C 135 1.18 34.68 -2.76
C ARG C 135 0.51 35.74 -3.61
N ALA C 136 0.86 35.73 -4.90
CA ALA C 136 0.31 36.68 -5.86
C ALA C 136 -1.21 36.57 -5.97
N LEU C 137 -1.73 35.37 -6.20
CA LEU C 137 -3.17 35.19 -6.30
C LEU C 137 -3.84 35.72 -5.05
N TRP C 138 -3.40 35.24 -3.89
CA TRP C 138 -3.94 35.68 -2.59
C TRP C 138 -3.90 37.21 -2.47
N ARG C 139 -2.84 37.84 -3.00
CA ARG C 139 -2.73 39.29 -2.92
C ARG C 139 -3.62 40.06 -3.88
N ARG C 140 -3.73 39.60 -5.12
CA ARG C 140 -4.59 40.30 -6.06
C ARG C 140 -6.03 40.11 -5.65
N ALA C 141 -6.32 38.99 -5.01
CA ALA C 141 -7.67 38.74 -4.55
C ALA C 141 -7.94 39.81 -3.49
N GLU C 142 -7.13 39.78 -2.44
CA GLU C 142 -7.26 40.74 -1.33
C GLU C 142 -7.31 42.19 -1.80
N ALA C 143 -6.41 42.55 -2.72
CA ALA C 143 -6.36 43.91 -3.22
C ALA C 143 -7.65 44.32 -3.93
N LEU C 144 -8.24 43.39 -4.69
CA LEU C 144 -9.47 43.67 -5.42
C LEU C 144 -10.73 43.69 -4.54
N GLY C 145 -10.62 43.15 -3.34
CA GLY C 145 -11.75 43.15 -2.43
C GLY C 145 -12.76 42.05 -2.67
N TYR C 146 -12.36 41.01 -3.40
CA TYR C 146 -13.26 39.91 -3.67
C TYR C 146 -13.12 38.89 -2.56
N PRO C 147 -14.19 38.71 -1.77
CA PRO C 147 -14.15 37.75 -0.65
C PRO C 147 -13.69 36.38 -1.13
N HIS C 148 -12.77 35.78 -0.35
CA HIS C 148 -12.23 34.47 -0.70
C HIS C 148 -11.88 33.61 0.51
N ARG C 149 -11.37 32.42 0.23
CA ARG C 149 -10.94 31.46 1.24
C ARG C 149 -9.54 31.00 0.83
N VAL C 150 -8.69 30.77 1.82
CA VAL C 150 -7.31 30.31 1.57
C VAL C 150 -7.03 29.01 2.31
N GLY C 151 -7.02 27.90 1.58
CA GLY C 151 -6.76 26.62 2.24
C GLY C 151 -6.49 25.46 1.30
N LEU C 152 -6.95 24.27 1.71
CA LEU C 152 -6.73 23.07 0.93
C LEU C 152 -7.92 22.58 0.13
N VAL C 153 -7.61 21.89 -0.96
CA VAL C 153 -8.60 21.28 -1.85
C VAL C 153 -8.32 19.77 -1.81
N ALA C 154 -8.57 19.08 -2.91
CA ALA C 154 -8.34 17.64 -3.01
C ALA C 154 -8.55 17.25 -4.44
N SER C 155 -7.58 16.56 -5.03
CA SER C 155 -7.69 16.15 -6.42
C SER C 155 -7.98 14.67 -6.59
N GLU C 156 -9.26 14.34 -6.70
CA GLU C 156 -9.71 12.97 -6.86
C GLU C 156 -9.82 12.59 -8.33
N ASP C 157 -10.09 11.32 -8.58
CA ASP C 157 -10.23 10.80 -9.94
C ASP C 157 -11.68 10.39 -10.24
N ALA C 158 -12.35 9.81 -9.23
CA ALA C 158 -13.73 9.33 -9.38
C ALA C 158 -14.76 10.37 -8.96
N PHE C 159 -15.23 11.13 -9.92
CA PHE C 159 -16.20 12.18 -9.65
C PHE C 159 -17.43 11.68 -8.88
N TYR C 160 -18.01 10.59 -9.36
CA TYR C 160 -19.19 10.03 -8.72
C TYR C 160 -18.90 9.03 -7.59
N ALA C 161 -17.63 8.88 -7.23
CA ALA C 161 -17.28 7.96 -6.17
C ALA C 161 -17.51 8.60 -4.80
N THR C 162 -16.91 9.78 -4.60
CA THR C 162 -17.05 10.48 -3.34
C THR C 162 -18.50 10.72 -2.97
N THR C 163 -18.79 10.63 -1.67
CA THR C 163 -20.14 10.84 -1.14
C THR C 163 -20.10 12.02 -0.18
N PRO C 164 -21.26 12.59 0.16
CA PRO C 164 -21.29 13.73 1.08
C PRO C 164 -20.57 13.39 2.39
N GLU C 165 -20.89 12.23 2.92
CA GLU C 165 -20.29 11.76 4.16
C GLU C 165 -18.77 11.64 4.01
N GLU C 166 -18.32 10.95 2.97
CA GLU C 166 -16.89 10.81 2.75
C GLU C 166 -16.25 12.20 2.69
N ALA C 167 -16.98 13.18 2.13
CA ALA C 167 -16.47 14.55 2.04
C ALA C 167 -16.46 15.24 3.41
N ARG C 168 -17.44 14.92 4.25
CA ARG C 168 -17.50 15.54 5.58
C ARG C 168 -16.20 15.24 6.30
N ALA C 169 -15.81 13.96 6.27
CA ALA C 169 -14.58 13.51 6.93
C ALA C 169 -13.35 14.23 6.38
N TRP C 170 -13.26 14.32 5.06
CA TRP C 170 -12.13 14.98 4.45
C TRP C 170 -12.04 16.43 4.90
N ALA C 171 -13.19 17.05 5.14
CA ALA C 171 -13.24 18.44 5.58
C ALA C 171 -12.61 18.59 6.95
N ARG C 172 -12.72 17.55 7.77
CA ARG C 172 -12.15 17.56 9.10
C ARG C 172 -10.63 17.54 9.02
N TYR C 173 -10.10 17.24 7.83
CA TYR C 173 -8.67 17.20 7.66
C TYR C 173 -8.13 18.50 7.10
N GLY C 174 -9.04 19.37 6.66
CA GLY C 174 -8.64 20.66 6.12
C GLY C 174 -9.06 20.92 4.69
N VAL C 175 -9.65 19.91 4.07
CA VAL C 175 -10.10 20.03 2.70
C VAL C 175 -11.33 20.92 2.68
N LEU C 176 -11.35 21.85 1.75
CA LEU C 176 -12.44 22.81 1.60
C LEU C 176 -13.41 22.41 0.49
N ALA C 177 -12.84 21.89 -0.59
CA ALA C 177 -13.64 21.48 -1.74
C ALA C 177 -12.88 20.45 -2.56
N PHE C 178 -13.54 19.90 -3.58
CA PHE C 178 -12.93 18.92 -4.45
C PHE C 178 -12.81 19.40 -5.88
N GLU C 179 -11.65 19.13 -6.49
CA GLU C 179 -11.41 19.52 -7.87
C GLU C 179 -10.75 18.31 -8.55
N MET C 180 -10.13 18.48 -9.72
CA MET C 180 -9.54 17.34 -10.42
C MET C 180 -8.29 17.59 -11.26
N GLU C 181 -7.49 18.61 -10.89
CA GLU C 181 -6.27 18.91 -11.64
C GLU C 181 -5.16 19.59 -10.84
N ALA C 182 -5.51 20.35 -9.81
CA ALA C 182 -4.53 21.08 -9.01
C ALA C 182 -3.29 20.29 -8.53
N SER C 183 -3.51 19.10 -8.00
CA SER C 183 -2.41 18.28 -7.49
C SER C 183 -1.31 18.03 -8.52
N ALA C 184 -1.69 17.62 -9.72
CA ALA C 184 -0.71 17.36 -10.76
C ALA C 184 -0.05 18.65 -11.23
N LEU C 185 -0.84 19.69 -11.41
CA LEU C 185 -0.28 20.95 -11.84
C LEU C 185 0.89 21.31 -10.91
N PHE C 186 0.66 21.18 -9.62
CA PHE C 186 1.67 21.48 -8.61
C PHE C 186 2.89 20.56 -8.64
N LEU C 187 2.66 19.27 -8.80
CA LEU C 187 3.77 18.32 -8.84
C LEU C 187 4.65 18.66 -10.02
N LEU C 188 4.12 18.53 -11.23
CA LEU C 188 4.90 18.85 -12.42
C LEU C 188 5.51 20.25 -12.28
N GLY C 189 4.77 21.17 -11.67
CA GLY C 189 5.25 22.52 -11.47
C GLY C 189 6.63 22.46 -10.85
N ARG C 190 6.75 21.76 -9.72
CA ARG C 190 8.04 21.61 -9.05
C ARG C 190 8.97 20.71 -9.87
N MET C 191 8.45 19.58 -10.31
CA MET C 191 9.21 18.61 -11.08
C MET C 191 9.93 19.20 -12.27
N ARG C 192 9.26 20.10 -12.98
CA ARG C 192 9.82 20.67 -14.19
C ARG C 192 10.40 22.07 -14.07
N GLY C 193 10.47 22.58 -12.85
CA GLY C 193 11.05 23.90 -12.64
C GLY C 193 10.26 25.07 -13.20
N VAL C 194 8.96 25.07 -12.97
CA VAL C 194 8.10 26.14 -13.43
C VAL C 194 7.17 26.53 -12.29
N ARG C 195 6.71 27.77 -12.26
CA ARG C 195 5.82 28.26 -11.20
C ARG C 195 4.36 28.00 -11.54
N THR C 196 3.64 27.37 -10.63
CA THR C 196 2.23 27.09 -10.87
C THR C 196 1.35 27.58 -9.75
N GLY C 197 0.08 27.78 -10.07
CA GLY C 197 -0.88 28.24 -9.07
C GLY C 197 -2.26 27.75 -9.44
N ALA C 198 -3.20 27.93 -8.54
CA ALA C 198 -4.56 27.50 -8.80
C ALA C 198 -5.56 28.29 -7.97
N ILE C 199 -6.60 28.79 -8.64
CA ILE C 199 -7.63 29.55 -7.99
C ILE C 199 -8.95 28.85 -8.38
N LEU C 200 -9.87 28.74 -7.42
CA LEU C 200 -11.11 28.04 -7.71
C LEU C 200 -12.39 28.73 -7.26
N ALA C 201 -13.46 28.53 -8.04
CA ALA C 201 -14.77 29.11 -7.74
C ALA C 201 -15.72 27.98 -7.33
N VAL C 202 -16.30 28.07 -6.13
CA VAL C 202 -17.22 27.02 -5.71
C VAL C 202 -18.48 27.10 -6.54
N SER C 203 -18.72 26.06 -7.34
CA SER C 203 -19.89 26.02 -8.21
C SER C 203 -20.98 25.11 -7.69
N ASN C 204 -20.88 24.70 -6.43
CA ASN C 204 -21.88 23.84 -5.81
C ASN C 204 -21.31 23.12 -4.59
N ARG C 205 -22.20 22.54 -3.81
CA ARG C 205 -21.81 21.80 -2.62
C ARG C 205 -22.01 20.31 -2.90
N ILE C 206 -21.08 19.49 -2.43
CA ILE C 206 -21.21 18.06 -2.66
C ILE C 206 -22.46 17.49 -2.00
N GLY C 207 -23.22 16.75 -2.80
CA GLY C 207 -24.47 16.16 -2.35
C GLY C 207 -25.59 16.53 -3.30
N ASP C 208 -25.42 17.62 -4.03
CA ASP C 208 -26.42 18.12 -4.98
C ASP C 208 -26.06 17.90 -6.47
N PRO C 209 -27.03 17.43 -7.28
CA PRO C 209 -26.93 17.12 -8.72
C PRO C 209 -26.71 18.26 -9.72
N GLU C 210 -26.40 19.46 -9.26
CA GLU C 210 -26.19 20.58 -10.19
C GLU C 210 -25.19 21.65 -9.74
N LEU C 211 -25.06 22.68 -10.58
CA LEU C 211 -24.15 23.80 -10.33
C LEU C 211 -24.87 24.92 -9.54
N ALA C 212 -24.52 26.18 -9.80
CA ALA C 212 -25.13 27.32 -9.10
C ALA C 212 -25.89 28.27 -10.03
N PRO C 213 -26.91 28.97 -9.50
CA PRO C 213 -27.73 29.91 -10.28
C PRO C 213 -26.85 30.76 -11.19
N PRO C 214 -26.71 30.36 -12.47
CA PRO C 214 -25.88 31.05 -13.46
C PRO C 214 -25.13 32.27 -12.96
N GLU C 215 -25.86 33.31 -12.59
CA GLU C 215 -25.27 34.56 -12.11
C GLU C 215 -24.33 34.47 -10.88
N VAL C 216 -24.72 33.71 -9.85
CA VAL C 216 -23.88 33.59 -8.66
C VAL C 216 -22.48 33.10 -8.99
N LEU C 217 -22.41 31.91 -9.60
CA LEU C 217 -21.15 31.31 -10.00
C LEU C 217 -20.47 32.07 -11.12
N GLN C 218 -21.23 32.49 -12.12
CA GLN C 218 -20.65 33.22 -13.25
C GLN C 218 -19.87 34.44 -12.81
N GLU C 219 -20.30 35.10 -11.74
CA GLU C 219 -19.55 36.25 -11.25
C GLU C 219 -18.25 35.67 -10.73
N GLY C 220 -18.37 34.65 -9.87
CA GLY C 220 -17.20 34.00 -9.32
C GLY C 220 -16.21 33.68 -10.41
N VAL C 221 -16.63 32.90 -11.40
CA VAL C 221 -15.76 32.53 -12.52
C VAL C 221 -15.09 33.76 -13.10
N ARG C 222 -15.78 34.90 -13.03
CA ARG C 222 -15.24 36.16 -13.54
C ARG C 222 -14.21 36.74 -12.58
N ARG C 223 -14.58 36.92 -11.32
CA ARG C 223 -13.65 37.46 -10.32
C ARG C 223 -12.37 36.63 -10.34
N MET C 224 -12.53 35.31 -10.29
CA MET C 224 -11.42 34.38 -10.34
C MET C 224 -10.48 34.70 -11.50
N VAL C 225 -11.00 34.68 -12.72
CA VAL C 225 -10.21 34.95 -13.93
C VAL C 225 -9.44 36.26 -13.87
N GLU C 226 -10.01 37.28 -13.23
CA GLU C 226 -9.34 38.56 -13.13
C GLU C 226 -8.14 38.46 -12.21
N VAL C 227 -8.37 37.98 -10.99
CA VAL C 227 -7.32 37.83 -9.98
C VAL C 227 -6.17 37.03 -10.55
N ALA C 228 -6.51 35.98 -11.28
CA ALA C 228 -5.50 35.14 -11.90
C ALA C 228 -4.62 36.07 -12.75
N LEU C 229 -5.17 36.54 -13.87
CA LEU C 229 -4.44 37.43 -14.78
C LEU C 229 -3.57 38.48 -14.06
N GLU C 230 -4.16 39.23 -13.15
CA GLU C 230 -3.39 40.24 -12.44
C GLU C 230 -2.20 39.63 -11.68
N ALA C 231 -2.43 38.45 -11.11
CA ALA C 231 -1.36 37.80 -10.36
C ALA C 231 -0.19 37.45 -11.26
N VAL C 232 -0.46 36.79 -12.39
CA VAL C 232 0.62 36.41 -13.29
C VAL C 232 1.47 37.61 -13.72
N LEU C 233 0.82 38.65 -14.24
CA LEU C 233 1.56 39.83 -14.66
C LEU C 233 2.52 40.24 -13.54
N GLU C 234 2.16 39.93 -12.29
CA GLU C 234 3.00 40.30 -11.16
C GLU C 234 4.25 39.47 -11.05
N VAL C 235 4.08 38.14 -11.02
CA VAL C 235 5.19 37.20 -10.87
C VAL C 235 6.22 37.29 -12.00
N SER D 2 -30.96 15.89 -16.62
CA SER D 2 -29.90 16.51 -17.47
C SER D 2 -28.52 16.35 -16.83
N PRO D 3 -27.68 15.44 -17.36
CA PRO D 3 -26.33 15.19 -16.85
C PRO D 3 -25.59 16.49 -16.56
N ILE D 4 -24.67 16.44 -15.59
CA ILE D 4 -23.91 17.61 -15.21
C ILE D 4 -22.82 17.97 -16.23
N HIS D 5 -22.40 16.99 -17.03
CA HIS D 5 -21.34 17.20 -18.01
C HIS D 5 -21.74 16.93 -19.45
N VAL D 6 -22.40 15.81 -19.70
CA VAL D 6 -22.87 15.51 -21.04
C VAL D 6 -24.31 15.98 -21.07
N ARG D 7 -24.46 17.30 -21.02
CA ARG D 7 -25.76 17.99 -21.02
C ARG D 7 -26.72 17.45 -22.07
N ALA D 8 -27.25 16.26 -21.83
CA ALA D 8 -28.18 15.65 -22.78
C ALA D 8 -29.45 15.26 -22.05
N HIS D 9 -30.29 14.49 -22.71
CA HIS D 9 -31.55 14.04 -22.15
C HIS D 9 -31.85 12.66 -22.71
N PRO D 10 -32.61 11.86 -21.96
CA PRO D 10 -32.96 10.52 -22.42
C PRO D 10 -33.63 10.64 -23.79
N GLY D 11 -33.32 9.72 -24.69
CA GLY D 11 -33.90 9.77 -26.01
C GLY D 11 -32.85 10.25 -26.99
N ASP D 12 -31.94 11.09 -26.49
CA ASP D 12 -30.85 11.60 -27.31
C ASP D 12 -29.80 10.51 -27.55
N VAL D 13 -29.52 9.73 -26.52
CA VAL D 13 -28.53 8.67 -26.63
C VAL D 13 -29.16 7.32 -26.92
N ALA D 14 -28.66 6.65 -27.96
CA ALA D 14 -29.17 5.34 -28.36
C ALA D 14 -28.48 4.21 -27.60
N GLU D 15 -29.25 3.17 -27.30
CA GLU D 15 -28.74 2.00 -26.58
C GLU D 15 -27.30 1.62 -26.93
N ARG D 16 -27.00 1.41 -28.20
CA ARG D 16 -25.66 1.04 -28.62
C ARG D 16 -24.82 2.30 -28.86
N VAL D 17 -23.67 2.37 -28.18
CA VAL D 17 -22.77 3.53 -28.25
C VAL D 17 -21.30 3.20 -28.46
N LEU D 18 -20.63 4.03 -29.26
CA LEU D 18 -19.20 3.89 -29.52
C LEU D 18 -18.54 5.02 -28.76
N LEU D 19 -17.36 4.75 -28.20
CA LEU D 19 -16.65 5.75 -27.42
C LEU D 19 -15.21 6.04 -27.84
N PRO D 20 -15.00 7.11 -28.62
CA PRO D 20 -13.63 7.46 -29.05
C PRO D 20 -13.09 8.46 -28.02
N GLY D 21 -11.77 8.61 -27.94
CA GLY D 21 -11.20 9.53 -26.98
C GLY D 21 -11.26 11.01 -27.36
N ASP D 22 -10.88 11.31 -28.60
CA ASP D 22 -10.88 12.69 -29.09
C ASP D 22 -12.10 13.00 -29.97
N PRO D 23 -12.82 14.09 -29.66
CA PRO D 23 -14.00 14.50 -30.42
C PRO D 23 -13.82 14.53 -31.95
N GLY D 24 -12.67 14.99 -32.40
CA GLY D 24 -12.41 15.02 -33.83
C GLY D 24 -12.72 13.71 -34.52
N ARG D 25 -12.31 12.60 -33.91
CA ARG D 25 -12.55 11.27 -34.47
C ARG D 25 -14.01 10.90 -34.34
N ALA D 26 -14.67 11.44 -33.33
CA ALA D 26 -16.07 11.17 -33.12
C ALA D 26 -16.81 11.70 -34.35
N GLU D 27 -16.68 13.01 -34.59
CA GLU D 27 -17.32 13.69 -35.72
C GLU D 27 -17.17 12.86 -36.98
N TRP D 28 -15.94 12.52 -37.29
CA TRP D 28 -15.63 11.71 -38.45
C TRP D 28 -16.58 10.52 -38.53
N ILE D 29 -16.56 9.67 -37.50
CA ILE D 29 -17.43 8.49 -37.43
C ILE D 29 -18.89 8.89 -37.66
N ALA D 30 -19.37 9.87 -36.91
CA ALA D 30 -20.74 10.34 -37.01
C ALA D 30 -21.09 10.69 -38.46
N LYS D 31 -20.42 11.72 -38.97
CA LYS D 31 -20.64 12.16 -40.34
C LYS D 31 -20.39 11.06 -41.37
N THR D 32 -19.37 10.24 -41.14
CA THR D 32 -19.01 9.17 -42.07
C THR D 32 -19.90 7.93 -42.14
N PHE D 33 -20.16 7.28 -41.01
CA PHE D 33 -20.96 6.05 -40.97
C PHE D 33 -22.43 6.19 -40.57
N LEU D 34 -22.78 7.28 -39.88
CA LEU D 34 -24.16 7.49 -39.44
C LEU D 34 -24.98 8.42 -40.35
N GLN D 35 -26.24 8.06 -40.55
CA GLN D 35 -27.16 8.83 -41.39
C GLN D 35 -27.89 9.78 -40.46
N ASN D 36 -28.14 11.00 -40.93
CA ASN D 36 -28.85 12.02 -40.14
C ASN D 36 -28.26 12.13 -38.76
N PRO D 37 -26.93 12.29 -38.67
CA PRO D 37 -26.29 12.41 -37.36
C PRO D 37 -26.74 13.66 -36.61
N ARG D 38 -26.95 13.52 -35.31
CA ARG D 38 -27.38 14.65 -34.51
C ARG D 38 -26.53 14.83 -33.26
N ARG D 39 -25.67 15.85 -33.28
CA ARG D 39 -24.81 16.17 -32.15
C ARG D 39 -25.70 16.74 -31.05
N TYR D 40 -26.05 15.91 -30.08
CA TYR D 40 -26.91 16.34 -28.98
C TYR D 40 -26.13 17.02 -27.86
N ASN D 41 -24.81 17.05 -27.99
CA ASN D 41 -23.97 17.66 -26.96
C ASN D 41 -22.58 18.08 -27.42
N ASP D 42 -22.13 19.21 -26.90
CA ASP D 42 -20.81 19.70 -27.19
C ASP D 42 -20.22 20.37 -25.96
N HIS D 43 -20.91 20.21 -24.83
CA HIS D 43 -20.45 20.80 -23.55
C HIS D 43 -19.12 20.19 -23.13
N ARG D 44 -18.17 21.06 -22.84
CA ARG D 44 -16.83 20.67 -22.42
C ARG D 44 -16.08 19.92 -23.51
N GLY D 45 -16.53 20.10 -24.75
CA GLY D 45 -15.88 19.45 -25.88
C GLY D 45 -16.22 17.99 -26.01
N LEU D 46 -17.10 17.50 -25.15
CA LEU D 46 -17.51 16.09 -25.19
C LEU D 46 -18.54 15.86 -26.28
N TRP D 47 -18.16 16.15 -27.51
CA TRP D 47 -19.02 15.99 -28.66
C TRP D 47 -19.74 14.65 -28.73
N GLY D 48 -21.05 14.68 -28.57
CA GLY D 48 -21.84 13.45 -28.62
C GLY D 48 -22.96 13.50 -29.64
N TYR D 49 -22.86 12.66 -30.66
CA TYR D 49 -23.85 12.59 -31.74
C TYR D 49 -24.78 11.40 -31.59
N THR D 50 -25.64 11.21 -32.59
CA THR D 50 -26.60 10.10 -32.64
C THR D 50 -27.12 10.01 -34.07
N GLY D 51 -27.43 8.80 -34.53
CA GLY D 51 -27.91 8.65 -35.89
C GLY D 51 -28.16 7.20 -36.24
N LEU D 52 -28.43 6.93 -37.52
CA LEU D 52 -28.71 5.57 -37.96
C LEU D 52 -27.56 4.88 -38.67
N TYR D 53 -27.31 3.63 -38.28
CA TYR D 53 -26.27 2.82 -38.90
C TYR D 53 -26.98 1.56 -39.31
N LYS D 54 -27.01 1.29 -40.61
CA LYS D 54 -27.66 0.12 -41.15
C LYS D 54 -29.07 -0.08 -40.57
N GLY D 55 -29.73 1.05 -40.26
CA GLY D 55 -31.07 0.97 -39.73
C GLY D 55 -31.21 0.86 -38.22
N VAL D 56 -30.12 1.01 -37.48
CA VAL D 56 -30.19 0.93 -36.03
C VAL D 56 -29.54 2.13 -35.38
N PRO D 57 -30.30 2.82 -34.52
CA PRO D 57 -29.81 4.00 -33.81
C PRO D 57 -28.50 3.70 -33.05
N VAL D 58 -27.44 4.38 -33.47
CA VAL D 58 -26.14 4.22 -32.84
C VAL D 58 -25.66 5.60 -32.41
N SER D 59 -24.84 5.63 -31.37
CA SER D 59 -24.33 6.90 -30.87
C SER D 59 -22.81 6.96 -30.84
N VAL D 60 -22.31 8.17 -30.76
CA VAL D 60 -20.87 8.42 -30.72
C VAL D 60 -20.66 9.44 -29.61
N GLN D 61 -19.98 9.03 -28.54
CA GLN D 61 -19.75 9.94 -27.43
C GLN D 61 -18.27 10.16 -27.13
N THR D 62 -17.93 11.40 -26.82
CA THR D 62 -16.56 11.77 -26.50
C THR D 62 -16.32 11.44 -25.04
N THR D 63 -15.18 10.82 -24.73
CA THR D 63 -14.89 10.48 -23.34
C THR D 63 -13.91 11.48 -22.77
N GLY D 64 -13.02 11.93 -23.63
CA GLY D 64 -11.99 12.84 -23.19
C GLY D 64 -10.80 11.92 -22.94
N MET D 65 -9.70 12.46 -22.43
CA MET D 65 -8.54 11.63 -22.18
C MET D 65 -8.46 11.24 -20.73
N GLY D 66 -7.95 10.04 -20.49
CA GLY D 66 -7.81 9.52 -19.15
C GLY D 66 -9.10 8.90 -18.64
N THR D 67 -8.99 7.91 -17.76
CA THR D 67 -10.17 7.28 -17.21
C THR D 67 -10.99 8.27 -16.36
N PRO D 68 -10.35 9.33 -15.84
CA PRO D 68 -11.16 10.25 -15.03
C PRO D 68 -12.27 10.89 -15.86
N SER D 69 -11.90 11.34 -17.05
CA SER D 69 -12.82 11.98 -17.98
C SER D 69 -13.73 10.88 -18.56
N ALA D 70 -13.13 9.75 -18.92
CA ALA D 70 -13.90 8.65 -19.48
C ALA D 70 -14.92 8.12 -18.48
N ALA D 71 -14.59 8.19 -17.19
CA ALA D 71 -15.49 7.70 -16.14
C ALA D 71 -16.81 8.47 -16.13
N ILE D 72 -16.71 9.79 -16.10
CA ILE D 72 -17.88 10.68 -16.07
C ILE D 72 -18.79 10.43 -17.28
N VAL D 73 -18.19 10.40 -18.47
CA VAL D 73 -18.93 10.17 -19.70
C VAL D 73 -19.68 8.82 -19.66
N VAL D 74 -18.99 7.76 -19.26
CA VAL D 74 -19.62 6.44 -19.20
C VAL D 74 -20.68 6.41 -18.11
N GLU D 75 -20.44 7.14 -17.03
CA GLU D 75 -21.37 7.19 -15.91
C GLU D 75 -22.67 7.92 -16.28
N GLU D 76 -22.54 8.95 -17.10
CA GLU D 76 -23.71 9.71 -17.53
C GLU D 76 -24.38 8.94 -18.67
N LEU D 77 -23.59 8.47 -19.62
CA LEU D 77 -24.15 7.69 -20.72
C LEU D 77 -25.04 6.58 -20.16
N VAL D 78 -24.72 6.09 -18.96
CA VAL D 78 -25.49 5.04 -18.32
C VAL D 78 -26.78 5.62 -17.75
N ARG D 79 -26.70 6.84 -17.23
CA ARG D 79 -27.87 7.52 -16.68
C ARG D 79 -28.84 7.89 -17.80
N LEU D 80 -28.30 8.11 -19.00
CA LEU D 80 -29.14 8.49 -20.15
C LEU D 80 -29.83 7.30 -20.76
N GLY D 81 -29.22 6.11 -20.64
CA GLY D 81 -29.83 4.92 -21.19
C GLY D 81 -28.92 4.02 -22.00
N ALA D 82 -27.61 4.23 -21.88
CA ALA D 82 -26.66 3.40 -22.61
C ALA D 82 -26.72 1.98 -22.07
N ARG D 83 -26.57 1.00 -22.97
CA ARG D 83 -26.59 -0.42 -22.60
C ARG D 83 -25.38 -1.12 -23.18
N VAL D 84 -25.02 -0.80 -24.43
CA VAL D 84 -23.87 -1.41 -25.08
C VAL D 84 -22.82 -0.36 -25.50
N LEU D 85 -21.89 -0.06 -24.59
CA LEU D 85 -20.84 0.93 -24.83
C LEU D 85 -19.49 0.32 -25.17
N VAL D 86 -19.04 0.53 -26.40
CA VAL D 86 -17.75 0.00 -26.84
C VAL D 86 -16.78 1.14 -27.12
N ARG D 87 -15.57 1.04 -26.58
CA ARG D 87 -14.58 2.06 -26.81
C ARG D 87 -13.80 1.71 -28.08
N VAL D 88 -13.64 2.71 -28.94
CA VAL D 88 -12.91 2.57 -30.19
C VAL D 88 -11.75 3.55 -30.12
N GLY D 89 -10.60 3.08 -29.62
CA GLY D 89 -9.47 3.99 -29.47
C GLY D 89 -8.13 3.65 -30.07
N THR D 90 -7.13 4.36 -29.57
CA THR D 90 -5.76 4.19 -30.02
C THR D 90 -4.90 3.93 -28.79
N ALA D 91 -3.78 3.26 -28.98
CA ALA D 91 -2.89 2.97 -27.86
C ALA D 91 -1.45 2.89 -28.33
N GLY D 92 -0.53 2.96 -27.36
CA GLY D 92 0.88 2.89 -27.68
C GLY D 92 1.37 1.48 -27.38
N ALA D 93 1.89 0.80 -28.40
CA ALA D 93 2.39 -0.55 -28.23
C ALA D 93 3.51 -0.60 -27.18
N ALA D 94 3.50 -1.67 -26.40
CA ALA D 94 4.49 -1.85 -25.35
C ALA D 94 5.51 -2.87 -25.84
N SER D 95 5.06 -3.66 -26.80
CA SER D 95 5.88 -4.70 -27.38
C SER D 95 6.53 -4.21 -28.65
N SER D 96 7.51 -4.96 -29.14
CA SER D 96 8.19 -4.57 -30.36
C SER D 96 7.62 -5.39 -31.53
N ASP D 97 6.56 -6.15 -31.27
CA ASP D 97 5.96 -6.96 -32.32
C ASP D 97 4.67 -6.36 -32.89
N LEU D 98 4.02 -5.48 -32.14
CA LEU D 98 2.79 -4.85 -32.62
C LEU D 98 3.10 -3.72 -33.61
N ALA D 99 2.54 -3.83 -34.81
CA ALA D 99 2.76 -2.86 -35.88
C ALA D 99 1.80 -1.68 -35.82
N PRO D 100 2.29 -0.47 -36.14
CA PRO D 100 1.41 0.70 -36.09
C PRO D 100 0.28 0.45 -37.07
N GLY D 101 -0.94 0.80 -36.68
CA GLY D 101 -2.07 0.59 -37.57
C GLY D 101 -2.76 -0.75 -37.39
N GLU D 102 -2.25 -1.55 -36.45
CA GLU D 102 -2.84 -2.84 -36.20
C GLU D 102 -3.98 -2.65 -35.21
N LEU D 103 -4.78 -3.68 -34.99
CA LEU D 103 -5.92 -3.61 -34.08
C LEU D 103 -5.75 -4.49 -32.86
N ILE D 104 -6.37 -4.09 -31.75
CA ILE D 104 -6.31 -4.86 -30.53
C ILE D 104 -7.67 -4.98 -29.85
N VAL D 105 -8.17 -6.21 -29.71
CA VAL D 105 -9.44 -6.44 -29.04
C VAL D 105 -9.13 -6.58 -27.55
N ALA D 106 -9.56 -5.60 -26.75
CA ALA D 106 -9.27 -5.58 -25.32
C ALA D 106 -9.86 -6.75 -24.54
N GLN D 107 -9.04 -7.75 -24.22
CA GLN D 107 -9.49 -8.89 -23.43
C GLN D 107 -9.58 -8.41 -21.99
N GLY D 108 -8.82 -7.37 -21.69
CA GLY D 108 -8.83 -6.84 -20.35
C GLY D 108 -7.89 -5.65 -20.28
N ALA D 109 -7.97 -4.90 -19.18
CA ALA D 109 -7.12 -3.74 -19.02
C ALA D 109 -6.41 -3.72 -17.68
N VAL D 110 -5.07 -3.83 -17.70
CA VAL D 110 -4.31 -3.77 -16.46
C VAL D 110 -4.55 -2.40 -15.86
N PRO D 111 -5.19 -2.35 -14.67
CA PRO D 111 -5.54 -1.14 -13.92
C PRO D 111 -4.36 -0.41 -13.31
N LEU D 112 -3.82 0.59 -14.00
CA LEU D 112 -2.69 1.36 -13.49
C LEU D 112 -3.09 2.80 -13.27
N ASP D 113 -4.40 3.05 -13.21
CA ASP D 113 -4.96 4.40 -13.03
C ASP D 113 -5.64 4.54 -11.67
N GLY D 114 -5.75 5.77 -11.20
CA GLY D 114 -6.36 6.03 -9.90
C GLY D 114 -7.87 6.16 -9.86
N THR D 115 -8.52 6.15 -11.03
CA THR D 115 -9.98 6.26 -11.07
C THR D 115 -10.57 4.94 -10.61
N THR D 116 -10.22 3.88 -11.34
CA THR D 116 -10.68 2.54 -11.03
C THR D 116 -10.29 2.23 -9.60
N ARG D 117 -9.10 2.71 -9.23
CA ARG D 117 -8.58 2.50 -7.88
C ARG D 117 -9.45 3.13 -6.82
N GLN D 118 -9.81 4.40 -7.02
CA GLN D 118 -10.65 5.11 -6.05
C GLN D 118 -12.06 4.50 -5.96
N TYR D 119 -12.52 3.94 -7.07
CA TYR D 119 -13.84 3.31 -7.15
C TYR D 119 -13.87 1.95 -6.46
N LEU D 120 -12.70 1.34 -6.36
CA LEU D 120 -12.56 0.02 -5.74
C LEU D 120 -12.06 0.15 -4.30
N GLU D 121 -11.57 1.34 -3.96
CA GLU D 121 -11.04 1.58 -2.62
C GLU D 121 -9.83 0.69 -2.31
N GLY D 122 -8.82 0.74 -3.17
CA GLY D 122 -7.60 -0.04 -2.96
C GLY D 122 -7.61 -1.51 -3.34
N ARG D 123 -8.79 -2.08 -3.56
CA ARG D 123 -8.93 -3.49 -3.87
C ARG D 123 -8.41 -3.99 -5.20
N PRO D 124 -7.87 -5.22 -5.21
CA PRO D 124 -7.34 -5.86 -6.42
C PRO D 124 -8.50 -6.16 -7.35
N TYR D 125 -8.28 -6.02 -8.64
CA TYR D 125 -9.36 -6.30 -9.57
C TYR D 125 -8.81 -6.75 -10.91
N ALA D 126 -9.69 -7.27 -11.76
CA ALA D 126 -9.29 -7.71 -13.07
C ALA D 126 -10.34 -7.18 -14.02
N PRO D 127 -10.16 -5.94 -14.50
CA PRO D 127 -11.03 -5.22 -15.43
C PRO D 127 -11.17 -5.94 -16.76
N VAL D 128 -12.38 -6.42 -17.04
CA VAL D 128 -12.61 -7.11 -18.29
C VAL D 128 -13.88 -6.57 -18.94
N PRO D 129 -14.00 -6.74 -20.26
CA PRO D 129 -15.18 -6.25 -20.96
C PRO D 129 -16.35 -7.17 -20.65
N ASP D 130 -17.47 -6.91 -21.33
CA ASP D 130 -18.67 -7.71 -21.21
C ASP D 130 -18.27 -8.95 -22.01
N PRO D 131 -18.59 -10.15 -21.50
CA PRO D 131 -18.23 -11.38 -22.23
C PRO D 131 -18.62 -11.36 -23.71
N GLU D 132 -19.89 -11.08 -23.98
CA GLU D 132 -20.41 -11.06 -25.33
C GLU D 132 -19.74 -10.03 -26.24
N VAL D 133 -19.80 -8.74 -25.87
CA VAL D 133 -19.17 -7.69 -26.68
C VAL D 133 -17.78 -8.13 -27.12
N PHE D 134 -16.99 -8.59 -26.15
CA PHE D 134 -15.64 -9.05 -26.38
C PHE D 134 -15.67 -10.10 -27.48
N ARG D 135 -16.63 -11.00 -27.38
CA ARG D 135 -16.78 -12.07 -28.35
C ARG D 135 -17.23 -11.50 -29.70
N ALA D 136 -18.01 -10.43 -29.65
CA ALA D 136 -18.49 -9.79 -30.86
C ALA D 136 -17.30 -9.21 -31.59
N LEU D 137 -16.64 -8.23 -30.97
CA LEU D 137 -15.46 -7.60 -31.56
C LEU D 137 -14.51 -8.64 -32.13
N TRP D 138 -14.37 -9.75 -31.42
CA TRP D 138 -13.48 -10.81 -31.85
C TRP D 138 -13.95 -11.51 -33.13
N ARG D 139 -15.14 -12.10 -33.12
CA ARG D 139 -15.65 -12.80 -34.30
C ARG D 139 -15.74 -11.98 -35.60
N ARG D 140 -15.93 -10.68 -35.47
CA ARG D 140 -16.02 -9.80 -36.64
C ARG D 140 -14.65 -9.63 -37.26
N ALA D 141 -13.74 -9.09 -36.45
CA ALA D 141 -12.38 -8.84 -36.88
C ALA D 141 -11.79 -10.01 -37.67
N GLU D 142 -12.45 -11.16 -37.62
CA GLU D 142 -11.97 -12.33 -38.36
C GLU D 142 -12.75 -12.48 -39.65
N ALA D 143 -14.06 -12.29 -39.56
CA ALA D 143 -14.94 -12.39 -40.73
C ALA D 143 -14.64 -11.24 -41.69
N LEU D 144 -13.89 -10.25 -41.18
CA LEU D 144 -13.49 -9.09 -41.95
C LEU D 144 -11.99 -9.09 -42.25
N GLY D 145 -11.39 -10.28 -42.21
CA GLY D 145 -9.97 -10.45 -42.48
C GLY D 145 -8.99 -9.35 -42.07
N TYR D 146 -9.35 -8.56 -41.07
CA TYR D 146 -8.46 -7.49 -40.61
C TYR D 146 -7.47 -7.99 -39.56
N PRO D 147 -6.17 -8.01 -39.89
CA PRO D 147 -5.21 -8.48 -38.89
C PRO D 147 -5.33 -7.72 -37.56
N HIS D 148 -5.53 -8.48 -36.49
CA HIS D 148 -5.71 -7.93 -35.14
C HIS D 148 -5.08 -8.82 -34.06
N ARG D 149 -5.20 -8.41 -32.80
CA ARG D 149 -4.65 -9.18 -31.69
C ARG D 149 -5.65 -9.17 -30.54
N VAL D 150 -5.66 -10.25 -29.76
CA VAL D 150 -6.57 -10.38 -28.63
C VAL D 150 -5.74 -10.53 -27.35
N GLY D 151 -5.81 -9.56 -26.45
CA GLY D 151 -5.05 -9.66 -25.22
C GLY D 151 -5.20 -8.51 -24.24
N LEU D 152 -4.21 -8.33 -23.37
CA LEU D 152 -4.26 -7.28 -22.38
C LEU D 152 -3.65 -5.95 -22.79
N VAL D 153 -4.18 -4.87 -22.22
CA VAL D 153 -3.66 -3.53 -22.44
C VAL D 153 -3.58 -2.93 -21.04
N ALA D 154 -2.78 -1.88 -20.86
CA ALA D 154 -2.68 -1.24 -19.56
C ALA D 154 -3.29 0.15 -19.61
N SER D 155 -3.96 0.55 -18.53
CA SER D 155 -4.62 1.84 -18.44
C SER D 155 -3.87 2.69 -17.44
N GLU D 156 -3.23 3.75 -17.92
CA GLU D 156 -2.46 4.61 -17.05
C GLU D 156 -2.93 6.06 -16.99
N ASP D 157 -2.37 6.80 -16.06
CA ASP D 157 -2.70 8.21 -15.87
C ASP D 157 -1.62 9.13 -16.42
N ALA D 158 -0.36 8.85 -16.11
CA ALA D 158 0.76 9.65 -16.54
C ALA D 158 1.29 9.25 -17.91
N PHE D 159 0.74 9.85 -18.95
CA PHE D 159 1.12 9.57 -20.33
C PHE D 159 2.60 9.69 -20.62
N TYR D 160 3.25 10.66 -20.00
CA TYR D 160 4.68 10.88 -20.20
C TYR D 160 5.60 10.21 -19.21
N ALA D 161 5.05 9.49 -18.24
CA ALA D 161 5.87 8.83 -17.25
C ALA D 161 6.53 7.54 -17.76
N THR D 162 5.71 6.68 -18.34
CA THR D 162 6.19 5.39 -18.85
C THR D 162 7.26 5.36 -19.94
N THR D 163 8.44 4.85 -19.59
CA THR D 163 9.57 4.75 -20.52
C THR D 163 9.56 3.39 -21.23
N PRO D 164 10.11 3.31 -22.44
CA PRO D 164 10.17 2.06 -23.21
C PRO D 164 10.51 0.85 -22.35
N GLU D 165 11.53 1.01 -21.50
CA GLU D 165 11.98 -0.06 -20.63
C GLU D 165 10.89 -0.54 -19.69
N GLU D 166 10.12 0.39 -19.12
CA GLU D 166 9.04 -0.02 -18.24
C GLU D 166 8.00 -0.77 -19.07
N ALA D 167 7.83 -0.32 -20.31
CA ALA D 167 6.86 -0.93 -21.21
C ALA D 167 7.24 -2.36 -21.60
N ARG D 168 8.50 -2.61 -21.91
CA ARG D 168 8.90 -3.97 -22.28
C ARG D 168 8.66 -4.89 -21.09
N ALA D 169 9.01 -4.38 -19.91
CA ALA D 169 8.84 -5.12 -18.67
C ALA D 169 7.37 -5.57 -18.56
N TRP D 170 6.46 -4.62 -18.77
CA TRP D 170 5.03 -4.90 -18.71
C TRP D 170 4.59 -5.88 -19.80
N ALA D 171 5.25 -5.82 -20.95
CA ALA D 171 4.92 -6.71 -22.05
C ALA D 171 5.22 -8.14 -21.66
N ARG D 172 6.15 -8.33 -20.73
CA ARG D 172 6.49 -9.68 -20.31
C ARG D 172 5.28 -10.31 -19.63
N TYR D 173 4.41 -9.48 -19.08
CA TYR D 173 3.21 -9.97 -18.39
C TYR D 173 2.03 -10.11 -19.35
N GLY D 174 2.10 -9.45 -20.49
CA GLY D 174 1.00 -9.58 -21.43
C GLY D 174 0.44 -8.28 -21.97
N VAL D 175 0.86 -7.15 -21.38
CA VAL D 175 0.38 -5.87 -21.87
C VAL D 175 0.80 -5.71 -23.33
N LEU D 176 -0.19 -5.55 -24.21
CA LEU D 176 0.06 -5.38 -25.64
C LEU D 176 0.43 -3.93 -25.90
N ALA D 177 -0.34 -3.04 -25.31
CA ALA D 177 -0.11 -1.62 -25.48
C ALA D 177 -0.61 -0.87 -24.25
N PHE D 178 -0.44 0.45 -24.24
CA PHE D 178 -0.88 1.29 -23.13
C PHE D 178 -1.91 2.29 -23.61
N GLU D 179 -3.09 2.28 -22.99
CA GLU D 179 -4.13 3.23 -23.36
C GLU D 179 -4.53 4.00 -22.10
N MET D 180 -5.64 4.72 -22.13
CA MET D 180 -6.00 5.51 -20.95
C MET D 180 -7.48 5.62 -20.57
N GLU D 181 -8.31 4.66 -20.95
CA GLU D 181 -9.73 4.73 -20.61
C GLU D 181 -10.37 3.36 -20.43
N ALA D 182 -9.71 2.33 -20.97
CA ALA D 182 -10.25 0.98 -20.91
C ALA D 182 -10.64 0.42 -19.53
N SER D 183 -9.77 0.55 -18.54
CA SER D 183 -10.03 -0.02 -17.22
C SER D 183 -11.30 0.45 -16.50
N ALA D 184 -11.49 1.77 -16.41
CA ALA D 184 -12.66 2.33 -15.73
C ALA D 184 -13.94 2.00 -16.49
N LEU D 185 -13.82 1.86 -17.81
CA LEU D 185 -14.96 1.52 -18.65
C LEU D 185 -15.39 0.11 -18.33
N PHE D 186 -14.42 -0.79 -18.26
CA PHE D 186 -14.67 -2.19 -17.94
C PHE D 186 -15.25 -2.31 -16.54
N LEU D 187 -14.64 -1.59 -15.61
CA LEU D 187 -15.09 -1.60 -14.23
C LEU D 187 -16.54 -1.19 -14.15
N LEU D 188 -16.82 0.06 -14.51
CA LEU D 188 -18.17 0.58 -14.49
C LEU D 188 -19.15 -0.36 -15.19
N GLY D 189 -18.67 -1.04 -16.24
CA GLY D 189 -19.50 -1.98 -16.98
C GLY D 189 -20.23 -2.91 -16.01
N ARG D 190 -19.47 -3.52 -15.10
CA ARG D 190 -20.02 -4.42 -14.10
C ARG D 190 -20.72 -3.60 -13.01
N MET D 191 -20.07 -2.54 -12.55
CA MET D 191 -20.62 -1.70 -11.49
C MET D 191 -22.01 -1.11 -11.77
N ARG D 192 -22.27 -0.78 -13.03
CA ARG D 192 -23.55 -0.17 -13.40
C ARG D 192 -24.51 -1.14 -14.09
N GLY D 193 -23.98 -2.23 -14.65
CA GLY D 193 -24.82 -3.21 -15.31
C GLY D 193 -24.93 -3.15 -16.82
N VAL D 194 -24.06 -2.39 -17.45
CA VAL D 194 -24.06 -2.25 -18.90
C VAL D 194 -23.07 -3.21 -19.57
N ARG D 195 -23.19 -3.35 -20.89
CA ARG D 195 -22.29 -4.24 -21.62
C ARG D 195 -21.21 -3.41 -22.32
N THR D 196 -19.97 -3.53 -21.84
CA THR D 196 -18.90 -2.74 -22.45
C THR D 196 -17.93 -3.58 -23.26
N GLY D 197 -17.05 -2.89 -24.00
CA GLY D 197 -16.05 -3.56 -24.80
C GLY D 197 -15.00 -2.56 -25.27
N ALA D 198 -13.92 -3.05 -25.85
CA ALA D 198 -12.89 -2.13 -26.32
C ALA D 198 -11.99 -2.71 -27.39
N ILE D 199 -11.85 -1.94 -28.47
CA ILE D 199 -11.00 -2.30 -29.59
C ILE D 199 -10.10 -1.07 -29.76
N LEU D 200 -8.85 -1.31 -30.15
CA LEU D 200 -7.89 -0.21 -30.28
C LEU D 200 -7.01 -0.25 -31.52
N ALA D 201 -6.53 0.93 -31.91
CA ALA D 201 -5.64 1.09 -33.04
C ALA D 201 -4.27 1.52 -32.49
N VAL D 202 -3.24 0.75 -32.81
CA VAL D 202 -1.89 1.07 -32.34
C VAL D 202 -1.35 2.26 -33.13
N SER D 203 -1.28 3.42 -32.50
CA SER D 203 -0.80 4.61 -33.18
C SER D 203 0.72 4.81 -33.10
N ASN D 204 1.41 4.04 -32.26
CA ASN D 204 2.86 4.18 -32.12
C ASN D 204 3.50 3.15 -31.20
N ARG D 205 4.81 3.31 -30.96
CA ARG D 205 5.55 2.41 -30.08
C ARG D 205 6.13 3.22 -28.94
N ILE D 206 5.53 3.09 -27.75
CA ILE D 206 5.95 3.82 -26.56
C ILE D 206 7.36 4.39 -26.61
N GLY D 207 7.50 5.62 -26.12
CA GLY D 207 8.79 6.27 -26.08
C GLY D 207 9.10 7.10 -27.32
N ASP D 208 8.33 6.89 -28.38
CA ASP D 208 8.52 7.64 -29.63
C ASP D 208 7.72 8.94 -29.64
N PRO D 209 8.37 10.06 -29.97
CA PRO D 209 7.78 11.41 -30.04
C PRO D 209 6.75 11.66 -31.15
N GLU D 210 6.64 10.72 -32.10
CA GLU D 210 5.70 10.88 -33.20
C GLU D 210 5.25 9.54 -33.81
N LEU D 211 3.97 9.49 -34.19
CA LEU D 211 3.35 8.30 -34.79
C LEU D 211 4.03 7.89 -36.10
N ALA D 212 3.30 7.14 -36.95
CA ALA D 212 3.80 6.67 -38.24
C ALA D 212 2.93 7.23 -39.39
N PRO D 213 3.23 6.88 -40.66
CA PRO D 213 2.46 7.37 -41.82
C PRO D 213 0.95 7.51 -41.63
N PRO D 214 0.44 8.75 -41.63
CA PRO D 214 -0.98 9.09 -41.44
C PRO D 214 -1.94 8.13 -42.11
N GLU D 215 -1.63 7.76 -43.34
CA GLU D 215 -2.47 6.84 -44.10
C GLU D 215 -2.78 5.59 -43.29
N VAL D 216 -1.73 4.88 -42.90
CA VAL D 216 -1.89 3.64 -42.14
C VAL D 216 -2.74 3.79 -40.88
N LEU D 217 -2.45 4.84 -40.10
CA LEU D 217 -3.16 5.10 -38.85
C LEU D 217 -4.65 5.38 -38.98
N GLN D 218 -5.07 5.93 -40.12
CA GLN D 218 -6.48 6.24 -40.34
C GLN D 218 -7.21 4.98 -40.80
N GLU D 219 -6.54 4.14 -41.58
CA GLU D 219 -7.17 2.91 -42.05
C GLU D 219 -7.30 1.94 -40.89
N GLY D 220 -6.48 2.13 -39.87
CA GLY D 220 -6.54 1.27 -38.70
C GLY D 220 -7.74 1.68 -37.88
N VAL D 221 -7.94 2.99 -37.78
CA VAL D 221 -9.05 3.55 -37.03
C VAL D 221 -10.34 3.28 -37.79
N ARG D 222 -10.31 3.52 -39.09
CA ARG D 222 -11.49 3.27 -39.90
C ARG D 222 -11.94 1.84 -39.64
N ARG D 223 -11.05 0.88 -39.89
CA ARG D 223 -11.34 -0.53 -39.65
C ARG D 223 -11.99 -0.67 -38.27
N MET D 224 -11.23 -0.28 -37.25
CA MET D 224 -11.69 -0.33 -35.87
C MET D 224 -13.16 0.01 -35.70
N VAL D 225 -13.60 1.14 -36.26
CA VAL D 225 -15.00 1.56 -36.15
C VAL D 225 -15.94 0.62 -36.91
N GLU D 226 -15.49 0.09 -38.05
CA GLU D 226 -16.30 -0.84 -38.82
C GLU D 226 -16.51 -2.07 -37.92
N VAL D 227 -15.39 -2.64 -37.47
CA VAL D 227 -15.41 -3.80 -36.60
C VAL D 227 -16.23 -3.50 -35.34
N ALA D 228 -16.28 -2.24 -34.94
CA ALA D 228 -17.04 -1.85 -33.76
C ALA D 228 -18.53 -1.73 -34.05
N LEU D 229 -18.89 -0.73 -34.85
CA LEU D 229 -20.29 -0.49 -35.20
C LEU D 229 -21.05 -1.75 -35.55
N GLU D 230 -20.40 -2.67 -36.28
CA GLU D 230 -21.07 -3.90 -36.65
C GLU D 230 -21.36 -4.76 -35.41
N ALA D 231 -20.51 -4.64 -34.39
CA ALA D 231 -20.68 -5.41 -33.17
C ALA D 231 -21.77 -4.91 -32.25
N VAL D 232 -21.75 -3.63 -31.88
CA VAL D 232 -22.78 -3.09 -30.99
C VAL D 232 -24.18 -3.45 -31.44
N LEU D 233 -24.34 -3.79 -32.71
CA LEU D 233 -25.64 -4.17 -33.24
C LEU D 233 -25.93 -5.65 -33.01
N GLU D 234 -24.87 -6.45 -32.87
CA GLU D 234 -25.02 -7.88 -32.66
C GLU D 234 -25.29 -8.25 -31.20
N VAL D 235 -25.28 -7.25 -30.32
CA VAL D 235 -25.51 -7.49 -28.91
C VAL D 235 -26.56 -6.56 -28.33
N SER E 2 15.21 -33.41 -12.32
CA SER E 2 13.71 -33.45 -12.36
C SER E 2 13.14 -32.38 -11.43
N PRO E 3 11.90 -31.94 -11.68
CA PRO E 3 11.28 -30.92 -10.83
C PRO E 3 11.33 -31.34 -9.37
N ILE E 4 11.39 -30.34 -8.48
CA ILE E 4 11.46 -30.57 -7.04
C ILE E 4 10.18 -31.19 -6.47
N HIS E 5 9.02 -30.79 -7.01
CA HIS E 5 7.75 -31.27 -6.50
C HIS E 5 7.00 -32.27 -7.37
N VAL E 6 6.68 -31.91 -8.61
CA VAL E 6 6.00 -32.90 -9.45
C VAL E 6 7.13 -33.70 -10.09
N ARG E 7 7.59 -34.73 -9.38
CA ARG E 7 8.69 -35.56 -9.87
C ARG E 7 8.35 -36.45 -11.07
N ALA E 8 8.06 -35.81 -12.21
CA ALA E 8 7.70 -36.53 -13.42
C ALA E 8 8.80 -36.40 -14.47
N HIS E 9 8.71 -37.25 -15.48
CA HIS E 9 9.67 -37.29 -16.58
C HIS E 9 9.05 -36.51 -17.72
N PRO E 10 9.87 -35.75 -18.48
CA PRO E 10 9.38 -34.95 -19.61
C PRO E 10 8.41 -35.74 -20.52
N GLY E 11 8.75 -37.00 -20.78
CA GLY E 11 7.89 -37.82 -21.61
C GLY E 11 6.57 -38.12 -20.93
N ASP E 12 6.48 -37.86 -19.63
CA ASP E 12 5.25 -38.13 -18.87
C ASP E 12 4.12 -37.13 -19.07
N VAL E 13 4.42 -35.85 -18.89
CA VAL E 13 3.40 -34.80 -19.05
C VAL E 13 3.08 -34.48 -20.50
N ALA E 14 1.80 -34.51 -20.85
CA ALA E 14 1.34 -34.23 -22.20
C ALA E 14 1.26 -32.73 -22.47
N GLU E 15 1.02 -32.36 -23.72
CA GLU E 15 0.93 -30.95 -24.08
C GLU E 15 -0.28 -30.31 -23.43
N ARG E 16 -1.40 -31.04 -23.44
CA ARG E 16 -2.66 -30.58 -22.86
C ARG E 16 -2.81 -31.15 -21.44
N VAL E 17 -3.23 -30.29 -20.50
CA VAL E 17 -3.34 -30.70 -19.09
C VAL E 17 -4.54 -30.14 -18.32
N LEU E 18 -5.30 -31.03 -17.67
CA LEU E 18 -6.42 -30.56 -16.87
C LEU E 18 -5.83 -30.34 -15.46
N LEU E 19 -6.21 -29.26 -14.80
CA LEU E 19 -5.66 -28.96 -13.48
C LEU E 19 -6.64 -28.95 -12.29
N PRO E 20 -6.99 -30.14 -11.76
CA PRO E 20 -7.90 -30.21 -10.62
C PRO E 20 -7.16 -29.86 -9.31
N GLY E 21 -7.86 -29.30 -8.34
CA GLY E 21 -7.21 -28.95 -7.09
C GLY E 21 -7.07 -30.12 -6.15
N ASP E 22 -8.05 -31.02 -6.18
CA ASP E 22 -8.07 -32.20 -5.32
C ASP E 22 -7.63 -33.50 -5.99
N PRO E 23 -6.54 -34.12 -5.47
CA PRO E 23 -6.02 -35.38 -6.04
C PRO E 23 -7.07 -36.48 -6.18
N GLY E 24 -8.18 -36.33 -5.48
CA GLY E 24 -9.24 -37.33 -5.56
C GLY E 24 -9.98 -37.22 -6.87
N ARG E 25 -10.14 -35.98 -7.36
CA ARG E 25 -10.82 -35.73 -8.62
C ARG E 25 -9.90 -36.07 -9.79
N ALA E 26 -8.60 -35.86 -9.61
CA ALA E 26 -7.64 -36.17 -10.68
C ALA E 26 -7.79 -37.65 -10.99
N GLU E 27 -7.51 -38.48 -10.00
CA GLU E 27 -7.63 -39.93 -10.14
C GLU E 27 -8.96 -40.35 -10.79
N TRP E 28 -10.04 -39.71 -10.37
CA TRP E 28 -11.34 -40.03 -10.91
C TRP E 28 -11.37 -39.68 -12.40
N ILE E 29 -11.02 -38.43 -12.72
CA ILE E 29 -11.00 -38.00 -14.10
C ILE E 29 -10.23 -39.05 -14.90
N ALA E 30 -8.94 -39.14 -14.60
CA ALA E 30 -8.04 -40.09 -15.26
C ALA E 30 -8.68 -41.45 -15.51
N LYS E 31 -9.47 -41.94 -14.56
CA LYS E 31 -10.09 -43.24 -14.70
C LYS E 31 -11.45 -43.24 -15.35
N THR E 32 -12.11 -42.10 -15.41
CA THR E 32 -13.42 -42.03 -16.03
C THR E 32 -13.35 -41.62 -17.49
N PHE E 33 -12.44 -40.71 -17.83
CA PHE E 33 -12.34 -40.23 -19.19
C PHE E 33 -11.13 -40.72 -19.98
N LEU E 34 -10.07 -41.10 -19.28
CA LEU E 34 -8.89 -41.52 -19.99
C LEU E 34 -8.77 -43.00 -20.30
N GLN E 35 -8.30 -43.24 -21.51
CA GLN E 35 -8.08 -44.58 -22.02
C GLN E 35 -6.65 -44.92 -21.60
N ASN E 36 -6.44 -46.14 -21.12
CA ASN E 36 -5.12 -46.56 -20.72
C ASN E 36 -4.38 -45.43 -19.99
N PRO E 37 -4.88 -45.03 -18.82
CA PRO E 37 -4.29 -43.95 -18.01
C PRO E 37 -3.21 -44.48 -17.06
N ARG E 38 -2.16 -43.69 -16.85
CA ARG E 38 -1.06 -44.09 -15.98
C ARG E 38 -0.62 -42.95 -15.06
N ARG E 39 -0.42 -43.24 -13.78
CA ARG E 39 0.01 -42.22 -12.84
C ARG E 39 1.52 -42.02 -12.99
N TYR E 40 1.95 -40.79 -13.23
CA TYR E 40 3.37 -40.51 -13.41
C TYR E 40 4.03 -39.86 -12.18
N ASN E 41 3.23 -39.48 -11.19
CA ASN E 41 3.74 -38.83 -9.98
C ASN E 41 2.82 -38.93 -8.76
N ASP E 42 3.40 -39.09 -7.57
CA ASP E 42 2.59 -39.12 -6.35
C ASP E 42 3.34 -38.53 -5.15
N HIS E 43 4.39 -37.76 -5.44
CA HIS E 43 5.17 -37.11 -4.39
C HIS E 43 4.33 -35.99 -3.80
N ARG E 44 4.50 -35.71 -2.52
CA ARG E 44 3.70 -34.67 -1.89
C ARG E 44 2.20 -34.80 -2.20
N GLY E 45 1.79 -36.00 -2.62
CA GLY E 45 0.39 -36.26 -2.91
C GLY E 45 -0.16 -35.53 -4.11
N LEU E 46 0.75 -35.07 -4.96
CA LEU E 46 0.37 -34.33 -6.16
C LEU E 46 0.14 -35.28 -7.36
N TRP E 47 -0.72 -36.27 -7.15
CA TRP E 47 -1.07 -37.27 -8.15
C TRP E 47 -1.27 -36.71 -9.57
N GLY E 48 -0.48 -37.23 -10.51
CA GLY E 48 -0.56 -36.79 -11.90
C GLY E 48 -0.64 -38.00 -12.82
N TYR E 49 -1.63 -38.01 -13.71
CA TYR E 49 -1.83 -39.12 -14.64
C TYR E 49 -1.84 -38.65 -16.10
N THR E 50 -1.42 -39.55 -16.98
CA THR E 50 -1.38 -39.29 -18.42
C THR E 50 -2.10 -40.41 -19.18
N GLY E 51 -2.94 -40.02 -20.14
CA GLY E 51 -3.67 -41.01 -20.92
C GLY E 51 -4.04 -40.50 -22.30
N LEU E 52 -5.04 -41.11 -22.91
CA LEU E 52 -5.50 -40.70 -24.24
C LEU E 52 -6.98 -40.34 -24.21
N TYR E 53 -7.34 -39.21 -24.81
CA TYR E 53 -8.75 -38.82 -24.87
C TYR E 53 -9.08 -38.65 -26.34
N LYS E 54 -9.66 -39.70 -26.92
CA LYS E 54 -10.00 -39.70 -28.33
C LYS E 54 -8.73 -39.52 -29.15
N GLY E 55 -7.83 -40.50 -29.01
CA GLY E 55 -6.57 -40.49 -29.76
C GLY E 55 -5.50 -39.52 -29.29
N VAL E 56 -5.91 -38.48 -28.57
CA VAL E 56 -4.99 -37.47 -28.09
C VAL E 56 -4.53 -37.72 -26.65
N PRO E 57 -3.23 -37.50 -26.36
CA PRO E 57 -2.65 -37.69 -25.04
C PRO E 57 -2.99 -36.51 -24.14
N VAL E 58 -3.47 -36.79 -22.93
CA VAL E 58 -3.86 -35.74 -21.99
C VAL E 58 -3.55 -36.05 -20.52
N SER E 59 -2.86 -35.12 -19.86
CA SER E 59 -2.50 -35.27 -18.46
C SER E 59 -3.46 -34.56 -17.52
N VAL E 60 -3.62 -35.12 -16.33
CA VAL E 60 -4.48 -34.57 -15.28
C VAL E 60 -3.60 -34.41 -14.05
N GLN E 61 -3.14 -33.18 -13.79
CA GLN E 61 -2.24 -32.92 -12.65
C GLN E 61 -2.92 -32.21 -11.47
N THR E 62 -2.62 -32.67 -10.27
CA THR E 62 -3.19 -32.05 -9.07
C THR E 62 -2.39 -30.79 -8.76
N THR E 63 -3.05 -29.75 -8.24
CA THR E 63 -2.35 -28.51 -7.93
C THR E 63 -2.27 -28.26 -6.43
N GLY E 64 -3.28 -28.75 -5.71
CA GLY E 64 -3.36 -28.54 -4.29
C GLY E 64 -4.29 -27.36 -4.07
N MET E 65 -4.32 -26.83 -2.85
CA MET E 65 -5.18 -25.69 -2.57
C MET E 65 -4.37 -24.41 -2.34
N GLY E 66 -4.73 -23.36 -3.07
CA GLY E 66 -4.04 -22.08 -2.96
C GLY E 66 -3.04 -21.81 -4.07
N THR E 67 -2.90 -20.55 -4.49
CA THR E 67 -1.96 -20.25 -5.57
C THR E 67 -0.48 -20.66 -5.30
N PRO E 68 -0.02 -20.70 -4.04
CA PRO E 68 1.37 -21.10 -3.80
C PRO E 68 1.65 -22.51 -4.31
N SER E 69 0.73 -23.41 -3.96
CA SER E 69 0.84 -24.80 -4.36
C SER E 69 0.62 -24.87 -5.86
N ALA E 70 -0.40 -24.16 -6.33
CA ALA E 70 -0.75 -24.14 -7.74
C ALA E 70 0.38 -23.58 -8.62
N ALA E 71 0.99 -22.49 -8.19
CA ALA E 71 2.09 -21.88 -8.96
C ALA E 71 3.27 -22.84 -9.04
N ILE E 72 3.61 -23.49 -7.93
CA ILE E 72 4.70 -24.46 -7.92
C ILE E 72 4.42 -25.52 -9.00
N VAL E 73 3.18 -25.99 -9.01
CA VAL E 73 2.76 -27.00 -9.98
C VAL E 73 2.82 -26.49 -11.41
N VAL E 74 2.08 -25.43 -11.71
CA VAL E 74 2.06 -24.87 -13.05
C VAL E 74 3.48 -24.58 -13.59
N GLU E 75 4.34 -24.02 -12.73
CA GLU E 75 5.71 -23.71 -13.13
C GLU E 75 6.44 -24.96 -13.59
N GLU E 76 6.37 -26.03 -12.80
CA GLU E 76 7.07 -27.26 -13.14
C GLU E 76 6.46 -27.99 -14.33
N LEU E 77 5.16 -27.83 -14.54
CA LEU E 77 4.50 -28.46 -15.67
C LEU E 77 4.97 -27.77 -16.95
N VAL E 78 5.14 -26.45 -16.90
CA VAL E 78 5.58 -25.72 -18.08
C VAL E 78 6.97 -26.23 -18.44
N ARG E 79 7.79 -26.39 -17.42
CA ARG E 79 9.17 -26.86 -17.56
C ARG E 79 9.25 -28.31 -18.06
N LEU E 80 8.12 -29.02 -18.00
CA LEU E 80 8.08 -30.41 -18.44
C LEU E 80 7.34 -30.51 -19.77
N GLY E 81 7.24 -29.39 -20.46
CA GLY E 81 6.61 -29.38 -21.77
C GLY E 81 5.12 -29.11 -21.90
N ALA E 82 4.46 -28.66 -20.83
CA ALA E 82 3.03 -28.37 -20.90
C ALA E 82 2.79 -27.13 -21.73
N ARG E 83 1.82 -27.20 -22.63
CA ARG E 83 1.51 -26.07 -23.49
C ARG E 83 0.14 -25.51 -23.17
N VAL E 84 -0.81 -26.41 -22.93
CA VAL E 84 -2.18 -26.00 -22.63
C VAL E 84 -2.67 -26.57 -21.31
N LEU E 85 -2.88 -25.68 -20.32
CA LEU E 85 -3.35 -26.09 -19.01
C LEU E 85 -4.69 -25.49 -18.64
N VAL E 86 -5.67 -26.35 -18.37
CA VAL E 86 -6.99 -25.92 -18.01
C VAL E 86 -7.36 -26.35 -16.58
N ARG E 87 -7.64 -25.37 -15.75
CA ARG E 87 -8.03 -25.62 -14.37
C ARG E 87 -9.49 -26.03 -14.29
N VAL E 88 -9.76 -27.20 -13.71
CA VAL E 88 -11.12 -27.69 -13.55
C VAL E 88 -11.37 -27.79 -12.07
N GLY E 89 -11.70 -26.67 -11.45
CA GLY E 89 -11.93 -26.67 -10.03
C GLY E 89 -13.36 -26.34 -9.62
N THR E 90 -13.57 -26.21 -8.32
CA THR E 90 -14.88 -25.88 -7.78
C THR E 90 -14.80 -24.44 -7.33
N ALA E 91 -15.89 -23.89 -6.82
CA ALA E 91 -15.87 -22.52 -6.35
C ALA E 91 -17.06 -22.21 -5.49
N GLY E 92 -17.01 -21.05 -4.83
CA GLY E 92 -18.08 -20.63 -3.96
C GLY E 92 -18.82 -19.43 -4.51
N ALA E 93 -20.13 -19.59 -4.69
CA ALA E 93 -20.95 -18.51 -5.21
C ALA E 93 -20.86 -17.28 -4.29
N ALA E 94 -20.85 -16.10 -4.89
CA ALA E 94 -20.76 -14.87 -4.14
C ALA E 94 -22.14 -14.22 -4.06
N SER E 95 -23.04 -14.62 -4.94
CA SER E 95 -24.38 -14.08 -4.95
C SER E 95 -25.44 -15.18 -4.92
N SER E 96 -26.69 -14.79 -5.16
CA SER E 96 -27.80 -15.74 -5.12
C SER E 96 -28.25 -16.27 -6.48
N ASP E 97 -27.63 -15.79 -7.56
CA ASP E 97 -28.02 -16.27 -8.89
C ASP E 97 -27.15 -17.42 -9.40
N LEU E 98 -26.34 -17.99 -8.51
CA LEU E 98 -25.45 -19.08 -8.90
C LEU E 98 -25.62 -20.34 -8.05
N ALA E 99 -26.78 -20.97 -8.13
CA ALA E 99 -27.01 -22.20 -7.37
C ALA E 99 -25.91 -23.20 -7.67
N PRO E 100 -25.50 -24.01 -6.69
CA PRO E 100 -24.45 -24.99 -6.91
C PRO E 100 -24.77 -25.93 -8.06
N GLY E 101 -23.72 -26.39 -8.74
CA GLY E 101 -23.89 -27.28 -9.88
C GLY E 101 -23.73 -26.50 -11.17
N GLU E 102 -24.08 -25.22 -11.10
CA GLU E 102 -23.98 -24.33 -12.25
C GLU E 102 -22.50 -24.26 -12.65
N LEU E 103 -22.24 -24.01 -13.93
CA LEU E 103 -20.88 -23.92 -14.45
C LEU E 103 -20.42 -22.48 -14.61
N ILE E 104 -19.11 -22.26 -14.49
CA ILE E 104 -18.54 -20.92 -14.63
C ILE E 104 -17.32 -20.94 -15.53
N VAL E 105 -17.36 -20.16 -16.60
CA VAL E 105 -16.21 -20.09 -17.49
C VAL E 105 -15.49 -18.80 -17.11
N ALA E 106 -14.30 -18.96 -16.52
CA ALA E 106 -13.50 -17.85 -16.03
C ALA E 106 -12.91 -16.94 -17.11
N GLN E 107 -13.40 -15.70 -17.16
CA GLN E 107 -12.98 -14.67 -18.11
C GLN E 107 -11.75 -13.98 -17.53
N GLY E 108 -11.79 -13.79 -16.22
CA GLY E 108 -10.69 -13.15 -15.53
C GLY E 108 -10.74 -13.59 -14.09
N ALA E 109 -9.61 -13.43 -13.39
CA ALA E 109 -9.57 -13.82 -12.00
C ALA E 109 -9.02 -12.66 -11.15
N VAL E 110 -9.87 -12.10 -10.28
CA VAL E 110 -9.48 -11.01 -9.42
C VAL E 110 -8.39 -11.53 -8.49
N PRO E 111 -7.21 -10.90 -8.51
CA PRO E 111 -6.03 -11.26 -7.70
C PRO E 111 -6.06 -10.90 -6.22
N LEU E 112 -6.65 -11.77 -5.40
CA LEU E 112 -6.70 -11.50 -3.96
C LEU E 112 -5.67 -12.35 -3.24
N ASP E 113 -4.76 -12.95 -4.01
CA ASP E 113 -3.72 -13.82 -3.47
C ASP E 113 -2.34 -13.17 -3.45
N GLY E 114 -1.43 -13.74 -2.68
CA GLY E 114 -0.10 -13.18 -2.59
C GLY E 114 0.89 -13.77 -3.58
N THR E 115 0.53 -14.89 -4.19
CA THR E 115 1.42 -15.52 -5.17
C THR E 115 1.59 -14.56 -6.35
N THR E 116 0.47 -14.10 -6.91
CA THR E 116 0.50 -13.20 -8.04
C THR E 116 1.05 -11.86 -7.59
N ARG E 117 0.87 -11.55 -6.32
CA ARG E 117 1.35 -10.30 -5.76
C ARG E 117 2.88 -10.32 -5.68
N GLN E 118 3.45 -11.46 -5.31
CA GLN E 118 4.91 -11.55 -5.20
C GLN E 118 5.52 -11.56 -6.59
N TYR E 119 4.87 -12.23 -7.53
CA TYR E 119 5.36 -12.27 -8.89
C TYR E 119 5.40 -10.87 -9.51
N LEU E 120 4.26 -10.18 -9.42
CA LEU E 120 4.11 -8.85 -9.98
C LEU E 120 4.83 -7.74 -9.24
N GLU E 121 5.26 -8.04 -8.02
CA GLU E 121 5.94 -7.07 -7.19
C GLU E 121 5.03 -5.91 -6.79
N GLY E 122 3.86 -6.28 -6.30
CA GLY E 122 2.88 -5.31 -5.86
C GLY E 122 2.23 -4.50 -6.97
N ARG E 123 2.58 -4.78 -8.22
CA ARG E 123 1.98 -4.05 -9.32
C ARG E 123 0.57 -4.56 -9.59
N PRO E 124 -0.33 -3.65 -9.98
CA PRO E 124 -1.73 -3.96 -10.29
C PRO E 124 -1.74 -4.89 -11.50
N TYR E 125 -2.88 -5.50 -11.80
CA TYR E 125 -2.93 -6.42 -12.94
C TYR E 125 -4.34 -6.97 -13.19
N ALA E 126 -4.52 -7.63 -14.34
CA ALA E 126 -5.79 -8.22 -14.71
C ALA E 126 -5.56 -9.67 -15.11
N PRO E 127 -5.51 -10.59 -14.13
CA PRO E 127 -5.27 -11.99 -14.47
C PRO E 127 -6.35 -12.51 -15.39
N VAL E 128 -5.96 -12.95 -16.57
CA VAL E 128 -6.93 -13.47 -17.53
C VAL E 128 -6.40 -14.71 -18.23
N PRO E 129 -7.32 -15.53 -18.77
CA PRO E 129 -6.89 -16.74 -19.46
C PRO E 129 -6.39 -16.43 -20.87
N ASP E 130 -5.95 -17.46 -21.57
CA ASP E 130 -5.53 -17.31 -22.96
C ASP E 130 -6.84 -17.15 -23.75
N PRO E 131 -6.91 -16.17 -24.67
CA PRO E 131 -8.12 -15.94 -25.47
C PRO E 131 -8.70 -17.19 -26.15
N GLU E 132 -7.91 -17.81 -27.04
CA GLU E 132 -8.34 -19.01 -27.74
C GLU E 132 -8.80 -20.15 -26.81
N VAL E 133 -8.11 -20.31 -25.67
CA VAL E 133 -8.47 -21.36 -24.71
C VAL E 133 -9.79 -20.97 -24.05
N PHE E 134 -9.90 -19.69 -23.72
CA PHE E 134 -11.10 -19.16 -23.10
C PHE E 134 -12.25 -19.40 -24.06
N ARG E 135 -12.04 -19.03 -25.33
CA ARG E 135 -13.05 -19.18 -26.37
C ARG E 135 -13.50 -20.62 -26.57
N ALA E 136 -12.55 -21.54 -26.53
CA ALA E 136 -12.82 -22.94 -26.71
C ALA E 136 -13.81 -23.46 -25.66
N LEU E 137 -13.45 -23.29 -24.39
CA LEU E 137 -14.29 -23.73 -23.28
C LEU E 137 -15.71 -23.26 -23.51
N TRP E 138 -15.86 -21.96 -23.72
CA TRP E 138 -17.15 -21.34 -23.96
C TRP E 138 -17.95 -22.09 -25.03
N ARG E 139 -17.35 -22.20 -26.23
CA ARG E 139 -18.00 -22.89 -27.34
C ARG E 139 -18.41 -24.33 -27.04
N ARG E 140 -17.51 -25.09 -26.42
CA ARG E 140 -17.82 -26.47 -26.10
C ARG E 140 -18.98 -26.60 -25.10
N ALA E 141 -19.12 -25.60 -24.23
CA ALA E 141 -20.21 -25.62 -23.25
C ALA E 141 -21.57 -25.49 -23.95
N GLU E 142 -21.63 -24.59 -24.92
CA GLU E 142 -22.87 -24.39 -25.69
C GLU E 142 -23.08 -25.63 -26.53
N ALA E 143 -22.02 -26.02 -27.24
CA ALA E 143 -22.05 -27.20 -28.10
C ALA E 143 -22.70 -28.37 -27.36
N LEU E 144 -22.01 -28.86 -26.33
CA LEU E 144 -22.50 -29.99 -25.55
C LEU E 144 -23.80 -29.59 -24.84
N GLY E 145 -24.05 -28.29 -24.78
CA GLY E 145 -25.28 -27.80 -24.18
C GLY E 145 -25.55 -28.02 -22.71
N TYR E 146 -24.80 -27.31 -21.87
CA TYR E 146 -24.95 -27.38 -20.42
C TYR E 146 -25.13 -25.94 -19.93
N PRO E 147 -26.03 -25.70 -18.97
CA PRO E 147 -26.19 -24.32 -18.50
C PRO E 147 -24.91 -23.75 -17.86
N HIS E 148 -24.44 -22.62 -18.39
CA HIS E 148 -23.22 -21.99 -17.87
C HIS E 148 -23.28 -20.48 -17.72
N ARG E 149 -22.29 -19.95 -17.00
CA ARG E 149 -22.16 -18.53 -16.75
C ARG E 149 -20.72 -18.11 -17.14
N VAL E 150 -20.56 -16.95 -17.73
CA VAL E 150 -19.21 -16.50 -18.12
C VAL E 150 -18.90 -15.18 -17.42
N GLY E 151 -17.85 -15.17 -16.61
CA GLY E 151 -17.49 -13.94 -15.92
C GLY E 151 -16.26 -14.03 -15.03
N LEU E 152 -16.25 -13.20 -14.01
CA LEU E 152 -15.13 -13.15 -13.08
C LEU E 152 -15.28 -14.09 -11.90
N VAL E 153 -14.12 -14.47 -11.37
CA VAL E 153 -14.03 -15.29 -10.16
C VAL E 153 -12.88 -14.61 -9.46
N ALA E 154 -12.87 -14.69 -8.13
CA ALA E 154 -11.80 -14.09 -7.36
C ALA E 154 -10.98 -15.21 -6.73
N SER E 155 -9.65 -15.07 -6.81
CA SER E 155 -8.74 -16.06 -6.24
C SER E 155 -8.27 -15.49 -4.92
N GLU E 156 -8.62 -16.17 -3.82
CA GLU E 156 -8.22 -15.70 -2.48
C GLU E 156 -7.29 -16.67 -1.77
N ASP E 157 -6.65 -16.19 -0.70
CA ASP E 157 -5.72 -16.99 0.08
C ASP E 157 -6.38 -17.56 1.33
N ALA E 158 -7.20 -16.77 2.00
CA ALA E 158 -7.84 -17.20 3.24
C ALA E 158 -9.29 -17.64 3.13
N PHE E 159 -9.48 -18.92 2.82
CA PHE E 159 -10.78 -19.59 2.70
C PHE E 159 -11.79 -19.20 3.80
N TYR E 160 -11.40 -19.31 5.07
CA TYR E 160 -12.31 -18.99 6.17
C TYR E 160 -12.37 -17.51 6.57
N ALA E 161 -11.76 -16.63 5.77
CA ALA E 161 -11.78 -15.21 6.07
C ALA E 161 -13.00 -14.52 5.47
N THR E 162 -13.07 -14.51 4.15
CA THR E 162 -14.16 -13.87 3.43
C THR E 162 -15.50 -14.21 4.09
N THR E 163 -16.23 -13.17 4.45
CA THR E 163 -17.52 -13.31 5.10
C THR E 163 -18.68 -13.10 4.11
N PRO E 164 -19.84 -13.72 4.38
CA PRO E 164 -21.05 -13.63 3.56
C PRO E 164 -21.32 -12.23 2.99
N GLU E 165 -21.02 -11.22 3.78
CA GLU E 165 -21.24 -9.86 3.35
C GLU E 165 -20.20 -9.46 2.29
N GLU E 166 -18.92 -9.53 2.65
CA GLU E 166 -17.82 -9.18 1.75
C GLU E 166 -18.00 -9.84 0.39
N ALA E 167 -18.60 -11.02 0.36
CA ALA E 167 -18.81 -11.70 -0.91
C ALA E 167 -19.76 -10.87 -1.78
N ARG E 168 -20.90 -10.50 -1.22
CA ARG E 168 -21.85 -9.70 -1.98
C ARG E 168 -21.19 -8.37 -2.38
N ALA E 169 -20.29 -7.88 -1.55
CA ALA E 169 -19.59 -6.63 -1.84
C ALA E 169 -18.82 -6.85 -3.14
N TRP E 170 -18.20 -8.02 -3.27
CA TRP E 170 -17.46 -8.34 -4.48
C TRP E 170 -18.41 -8.61 -5.63
N ALA E 171 -19.55 -9.22 -5.33
CA ALA E 171 -20.53 -9.50 -6.35
C ALA E 171 -20.86 -8.21 -7.10
N ARG E 172 -20.88 -7.11 -6.36
CA ARG E 172 -21.19 -5.79 -6.91
C ARG E 172 -20.12 -5.27 -7.87
N TYR E 173 -19.00 -5.98 -7.97
CA TYR E 173 -17.94 -5.58 -8.87
C TYR E 173 -17.89 -6.65 -9.96
N GLY E 174 -18.85 -7.57 -9.91
CA GLY E 174 -18.92 -8.61 -10.92
C GLY E 174 -18.25 -9.94 -10.65
N VAL E 175 -17.93 -10.23 -9.40
CA VAL E 175 -17.30 -11.51 -9.05
C VAL E 175 -18.39 -12.56 -8.99
N LEU E 176 -18.26 -13.60 -9.81
CA LEU E 176 -19.25 -14.67 -9.84
C LEU E 176 -19.04 -15.71 -8.73
N ALA E 177 -17.80 -15.97 -8.35
CA ALA E 177 -17.50 -16.97 -7.33
C ALA E 177 -16.09 -16.85 -6.78
N PHE E 178 -15.85 -17.49 -5.64
CA PHE E 178 -14.53 -17.48 -5.00
C PHE E 178 -13.83 -18.84 -5.09
N GLU E 179 -12.60 -18.84 -5.61
CA GLU E 179 -11.82 -20.07 -5.71
C GLU E 179 -10.41 -19.79 -5.17
N MET E 180 -9.45 -20.67 -5.42
CA MET E 180 -8.13 -20.42 -4.88
C MET E 180 -6.91 -20.68 -5.77
N GLU E 181 -7.06 -20.62 -7.10
CA GLU E 181 -5.87 -20.83 -7.95
C GLU E 181 -5.79 -20.07 -9.27
N ALA E 182 -6.91 -19.92 -9.95
CA ALA E 182 -6.98 -19.25 -11.25
C ALA E 182 -6.00 -18.09 -11.49
N SER E 183 -6.05 -17.07 -10.63
CA SER E 183 -5.20 -15.90 -10.80
C SER E 183 -3.75 -16.26 -11.14
N ALA E 184 -3.10 -17.01 -10.28
CA ALA E 184 -1.71 -17.40 -10.55
C ALA E 184 -1.57 -18.23 -11.81
N LEU E 185 -2.51 -19.12 -12.09
CA LEU E 185 -2.44 -19.93 -13.30
C LEU E 185 -2.41 -19.02 -14.53
N PHE E 186 -3.28 -18.01 -14.52
CA PHE E 186 -3.37 -17.04 -15.62
C PHE E 186 -2.11 -16.13 -15.68
N LEU E 187 -1.62 -15.65 -14.54
CA LEU E 187 -0.43 -14.80 -14.58
C LEU E 187 0.73 -15.59 -15.18
N LEU E 188 0.97 -16.80 -14.67
CA LEU E 188 2.06 -17.63 -15.19
C LEU E 188 1.84 -17.91 -16.65
N GLY E 189 0.58 -18.15 -17.00
CA GLY E 189 0.26 -18.42 -18.40
C GLY E 189 0.92 -17.40 -19.30
N ARG E 190 0.78 -16.12 -18.95
CA ARG E 190 1.36 -15.05 -19.75
C ARG E 190 2.86 -14.96 -19.65
N MET E 191 3.36 -15.07 -18.42
CA MET E 191 4.79 -15.00 -18.15
C MET E 191 5.57 -16.11 -18.86
N ARG E 192 5.08 -17.34 -18.77
CA ARG E 192 5.76 -18.47 -19.40
C ARG E 192 5.25 -18.83 -20.80
N GLY E 193 4.45 -17.95 -21.39
CA GLY E 193 3.95 -18.21 -22.73
C GLY E 193 3.22 -19.53 -22.99
N VAL E 194 2.16 -19.79 -22.25
CA VAL E 194 1.39 -21.00 -22.46
C VAL E 194 -0.09 -20.63 -22.43
N ARG E 195 -0.92 -21.55 -22.90
CA ARG E 195 -2.35 -21.30 -22.95
C ARG E 195 -3.03 -21.89 -21.72
N THR E 196 -3.69 -21.03 -20.94
CA THR E 196 -4.38 -21.47 -19.73
C THR E 196 -5.84 -21.04 -19.71
N GLY E 197 -6.63 -21.76 -18.92
CA GLY E 197 -8.04 -21.43 -18.80
C GLY E 197 -8.61 -21.99 -17.51
N ALA E 198 -9.86 -21.66 -17.22
CA ALA E 198 -10.48 -22.19 -16.03
C ALA E 198 -11.99 -22.30 -16.13
N ILE E 199 -12.50 -23.48 -15.78
CA ILE E 199 -13.93 -23.74 -15.78
C ILE E 199 -14.23 -24.30 -14.40
N LEU E 200 -15.04 -23.59 -13.65
CA LEU E 200 -15.40 -23.98 -12.30
C LEU E 200 -16.79 -24.58 -12.14
N ALA E 201 -16.93 -25.41 -11.10
CA ALA E 201 -18.20 -26.05 -10.77
C ALA E 201 -18.59 -25.57 -9.36
N VAL E 202 -19.61 -24.71 -9.27
CA VAL E 202 -20.07 -24.16 -7.99
C VAL E 202 -20.43 -25.24 -6.95
N SER E 203 -19.83 -25.14 -5.77
CA SER E 203 -20.08 -26.11 -4.69
C SER E 203 -21.03 -25.65 -3.57
N ASN E 204 -21.09 -24.35 -3.32
CA ASN E 204 -21.97 -23.82 -2.27
C ASN E 204 -22.30 -22.34 -2.47
N ARG E 205 -22.35 -21.62 -1.36
CA ARG E 205 -22.61 -20.18 -1.29
C ARG E 205 -21.86 -19.76 -0.05
N ILE E 206 -20.82 -18.94 -0.22
CA ILE E 206 -20.02 -18.51 0.91
C ILE E 206 -20.82 -18.39 2.20
N GLY E 207 -20.20 -18.83 3.30
CA GLY E 207 -20.84 -18.82 4.60
C GLY E 207 -21.37 -20.21 4.89
N ASP E 208 -21.17 -21.13 3.94
CA ASP E 208 -21.63 -22.51 4.09
C ASP E 208 -20.68 -23.38 4.92
N PRO E 209 -21.26 -24.15 5.85
CA PRO E 209 -20.53 -25.06 6.75
C PRO E 209 -20.04 -26.33 6.04
N GLU E 210 -20.93 -26.93 5.26
CA GLU E 210 -20.62 -28.17 4.52
C GLU E 210 -20.70 -27.99 3.00
N LEU E 211 -21.68 -28.65 2.38
CA LEU E 211 -21.89 -28.57 0.93
C LEU E 211 -23.39 -28.68 0.57
N ALA E 212 -23.70 -29.21 -0.60
CA ALA E 212 -25.08 -29.34 -1.06
C ALA E 212 -25.41 -30.77 -1.49
N PRO E 213 -26.55 -30.99 -2.19
CA PRO E 213 -26.92 -32.34 -2.64
C PRO E 213 -25.79 -33.09 -3.33
N PRO E 214 -25.30 -34.17 -2.71
CA PRO E 214 -24.21 -34.97 -3.29
C PRO E 214 -24.43 -35.20 -4.79
N GLU E 215 -25.70 -35.39 -5.14
CA GLU E 215 -26.11 -35.65 -6.51
C GLU E 215 -25.72 -34.54 -7.48
N VAL E 216 -26.26 -33.36 -7.27
CA VAL E 216 -26.02 -32.21 -8.14
C VAL E 216 -24.54 -31.89 -8.38
N LEU E 217 -23.82 -31.48 -7.34
CA LEU E 217 -22.41 -31.14 -7.45
C LEU E 217 -21.61 -32.13 -8.30
N GLN E 218 -21.88 -33.42 -8.16
CA GLN E 218 -21.13 -34.40 -8.93
C GLN E 218 -21.41 -34.33 -10.42
N GLU E 219 -22.67 -34.11 -10.79
CA GLU E 219 -23.03 -34.01 -12.21
C GLU E 219 -22.39 -32.77 -12.84
N GLY E 220 -22.46 -31.65 -12.12
CA GLY E 220 -21.85 -30.44 -12.63
C GLY E 220 -20.38 -30.69 -12.91
N VAL E 221 -19.70 -31.30 -11.94
CA VAL E 221 -18.29 -31.61 -12.10
C VAL E 221 -18.02 -32.40 -13.38
N ARG E 222 -18.82 -33.44 -13.62
CA ARG E 222 -18.64 -34.26 -14.82
C ARG E 222 -18.70 -33.41 -16.09
N ARG E 223 -19.79 -32.66 -16.25
CA ARG E 223 -19.97 -31.80 -17.42
C ARG E 223 -18.72 -30.94 -17.54
N MET E 224 -18.32 -30.35 -16.43
CA MET E 224 -17.14 -29.52 -16.41
C MET E 224 -15.98 -30.24 -17.10
N VAL E 225 -15.53 -31.34 -16.51
CA VAL E 225 -14.42 -32.12 -17.06
C VAL E 225 -14.59 -32.43 -18.55
N GLU E 226 -15.84 -32.52 -19.01
CA GLU E 226 -16.11 -32.81 -20.41
C GLU E 226 -15.87 -31.54 -21.25
N VAL E 227 -16.48 -30.42 -20.83
CA VAL E 227 -16.32 -29.16 -21.53
C VAL E 227 -14.83 -28.84 -21.63
N ALA E 228 -14.09 -29.23 -20.61
CA ALA E 228 -12.65 -28.99 -20.54
C ALA E 228 -11.88 -29.95 -21.42
N LEU E 229 -12.17 -31.24 -21.30
CA LEU E 229 -11.47 -32.22 -22.13
C LEU E 229 -11.71 -31.95 -23.62
N GLU E 230 -12.95 -31.69 -24.00
CA GLU E 230 -13.21 -31.40 -25.39
C GLU E 230 -12.28 -30.24 -25.71
N ALA E 231 -12.62 -29.06 -25.19
CA ALA E 231 -11.86 -27.85 -25.42
C ALA E 231 -10.38 -28.05 -25.75
N VAL E 232 -9.59 -28.49 -24.78
CA VAL E 232 -8.16 -28.68 -25.00
C VAL E 232 -7.86 -29.35 -26.31
N LEU E 233 -8.76 -30.21 -26.76
CA LEU E 233 -8.57 -30.94 -28.02
C LEU E 233 -8.49 -30.02 -29.21
N GLU E 234 -9.31 -28.96 -29.20
CA GLU E 234 -9.34 -27.98 -30.29
C GLU E 234 -8.05 -27.18 -30.35
N VAL E 235 -7.76 -26.43 -29.29
CA VAL E 235 -6.58 -25.60 -29.19
C VAL E 235 -5.26 -26.32 -29.43
N SER F 2 -18.75 -32.32 10.60
CA SER F 2 -17.51 -32.79 9.93
C SER F 2 -16.79 -31.68 9.14
N PRO F 3 -15.50 -31.44 9.44
CA PRO F 3 -14.79 -30.39 8.69
C PRO F 3 -14.87 -30.66 7.18
N ILE F 4 -14.72 -29.61 6.39
CA ILE F 4 -14.79 -29.70 4.94
C ILE F 4 -13.61 -30.46 4.32
N HIS F 5 -12.40 -30.02 4.64
CA HIS F 5 -11.20 -30.65 4.11
C HIS F 5 -10.65 -31.81 4.93
N VAL F 6 -10.35 -31.55 6.19
CA VAL F 6 -9.85 -32.57 7.08
C VAL F 6 -11.11 -33.22 7.62
N ARG F 7 -11.55 -34.29 6.97
CA ARG F 7 -12.77 -34.95 7.38
C ARG F 7 -12.54 -35.97 8.48
N ALA F 8 -12.32 -35.46 9.69
CA ALA F 8 -12.09 -36.31 10.85
C ALA F 8 -13.30 -36.22 11.77
N HIS F 9 -13.56 -37.29 12.50
CA HIS F 9 -14.68 -37.32 13.44
C HIS F 9 -14.17 -36.78 14.76
N PRO F 10 -15.09 -36.31 15.63
CA PRO F 10 -14.67 -35.77 16.93
C PRO F 10 -13.88 -36.78 17.72
N GLY F 11 -12.73 -36.36 18.23
CA GLY F 11 -11.91 -37.24 19.02
C GLY F 11 -10.82 -37.97 18.25
N ASP F 12 -10.80 -37.83 16.93
CA ASP F 12 -9.78 -38.50 16.13
C ASP F 12 -8.46 -37.78 16.27
N VAL F 13 -8.53 -36.46 16.38
CA VAL F 13 -7.34 -35.65 16.51
C VAL F 13 -6.99 -35.37 17.97
N ALA F 14 -5.72 -35.55 18.30
CA ALA F 14 -5.23 -35.34 19.65
C ALA F 14 -5.03 -33.86 20.02
N GLU F 15 -4.77 -33.59 21.29
CA GLU F 15 -4.54 -32.23 21.74
C GLU F 15 -3.25 -31.74 21.12
N ARG F 16 -2.27 -32.61 21.08
CA ARG F 16 -0.98 -32.28 20.51
C ARG F 16 -0.90 -32.78 19.06
N VAL F 17 -0.37 -31.94 18.17
CA VAL F 17 -0.26 -32.30 16.76
C VAL F 17 1.00 -31.71 16.13
N LEU F 18 1.65 -32.49 15.26
CA LEU F 18 2.84 -32.03 14.56
C LEU F 18 2.36 -31.74 13.15
N LEU F 19 2.92 -30.69 12.53
CA LEU F 19 2.49 -30.30 11.20
C LEU F 19 3.47 -30.32 10.02
N PRO F 20 3.65 -31.49 9.40
CA PRO F 20 4.55 -31.57 8.26
C PRO F 20 3.75 -31.15 7.03
N GLY F 21 4.40 -30.52 6.05
CA GLY F 21 3.70 -30.11 4.86
C GLY F 21 3.59 -31.24 3.82
N ASP F 22 4.46 -32.24 3.97
CA ASP F 22 4.51 -33.37 3.06
C ASP F 22 3.79 -34.61 3.59
N PRO F 23 2.75 -35.07 2.88
CA PRO F 23 2.03 -36.27 3.37
C PRO F 23 2.96 -37.48 3.47
N GLY F 24 4.02 -37.50 2.67
CA GLY F 24 4.96 -38.60 2.76
C GLY F 24 5.69 -38.56 4.10
N ARG F 25 6.03 -37.34 4.55
CA ARG F 25 6.71 -37.17 5.83
C ARG F 25 5.79 -37.50 7.01
N ALA F 26 4.52 -37.18 6.88
CA ALA F 26 3.53 -37.46 7.92
C ALA F 26 3.48 -38.96 8.18
N GLU F 27 3.17 -39.70 7.13
CA GLU F 27 3.07 -41.15 7.23
C GLU F 27 4.36 -41.71 7.84
N TRP F 28 5.50 -41.28 7.32
CA TRP F 28 6.80 -41.74 7.83
C TRP F 28 6.90 -41.41 9.32
N ILE F 29 6.59 -40.18 9.72
CA ILE F 29 6.63 -39.83 11.13
C ILE F 29 5.67 -40.74 11.92
N ALA F 30 4.46 -40.87 11.42
CA ALA F 30 3.48 -41.70 12.09
C ALA F 30 3.99 -43.11 12.29
N LYS F 31 4.59 -43.67 11.25
CA LYS F 31 5.04 -45.03 11.35
C LYS F 31 6.44 -45.17 11.91
N THR F 32 7.10 -44.06 12.13
CA THR F 32 8.44 -44.10 12.70
C THR F 32 8.42 -43.83 14.19
N PHE F 33 7.75 -42.74 14.61
CA PHE F 33 7.74 -42.40 16.02
C PHE F 33 6.48 -42.75 16.79
N LEU F 34 5.34 -42.83 16.11
CA LEU F 34 4.12 -43.14 16.83
C LEU F 34 3.92 -44.62 17.08
N GLN F 35 3.25 -44.90 18.19
CA GLN F 35 2.96 -46.25 18.59
C GLN F 35 1.51 -46.45 18.15
N ASN F 36 1.23 -47.55 17.46
CA ASN F 36 -0.12 -47.86 17.01
C ASN F 36 -0.74 -46.75 16.16
N PRO F 37 -0.02 -46.30 15.11
CA PRO F 37 -0.49 -45.25 14.21
C PRO F 37 -1.80 -45.63 13.55
N ARG F 38 -2.69 -44.65 13.40
CA ARG F 38 -3.98 -44.90 12.77
C ARG F 38 -4.48 -43.65 12.01
N ARG F 39 -4.44 -43.72 10.69
CA ARG F 39 -4.87 -42.63 9.82
C ARG F 39 -6.35 -42.25 9.97
N TYR F 40 -6.62 -40.98 10.25
CA TYR F 40 -8.01 -40.57 10.41
C TYR F 40 -8.57 -39.77 9.23
N ASN F 41 -7.75 -39.53 8.23
CA ASN F 41 -8.21 -38.78 7.06
C ASN F 41 -7.26 -38.87 5.89
N ASP F 42 -7.83 -39.01 4.69
CA ASP F 42 -7.04 -39.09 3.47
C ASP F 42 -7.63 -38.19 2.36
N HIS F 43 -8.76 -37.57 2.65
CA HIS F 43 -9.42 -36.68 1.70
C HIS F 43 -8.46 -35.55 1.28
N ARG F 44 -8.29 -35.37 -0.03
CA ARG F 44 -7.41 -34.35 -0.59
C ARG F 44 -5.92 -34.53 -0.30
N GLY F 45 -5.49 -35.78 -0.17
CA GLY F 45 -4.08 -36.04 0.12
C GLY F 45 -3.62 -35.43 1.43
N LEU F 46 -4.54 -34.84 2.20
CA LEU F 46 -4.22 -34.23 3.48
C LEU F 46 -4.21 -35.33 4.55
N TRP F 47 -3.22 -36.21 4.44
CA TRP F 47 -3.04 -37.34 5.34
C TRP F 47 -2.89 -36.95 6.82
N GLY F 48 -3.71 -37.58 7.65
CA GLY F 48 -3.69 -37.31 9.09
C GLY F 48 -3.63 -38.56 9.96
N TYR F 49 -2.70 -38.57 10.91
CA TYR F 49 -2.55 -39.71 11.78
C TYR F 49 -2.55 -39.35 13.24
N THR F 50 -2.99 -40.31 14.05
CA THR F 50 -2.99 -40.16 15.49
C THR F 50 -2.55 -41.46 16.17
N GLY F 51 -1.42 -41.41 16.87
CA GLY F 51 -0.90 -42.57 17.56
C GLY F 51 -0.45 -42.16 18.96
N LEU F 52 0.54 -42.84 19.53
CA LEU F 52 1.03 -42.48 20.86
C LEU F 52 2.52 -42.24 20.85
N TYR F 53 2.94 -41.30 21.69
CA TYR F 53 4.35 -41.01 21.85
C TYR F 53 4.62 -41.07 23.33
N LYS F 54 5.30 -42.14 23.74
CA LYS F 54 5.61 -42.33 25.15
C LYS F 54 4.29 -42.24 25.93
N GLY F 55 3.32 -43.02 25.47
CA GLY F 55 2.02 -43.06 26.10
C GLY F 55 1.11 -41.88 25.78
N VAL F 56 1.72 -40.75 25.43
CA VAL F 56 0.95 -39.56 25.13
C VAL F 56 0.37 -39.52 23.72
N PRO F 57 -0.93 -39.19 23.61
CA PRO F 57 -1.60 -39.11 22.32
C PRO F 57 -0.97 -37.96 21.51
N VAL F 58 -0.74 -38.20 20.23
CA VAL F 58 -0.17 -37.18 19.35
C VAL F 58 -0.65 -37.44 17.92
N SER F 59 -0.93 -36.36 17.20
CA SER F 59 -1.38 -36.47 15.82
C SER F 59 -0.37 -35.77 14.92
N VAL F 60 -0.29 -36.27 13.68
CA VAL F 60 0.58 -35.71 12.66
C VAL F 60 -0.39 -35.39 11.57
N GLN F 61 -0.39 -34.15 11.08
CA GLN F 61 -1.33 -33.74 10.04
C GLN F 61 -0.71 -32.96 8.89
N THR F 62 -0.84 -33.50 7.69
CA THR F 62 -0.31 -32.86 6.47
C THR F 62 -0.99 -31.52 6.27
N THR F 63 -0.20 -30.47 6.04
CA THR F 63 -0.78 -29.14 5.80
C THR F 63 -0.79 -28.79 4.31
N GLY F 64 0.00 -29.50 3.51
CA GLY F 64 0.08 -29.17 2.09
C GLY F 64 1.06 -28.03 1.94
N MET F 65 1.29 -27.54 0.73
CA MET F 65 2.24 -26.46 0.55
C MET F 65 1.55 -25.12 0.43
N GLY F 66 2.09 -24.13 1.12
CA GLY F 66 1.51 -22.79 1.07
C GLY F 66 0.70 -22.39 2.29
N THR F 67 0.65 -21.10 2.57
CA THR F 67 -0.15 -20.64 3.70
C THR F 67 -1.66 -20.79 3.48
N PRO F 68 -2.15 -20.64 2.24
CA PRO F 68 -3.59 -20.81 2.07
C PRO F 68 -4.03 -22.23 2.44
N SER F 69 -3.17 -23.19 2.16
CA SER F 69 -3.47 -24.59 2.46
C SER F 69 -3.36 -24.84 3.95
N ALA F 70 -2.17 -24.62 4.48
CA ALA F 70 -1.91 -24.79 5.90
C ALA F 70 -2.94 -24.03 6.72
N ALA F 71 -3.27 -22.81 6.29
CA ALA F 71 -4.24 -22.01 7.00
C ALA F 71 -5.55 -22.78 7.15
N ILE F 72 -5.95 -23.45 6.08
CA ILE F 72 -7.19 -24.20 6.10
C ILE F 72 -7.13 -25.36 7.09
N VAL F 73 -6.03 -26.11 7.08
CA VAL F 73 -5.88 -27.26 7.96
C VAL F 73 -5.76 -26.89 9.44
N VAL F 74 -5.08 -25.78 9.69
CA VAL F 74 -4.93 -25.31 11.06
C VAL F 74 -6.31 -24.88 11.57
N GLU F 75 -7.05 -24.15 10.74
CA GLU F 75 -8.39 -23.69 11.13
C GLU F 75 -9.26 -24.87 11.49
N GLU F 76 -9.14 -25.95 10.72
CA GLU F 76 -9.94 -27.14 10.95
C GLU F 76 -9.50 -27.98 12.12
N LEU F 77 -8.20 -28.11 12.34
CA LEU F 77 -7.73 -28.92 13.47
C LEU F 77 -8.14 -28.27 14.78
N VAL F 78 -7.95 -26.96 14.87
CA VAL F 78 -8.31 -26.22 16.06
C VAL F 78 -9.80 -26.37 16.34
N ARG F 79 -10.61 -26.37 15.28
CA ARG F 79 -12.04 -26.49 15.48
C ARG F 79 -12.29 -27.94 15.93
N LEU F 80 -11.34 -28.81 15.67
CA LEU F 80 -11.51 -30.19 16.08
C LEU F 80 -11.03 -30.43 17.51
N GLY F 81 -10.24 -29.51 18.05
CA GLY F 81 -9.77 -29.68 19.40
C GLY F 81 -8.26 -29.59 19.53
N ALA F 82 -7.56 -29.45 18.41
CA ALA F 82 -6.12 -29.34 18.48
C ALA F 82 -5.80 -28.14 19.40
N ARG F 83 -4.82 -28.33 20.29
CA ARG F 83 -4.43 -27.29 21.23
C ARG F 83 -2.97 -26.86 21.08
N VAL F 84 -2.10 -27.85 20.84
CA VAL F 84 -0.66 -27.61 20.68
C VAL F 84 -0.25 -28.07 19.27
N LEU F 85 -0.04 -27.11 18.38
CA LEU F 85 0.33 -27.41 17.00
C LEU F 85 1.70 -26.88 16.62
N VAL F 86 2.60 -27.78 16.30
CA VAL F 86 3.97 -27.42 15.93
C VAL F 86 4.36 -27.96 14.55
N ARG F 87 4.77 -27.05 13.68
CA ARG F 87 5.19 -27.39 12.32
C ARG F 87 6.61 -27.96 12.32
N VAL F 88 6.79 -29.04 11.55
CA VAL F 88 8.08 -29.70 11.39
C VAL F 88 8.28 -29.77 9.87
N GLY F 89 8.88 -28.72 9.32
CA GLY F 89 9.08 -28.68 7.88
C GLY F 89 10.49 -28.33 7.45
N THR F 90 10.63 -27.98 6.17
CA THR F 90 11.91 -27.63 5.59
C THR F 90 11.95 -26.17 5.16
N ALA F 91 13.12 -25.70 4.76
CA ALA F 91 13.30 -24.32 4.34
C ALA F 91 14.69 -24.13 3.71
N GLY F 92 14.80 -23.16 2.82
CA GLY F 92 16.08 -22.90 2.17
C GLY F 92 16.84 -21.74 2.79
N ALA F 93 18.10 -21.95 3.13
CA ALA F 93 18.94 -20.91 3.74
C ALA F 93 19.04 -19.64 2.89
N ALA F 94 19.02 -18.48 3.55
CA ALA F 94 19.08 -17.18 2.87
C ALA F 94 20.53 -16.77 2.57
N SER F 95 21.46 -17.47 3.20
CA SER F 95 22.88 -17.18 3.00
C SER F 95 23.72 -18.42 3.24
N SER F 96 25.04 -18.24 3.10
CA SER F 96 26.02 -19.30 3.30
C SER F 96 26.25 -19.54 4.79
N ASP F 97 25.48 -18.82 5.60
CA ASP F 97 25.53 -18.90 7.05
C ASP F 97 24.91 -20.23 7.53
N LEU F 98 23.94 -20.75 6.79
CA LEU F 98 23.27 -21.99 7.12
C LEU F 98 23.51 -23.10 6.09
N ALA F 99 23.89 -24.28 6.58
CA ALA F 99 24.16 -25.43 5.72
C ALA F 99 23.03 -26.45 5.82
N PRO F 100 22.89 -27.32 4.79
CA PRO F 100 21.85 -28.35 4.74
C PRO F 100 21.94 -29.29 5.94
N GLY F 101 20.78 -29.69 6.46
CA GLY F 101 20.75 -30.60 7.60
C GLY F 101 20.68 -29.89 8.95
N GLU F 102 20.85 -28.58 8.95
CA GLU F 102 20.82 -27.81 10.19
C GLU F 102 19.38 -27.49 10.61
N LEU F 103 19.17 -27.40 11.91
CA LEU F 103 17.86 -27.11 12.48
C LEU F 103 17.72 -25.64 12.80
N ILE F 104 16.51 -25.12 12.62
CA ILE F 104 16.17 -23.73 12.91
C ILE F 104 14.97 -23.71 13.84
N VAL F 105 15.09 -23.09 15.00
CA VAL F 105 13.95 -22.98 15.87
C VAL F 105 13.38 -21.61 15.50
N ALA F 106 12.19 -21.64 14.89
CA ALA F 106 11.52 -20.43 14.42
C ALA F 106 11.11 -19.49 15.54
N GLN F 107 11.89 -18.41 15.68
CA GLN F 107 11.63 -17.41 16.69
C GLN F 107 10.47 -16.57 16.21
N GLY F 108 10.40 -16.36 14.89
CA GLY F 108 9.35 -15.57 14.28
C GLY F 108 9.32 -15.79 12.77
N ALA F 109 8.21 -15.43 12.13
CA ALA F 109 8.05 -15.63 10.69
C ALA F 109 7.68 -14.33 9.92
N VAL F 110 8.61 -13.84 9.11
CA VAL F 110 8.35 -12.64 8.31
C VAL F 110 7.23 -12.98 7.33
N PRO F 111 6.05 -12.31 7.47
CA PRO F 111 4.90 -12.56 6.59
C PRO F 111 4.97 -11.97 5.18
N LEU F 112 5.49 -12.77 4.25
CA LEU F 112 5.58 -12.37 2.86
C LEU F 112 4.46 -13.06 2.12
N ASP F 113 3.48 -13.56 2.87
CA ASP F 113 2.38 -14.28 2.25
C ASP F 113 1.07 -13.49 2.22
N GLY F 114 0.17 -13.90 1.33
CA GLY F 114 -1.11 -13.23 1.24
C GLY F 114 -2.15 -13.70 2.24
N THR F 115 -2.00 -14.91 2.77
CA THR F 115 -2.99 -15.41 3.73
C THR F 115 -3.01 -14.55 5.00
N THR F 116 -1.88 -14.45 5.71
CA THR F 116 -1.85 -13.66 6.92
C THR F 116 -2.28 -12.24 6.56
N ARG F 117 -1.95 -11.80 5.35
CA ARG F 117 -2.32 -10.45 4.93
C ARG F 117 -3.84 -10.34 4.75
N GLN F 118 -4.48 -11.40 4.26
CA GLN F 118 -5.92 -11.35 4.09
C GLN F 118 -6.53 -11.26 5.49
N TYR F 119 -6.20 -12.21 6.36
CA TYR F 119 -6.73 -12.17 7.70
C TYR F 119 -6.50 -10.79 8.27
N LEU F 120 -5.23 -10.38 8.36
CA LEU F 120 -4.88 -9.08 8.92
C LEU F 120 -5.41 -7.85 8.21
N GLU F 121 -5.96 -8.03 7.03
CA GLU F 121 -6.50 -6.89 6.31
C GLU F 121 -5.43 -5.87 5.95
N GLY F 122 -4.21 -6.36 5.71
CA GLY F 122 -3.14 -5.48 5.31
C GLY F 122 -2.38 -4.80 6.41
N ARG F 123 -2.81 -5.00 7.65
CA ARG F 123 -2.13 -4.39 8.79
C ARG F 123 -0.79 -5.08 9.06
N PRO F 124 0.20 -4.32 9.57
CA PRO F 124 1.54 -4.82 9.90
C PRO F 124 1.37 -5.85 11.02
N TYR F 125 2.30 -6.79 11.14
CA TYR F 125 2.18 -7.78 12.20
C TYR F 125 3.48 -8.52 12.44
N ALA F 126 3.64 -9.09 13.63
CA ALA F 126 4.85 -9.86 13.96
C ALA F 126 4.45 -11.25 14.38
N PRO F 127 4.33 -12.15 13.41
CA PRO F 127 3.96 -13.55 13.65
C PRO F 127 5.04 -14.24 14.48
N VAL F 128 4.69 -14.64 15.70
CA VAL F 128 5.62 -15.32 16.56
C VAL F 128 4.96 -16.58 17.06
N PRO F 129 5.76 -17.57 17.43
CA PRO F 129 5.15 -18.79 17.91
C PRO F 129 4.68 -18.59 19.34
N ASP F 130 4.02 -19.60 19.89
CA ASP F 130 3.61 -19.49 21.28
C ASP F 130 4.93 -19.50 22.08
N PRO F 131 5.12 -18.53 23.00
CA PRO F 131 6.35 -18.45 23.80
C PRO F 131 6.86 -19.70 24.51
N GLU F 132 5.96 -20.41 25.18
CA GLU F 132 6.32 -21.61 25.92
C GLU F 132 6.74 -22.76 24.98
N VAL F 133 6.02 -22.89 23.86
CA VAL F 133 6.33 -23.93 22.88
C VAL F 133 7.65 -23.59 22.22
N PHE F 134 7.84 -22.30 21.92
CA PHE F 134 9.07 -21.83 21.30
C PHE F 134 10.26 -22.19 22.18
N ARG F 135 10.04 -22.08 23.48
CA ARG F 135 11.02 -22.36 24.50
C ARG F 135 11.34 -23.84 24.68
N ALA F 136 10.29 -24.67 24.66
CA ALA F 136 10.44 -26.11 24.84
C ALA F 136 11.22 -26.68 23.68
N LEU F 137 10.94 -26.18 22.49
CA LEU F 137 11.63 -26.63 21.29
C LEU F 137 13.11 -26.32 21.51
N TRP F 138 13.40 -25.04 21.79
CA TRP F 138 14.76 -24.59 22.01
C TRP F 138 15.38 -25.45 23.11
N ARG F 139 14.64 -25.58 24.21
CA ARG F 139 15.08 -26.38 25.36
C ARG F 139 15.37 -27.85 24.97
N ARG F 140 14.49 -28.47 24.20
CA ARG F 140 14.73 -29.84 23.80
C ARG F 140 15.87 -29.90 22.80
N ALA F 141 15.98 -28.88 21.95
CA ALA F 141 17.06 -28.86 20.98
C ALA F 141 18.38 -29.04 21.72
N GLU F 142 18.58 -28.23 22.75
CA GLU F 142 19.80 -28.27 23.53
C GLU F 142 20.06 -29.60 24.23
N ALA F 143 19.13 -30.04 25.06
CA ALA F 143 19.30 -31.30 25.78
C ALA F 143 19.70 -32.44 24.82
N LEU F 144 18.97 -32.60 23.73
CA LEU F 144 19.27 -33.66 22.77
C LEU F 144 20.65 -33.54 22.13
N GLY F 145 21.29 -32.40 22.32
CA GLY F 145 22.61 -32.16 21.76
C GLY F 145 22.65 -31.83 20.29
N TYR F 146 21.49 -31.61 19.68
CA TYR F 146 21.43 -31.29 18.25
C TYR F 146 21.76 -29.86 17.88
N PRO F 147 22.77 -29.66 17.02
CA PRO F 147 23.17 -28.33 16.58
C PRO F 147 21.97 -27.63 15.95
N HIS F 148 21.72 -26.39 16.36
CA HIS F 148 20.58 -25.64 15.84
C HIS F 148 20.77 -24.11 15.91
N ARG F 149 20.01 -23.38 15.11
CA ARG F 149 20.07 -21.93 15.13
C ARG F 149 18.71 -21.46 15.65
N VAL F 150 18.68 -20.24 16.18
CA VAL F 150 17.44 -19.69 16.69
C VAL F 150 17.29 -18.32 16.07
N GLY F 151 16.13 -18.09 15.46
CA GLY F 151 15.89 -16.82 14.82
C GLY F 151 14.72 -16.79 13.86
N LEU F 152 14.80 -15.87 12.91
CA LEU F 152 13.76 -15.66 11.92
C LEU F 152 13.80 -16.48 10.65
N VAL F 153 12.61 -16.62 10.06
CA VAL F 153 12.45 -17.28 8.78
C VAL F 153 11.51 -16.33 8.06
N ALA F 154 11.27 -16.61 6.79
CA ALA F 154 10.40 -15.78 6.00
C ALA F 154 9.41 -16.71 5.32
N SER F 155 8.11 -16.49 5.56
CA SER F 155 7.08 -17.34 4.94
C SER F 155 6.62 -16.63 3.68
N GLU F 156 6.89 -17.24 2.51
CA GLU F 156 6.53 -16.64 1.24
C GLU F 156 5.53 -17.46 0.45
N ASP F 157 4.97 -16.84 -0.60
CA ASP F 157 3.98 -17.47 -1.46
C ASP F 157 4.49 -18.03 -2.78
N ALA F 158 5.42 -17.33 -3.43
CA ALA F 158 5.94 -17.78 -4.72
C ALA F 158 7.33 -18.42 -4.63
N PHE F 159 7.34 -19.75 -4.55
CA PHE F 159 8.55 -20.56 -4.46
C PHE F 159 9.60 -20.18 -5.50
N TYR F 160 9.17 -20.08 -6.75
CA TYR F 160 10.05 -19.77 -7.85
C TYR F 160 10.28 -18.29 -8.15
N ALA F 161 9.83 -17.40 -7.28
CA ALA F 161 9.98 -15.98 -7.53
C ALA F 161 11.18 -15.33 -6.86
N THR F 162 11.63 -15.87 -5.74
CA THR F 162 12.75 -15.24 -5.05
C THR F 162 14.12 -15.51 -5.68
N THR F 163 14.85 -14.44 -5.96
CA THR F 163 16.18 -14.55 -6.55
C THR F 163 17.17 -14.71 -5.41
N PRO F 164 18.34 -15.31 -5.70
CA PRO F 164 19.37 -15.51 -4.68
C PRO F 164 19.72 -14.16 -4.07
N GLU F 165 19.81 -13.17 -4.93
CA GLU F 165 20.12 -11.82 -4.50
C GLU F 165 19.18 -11.37 -3.38
N GLU F 166 17.88 -11.40 -3.64
CA GLU F 166 16.88 -10.98 -2.65
C GLU F 166 16.99 -11.74 -1.34
N ALA F 167 17.35 -13.01 -1.43
CA ALA F 167 17.53 -13.82 -0.24
C ALA F 167 18.59 -13.14 0.61
N ARG F 168 19.69 -12.75 -0.03
CA ARG F 168 20.78 -12.08 0.69
C ARG F 168 20.32 -10.76 1.27
N ALA F 169 19.46 -10.06 0.54
CA ALA F 169 18.97 -8.78 1.04
C ALA F 169 18.17 -9.02 2.32
N TRP F 170 17.44 -10.13 2.34
CA TRP F 170 16.64 -10.48 3.50
C TRP F 170 17.49 -10.95 4.68
N ALA F 171 18.61 -11.58 4.37
CA ALA F 171 19.49 -12.05 5.41
C ALA F 171 19.96 -10.85 6.22
N ARG F 172 20.27 -9.76 5.53
CA ARG F 172 20.71 -8.52 6.17
C ARG F 172 19.75 -8.07 7.27
N TYR F 173 18.48 -8.41 7.11
CA TYR F 173 17.45 -8.05 8.09
C TYR F 173 17.17 -9.15 9.10
N GLY F 174 18.02 -10.16 9.15
CA GLY F 174 17.85 -11.24 10.11
C GLY F 174 17.16 -12.53 9.68
N VAL F 175 16.63 -12.58 8.46
CA VAL F 175 15.95 -13.79 8.00
C VAL F 175 16.96 -14.90 7.71
N LEU F 176 16.79 -16.04 8.39
CA LEU F 176 17.70 -17.17 8.24
C LEU F 176 17.41 -18.13 7.09
N ALA F 177 16.13 -18.29 6.78
CA ALA F 177 15.74 -19.20 5.72
C ALA F 177 14.35 -18.87 5.22
N PHE F 178 13.97 -19.48 4.08
CA PHE F 178 12.66 -19.26 3.49
C PHE F 178 11.86 -20.53 3.47
N GLU F 179 10.58 -20.40 3.82
CA GLU F 179 9.65 -21.53 3.83
C GLU F 179 8.25 -21.02 3.45
N MET F 180 7.23 -21.86 3.60
CA MET F 180 5.90 -21.45 3.18
C MET F 180 4.70 -21.70 4.10
N GLU F 181 4.89 -21.71 5.42
CA GLU F 181 3.76 -21.95 6.29
C GLU F 181 3.80 -21.28 7.65
N ALA F 182 5.00 -21.03 8.18
CA ALA F 182 5.14 -20.44 9.49
C ALA F 182 4.19 -19.28 9.81
N SER F 183 4.31 -18.20 9.06
CA SER F 183 3.50 -17.01 9.29
C SER F 183 2.03 -17.25 9.61
N ALA F 184 1.33 -17.99 8.77
CA ALA F 184 -0.09 -18.24 9.01
C ALA F 184 -0.32 -19.07 10.28
N LEU F 185 0.48 -20.12 10.44
CA LEU F 185 0.36 -20.96 11.62
C LEU F 185 0.50 -20.09 12.85
N PHE F 186 1.41 -19.15 12.80
CA PHE F 186 1.63 -18.25 13.93
C PHE F 186 0.49 -17.25 14.18
N LEU F 187 -0.09 -16.69 13.11
CA LEU F 187 -1.20 -15.74 13.28
C LEU F 187 -2.44 -16.46 13.81
N LEU F 188 -2.72 -17.65 13.28
CA LEU F 188 -3.87 -18.41 13.72
C LEU F 188 -3.64 -18.85 15.16
N GLY F 189 -2.38 -19.06 15.51
CA GLY F 189 -2.07 -19.43 16.86
C GLY F 189 -2.75 -18.45 17.80
N ARG F 190 -2.39 -17.17 17.70
CA ARG F 190 -2.99 -16.15 18.54
C ARG F 190 -4.50 -16.04 18.30
N MET F 191 -4.91 -15.81 17.06
CA MET F 191 -6.32 -15.68 16.71
C MET F 191 -7.25 -16.71 17.32
N ARG F 192 -6.84 -17.97 17.32
CA ARG F 192 -7.71 -19.03 17.85
C ARG F 192 -7.36 -19.57 19.23
N GLY F 193 -6.40 -18.94 19.90
CA GLY F 193 -6.05 -19.38 21.25
C GLY F 193 -5.38 -20.72 21.40
N VAL F 194 -4.53 -21.09 20.44
CA VAL F 194 -3.83 -22.36 20.54
C VAL F 194 -2.33 -22.11 20.61
N ARG F 195 -1.57 -23.12 21.02
CA ARG F 195 -0.13 -22.94 21.14
C ARG F 195 0.55 -23.52 19.92
N THR F 196 1.38 -22.71 19.26
CA THR F 196 2.05 -23.18 18.05
C THR F 196 3.55 -22.99 18.07
N GLY F 197 4.19 -23.54 17.05
CA GLY F 197 5.63 -23.44 16.92
C GLY F 197 6.04 -24.07 15.62
N ALA F 198 7.32 -23.92 15.28
CA ALA F 198 7.85 -24.48 14.05
C ALA F 198 9.36 -24.70 14.11
N ILE F 199 9.76 -25.92 13.77
CA ILE F 199 11.16 -26.29 13.74
C ILE F 199 11.41 -26.73 12.30
N LEU F 200 12.50 -26.24 11.71
CA LEU F 200 12.83 -26.53 10.31
C LEU F 200 14.17 -27.21 10.02
N ALA F 201 14.22 -27.99 8.93
CA ALA F 201 15.44 -28.66 8.48
C ALA F 201 15.83 -27.93 7.19
N VAL F 202 17.02 -27.36 7.17
CA VAL F 202 17.48 -26.62 6.00
C VAL F 202 17.76 -27.65 4.94
N SER F 203 17.11 -27.53 3.80
CA SER F 203 17.28 -28.50 2.73
C SER F 203 18.10 -28.01 1.53
N ASN F 204 18.59 -26.78 1.59
CA ASN F 204 19.35 -26.21 0.47
C ASN F 204 19.57 -24.73 0.69
N ARG F 205 20.23 -24.13 -0.29
CA ARG F 205 20.48 -22.70 -0.28
C ARG F 205 19.60 -22.19 -1.41
N ILE F 206 19.14 -20.96 -1.30
CA ILE F 206 18.31 -20.42 -2.37
C ILE F 206 19.19 -20.23 -3.60
N GLY F 207 18.69 -20.70 -4.73
CA GLY F 207 19.44 -20.60 -5.98
C GLY F 207 19.62 -21.96 -6.62
N ASP F 208 20.04 -22.94 -5.82
CA ASP F 208 20.27 -24.30 -6.31
C ASP F 208 18.98 -24.99 -6.77
N PRO F 209 18.97 -25.49 -8.03
CA PRO F 209 17.83 -26.19 -8.66
C PRO F 209 17.44 -27.54 -8.04
N GLU F 210 17.98 -27.87 -6.87
CA GLU F 210 17.66 -29.15 -6.20
C GLU F 210 17.88 -29.14 -4.68
N LEU F 211 18.19 -30.32 -4.13
CA LEU F 211 18.44 -30.50 -2.68
C LEU F 211 19.85 -31.11 -2.43
N ALA F 212 20.20 -31.30 -1.16
CA ALA F 212 21.50 -31.84 -0.75
C ALA F 212 21.54 -33.39 -0.63
N PRO F 213 22.64 -33.95 -0.06
CA PRO F 213 22.74 -35.42 0.08
C PRO F 213 21.63 -36.02 0.95
N PRO F 214 20.74 -36.82 0.33
CA PRO F 214 19.62 -37.46 1.02
C PRO F 214 19.89 -38.03 2.42
N GLU F 215 21.11 -38.47 2.69
CA GLU F 215 21.42 -39.02 3.99
C GLU F 215 21.69 -37.92 5.00
N VAL F 216 22.11 -36.76 4.51
CA VAL F 216 22.40 -35.62 5.37
C VAL F 216 21.13 -34.94 5.83
N LEU F 217 20.22 -34.68 4.90
CA LEU F 217 18.96 -34.03 5.24
C LEU F 217 18.07 -34.91 6.11
N GLN F 218 17.99 -36.20 5.79
CA GLN F 218 17.15 -37.12 6.54
C GLN F 218 17.43 -37.10 8.06
N GLU F 219 18.71 -37.01 8.45
CA GLU F 219 19.05 -36.96 9.87
C GLU F 219 18.57 -35.63 10.47
N GLY F 220 18.50 -34.60 9.64
CA GLY F 220 18.01 -33.31 10.09
C GLY F 220 16.53 -33.45 10.38
N VAL F 221 15.82 -34.13 9.49
CA VAL F 221 14.40 -34.36 9.61
C VAL F 221 14.11 -35.17 10.88
N ARG F 222 14.93 -36.20 11.10
CA ARG F 222 14.73 -37.06 12.26
C ARG F 222 14.95 -36.32 13.58
N ARG F 223 15.93 -35.41 13.60
CA ARG F 223 16.23 -34.61 14.80
C ARG F 223 15.09 -33.61 15.03
N MET F 224 14.69 -32.97 13.94
CA MET F 224 13.60 -32.01 13.95
C MET F 224 12.38 -32.71 14.62
N VAL F 225 11.88 -33.76 13.99
CA VAL F 225 10.73 -34.49 14.55
C VAL F 225 10.93 -34.84 16.01
N GLU F 226 12.08 -35.42 16.34
CA GLU F 226 12.38 -35.81 17.72
C GLU F 226 12.22 -34.58 18.64
N VAL F 227 12.92 -33.49 18.35
CA VAL F 227 12.79 -32.29 19.16
C VAL F 227 11.33 -31.90 19.36
N ALA F 228 10.58 -31.85 18.26
CA ALA F 228 9.18 -31.46 18.30
C ALA F 228 8.34 -32.35 19.20
N LEU F 229 8.55 -33.66 19.11
CA LEU F 229 7.80 -34.60 19.91
C LEU F 229 8.09 -34.45 21.40
N GLU F 230 9.36 -34.27 21.75
CA GLU F 230 9.71 -34.09 23.15
C GLU F 230 9.03 -32.80 23.58
N ALA F 231 9.16 -31.77 22.73
CA ALA F 231 8.59 -30.47 23.01
C ALA F 231 7.08 -30.45 23.26
N VAL F 232 6.32 -31.02 22.34
CA VAL F 232 4.87 -30.99 22.52
C VAL F 232 4.44 -31.55 23.85
N LEU F 233 5.18 -32.53 24.39
CA LEU F 233 4.79 -33.10 25.67
C LEU F 233 5.02 -32.10 26.82
N GLU F 234 5.92 -31.15 26.60
CA GLU F 234 6.26 -30.12 27.57
C GLU F 234 5.08 -29.26 28.00
N VAL F 235 4.31 -28.79 27.02
CA VAL F 235 3.18 -27.91 27.32
C VAL F 235 1.81 -28.50 26.97
S SO4 G . 8.72 4.68 28.42
O1 SO4 G . 8.16 3.44 27.84
O2 SO4 G . 10.19 4.54 28.52
O3 SO4 G . 8.15 4.90 29.76
O4 SO4 G . 8.44 5.84 27.55
O5' GMP H . 3.87 7.97 27.51
C5' GMP H . 4.08 7.42 26.22
C4' GMP H . 5.44 6.72 26.35
O4' GMP H . 5.49 5.63 27.34
C3' GMP H . 5.87 6.05 25.05
O3' GMP H . 7.29 6.34 24.92
C2' GMP H . 5.62 4.52 25.23
O2' GMP H . 6.73 3.68 24.92
C1' GMP H . 5.07 4.42 26.69
N9 GMP H . 3.60 4.15 26.82
C8 GMP H . 2.96 3.94 28.03
N7 GMP H . 1.68 3.72 27.90
C5 GMP H . 1.44 3.80 26.54
C6 GMP H . 0.21 3.67 25.82
O6 GMP H . -0.92 3.43 26.26
N1 GMP H . 0.40 3.82 24.46
C2 GMP H . 1.61 4.07 23.85
N2 GMP H . 1.56 4.19 22.51
N3 GMP H . 2.76 4.20 24.51
C4 GMP H . 2.61 4.06 25.85
S SO4 I . 15.02 20.61 15.82
O1 SO4 I . 14.66 19.46 16.66
O2 SO4 I . 16.48 20.76 15.85
O3 SO4 I . 14.36 21.81 16.37
O4 SO4 I . 14.55 20.41 14.44
O5' GMP J . 18.95 16.31 14.86
C5' GMP J . 17.77 15.81 14.26
C4' GMP J . 16.69 16.83 14.65
O4' GMP J . 16.96 18.20 14.13
C3' GMP J . 15.32 16.48 14.08
O3' GMP J . 14.36 16.77 15.12
C2' GMP J . 15.11 17.39 12.84
O2' GMP J . 13.87 18.12 12.82
C1' GMP J . 16.42 18.26 12.79
N9 GMP J . 17.41 17.88 11.73
C8 GMP J . 18.60 18.54 11.48
N7 GMP J . 19.30 18.02 10.51
C5 GMP J . 18.52 16.95 10.07
C6 GMP J . 18.76 16.02 9.02
O6 GMP J . 19.74 15.94 8.25
N1 GMP J . 17.72 15.09 8.91
C2 GMP J . 16.61 15.08 9.69
N2 GMP J . 15.73 14.10 9.44
N3 GMP J . 16.36 15.94 10.67
C4 GMP J . 17.35 16.85 10.80
S SO4 K . -12.99 23.28 -14.11
O1 SO4 K . -12.18 24.40 -14.65
O2 SO4 K . -12.67 23.13 -12.68
O3 SO4 K . -12.67 22.04 -14.84
O4 SO4 K . -14.42 23.57 -14.28
O5' GMP L . -16.79 19.25 -13.93
C5' GMP L . -15.77 18.52 -13.25
C4' GMP L . -14.56 19.42 -13.38
O4' GMP L . -14.70 20.73 -12.74
C3' GMP L . -13.29 18.87 -12.75
O3' GMP L . -12.23 19.08 -13.70
C2' GMP L . -13.04 19.62 -11.44
O2' GMP L . -11.74 20.21 -11.34
C1' GMP L . -14.23 20.63 -11.38
N9 GMP L . -15.28 20.30 -10.32
C8 GMP L . -16.36 21.10 -10.01
N7 GMP L . -17.12 20.61 -9.07
C5 GMP L . -16.52 19.40 -8.73
C6 GMP L . -16.90 18.44 -7.75
O6 GMP L . -17.87 18.45 -6.97
N1 GMP L . -16.02 17.37 -7.71
C2 GMP L . -14.90 17.24 -8.51
N2 GMP L . -14.18 16.14 -8.33
N3 GMP L . -14.54 18.13 -9.42
C4 GMP L . -15.38 19.19 -9.48
S SO4 M . -8.09 7.89 -27.87
O1 SO4 M . -7.30 6.69 -27.54
O2 SO4 M . -8.16 8.80 -26.70
O3 SO4 M . -9.44 7.45 -28.26
O4 SO4 M . -7.44 8.60 -29.00
O5' GMP N . -2.90 10.62 -26.72
C5' GMP N . -3.12 9.88 -25.53
C4' GMP N . -4.49 9.24 -25.77
O4' GMP N . -4.56 8.32 -26.90
C3' GMP N . -4.98 8.38 -24.62
O3' GMP N . -6.36 8.71 -24.51
C2' GMP N . -4.80 6.91 -25.00
O2' GMP N . -5.98 6.12 -24.81
C1' GMP N . -4.24 6.99 -26.44
N9 GMP N . -2.79 6.60 -26.59
C8 GMP N . -2.16 6.41 -27.80
N7 GMP N . -0.91 6.06 -27.69
C5 GMP N . -0.68 6.03 -26.32
C6 GMP N . 0.51 5.71 -25.61
O6 GMP N . 1.62 5.39 -26.06
N1 GMP N . 0.31 5.79 -24.24
C2 GMP N . -0.87 6.13 -23.63
N2 GMP N . -0.85 6.15 -22.30
N3 GMP N . -1.98 6.43 -24.28
C4 GMP N . -1.82 6.36 -25.62
S SO4 O . -10.70 -27.50 -6.40
O1 SO4 O . -11.75 -28.16 -5.58
O2 SO4 O . -9.50 -27.29 -5.55
O3 SO4 O . -11.19 -26.20 -6.89
O4 SO4 O . -10.35 -28.36 -7.54
O5' GMP P . -12.23 -26.42 -0.77
C5' GMP P . -11.46 -25.26 -1.12
C4' GMP P . -10.88 -25.59 -2.52
O4' GMP P . -11.90 -25.79 -3.56
C3' GMP P . -10.02 -24.46 -3.09
O3' GMP P . -8.92 -25.13 -3.75
C2' GMP P . -10.87 -23.71 -4.10
O2' GMP P . -10.25 -23.52 -5.36
C1' GMP P . -12.21 -24.50 -4.10
N9 GMP P . -13.38 -23.83 -3.41
C8 GMP P . -14.64 -24.38 -3.32
N7 GMP P . -15.48 -23.62 -2.69
C5 GMP P . -14.75 -22.50 -2.34
C6 GMP P . -15.15 -21.34 -1.64
O6 GMP P . -16.26 -21.07 -1.18
N1 GMP P . -14.10 -20.44 -1.48
C2 GMP P . -12.82 -20.63 -1.94
N2 GMP P . -11.96 -19.64 -1.70
N3 GMP P . -12.44 -21.72 -2.61
C4 GMP P . -13.44 -22.61 -2.77
S SO4 Q . 7.56 -28.76 4.13
O1 SO4 Q . 8.63 -29.54 3.50
O2 SO4 Q . 7.16 -29.41 5.39
O3 SO4 Q . 6.41 -28.69 3.23
O4 SO4 Q . 8.04 -27.40 4.44
O5' GMP R . 9.50 -27.42 -1.28
C5' GMP R . 8.83 -26.25 -0.88
C4' GMP R . 8.15 -26.63 0.44
O4' GMP R . 9.09 -27.02 1.52
C3' GMP R . 7.39 -25.47 1.04
O3' GMP R . 6.20 -26.07 1.59
C2' GMP R . 8.30 -24.88 2.15
O2' GMP R . 7.64 -24.72 3.40
C1' GMP R . 9.54 -25.81 2.14
N9 GMP R . 10.80 -25.28 1.52
C8 GMP R . 12.01 -25.93 1.52
N7 GMP R . 12.96 -25.28 0.93
C5 GMP R . 12.37 -24.11 0.49
C6 GMP R . 12.92 -23.01 -0.22
O6 GMP R . 14.07 -22.86 -0.62
N1 GMP R . 11.97 -22.03 -0.46
C2 GMP R . 10.65 -22.09 -0.06
N2 GMP R . 9.90 -21.05 -0.39
N3 GMP R . 10.12 -23.11 0.60
C4 GMP R . 11.02 -24.08 0.85
#